data_8CXY
#
_entry.id   8CXY
#
_cell.length_a   81.359
_cell.length_b   161.361
_cell.length_c   229.752
_cell.angle_alpha   90.000
_cell.angle_beta   90.000
_cell.angle_gamma   90.000
#
_symmetry.space_group_name_H-M   'P 21 21 21'
#
loop_
_entity.id
_entity.type
_entity.pdbx_description
1 polymer 'Site-specific DNA-methyltransferase (adenine-specific)'
2 polymer 'DNA Strand 1'
3 polymer 'DNA Strand 2'
4 non-polymer 1,2-ETHANEDIOL
5 non-polymer 'POTASSIUM ION'
6 non-polymer N-(2-phenylethyl)adenosine
7 water water
#
loop_
_entity_poly.entity_id
_entity_poly.type
_entity_poly.pdbx_seq_one_letter_code
_entity_poly.pdbx_strand_id
1 'polypeptide(L)'
;HMDDISQDNFLLSKEYENSLDVDTKKASGIYYTPKIIVDYIVKKTLKNHDIIKNPYPRILDISCGCGNFLLEVYDILYDL
FEENIYELKKKYDENYWTVDNIHRHILNYCIYGADIDEKAISILKDSLTNKKVVNDLDESDIKINLFCCDSLKKKWRYKF
DYIVGNPPYIGHKKLEKKYKKFLLEKYSEVYKDKADLYFCFYKKIIDILKQGGIGSVITPRYFLESLSGKDLREYIKSNV
NVQEIVDFLGANIFKNIGVSSCILTFDKKKTKETYIDVFKIKNEDICINKFETLEELLKSSKFEHFNINQRLLSDEWILV
NKDDETFYNKIQEKCKYSLEDIAISFQGIITGCDKAFILSKDDVKLNLVDDKFLKCWIKSKNINKYIVDKSEYRLIYSND
IDNENTNKRILDEIIGLYKTKLENRRECKSGIRKWYELQWGREKLFFERKKIMYPYKSNENRFAIDYDNNFSSADVYSFF
IKEEYLDKFSYEYLVGILNSSVYDKYFKITAKKMSKNIYDYYPNKVMKIRIFRDNNYEEIENLSKQIISILLNKSIDKGK
VEKLQIKMDNLIMDSLGI
;
A,B,C
2 'polydeoxyribonucleotide' (DT)(DT)(DC)(DA)(DA)(DA)(DA)(DA)(DG)(DT)(DC)(DC)(DC)(DA) D,F,H
3 'polydeoxyribonucleotide' (DA)(DT)(DG)(DG)(DG)(DA)(DC)(DT)(DT)(DT)(DT)(DT)(DG)(DA) E,G,I
#
# COMPACT_ATOMS: atom_id res chain seq x y z
N GLY A 29 16.27 -40.63 23.79
CA GLY A 29 14.98 -39.99 23.92
C GLY A 29 14.24 -40.36 25.20
N ILE A 30 14.73 -41.37 25.90
CA ILE A 30 14.14 -41.86 27.14
C ILE A 30 15.17 -41.72 28.26
N TYR A 31 14.76 -41.08 29.35
CA TYR A 31 15.63 -40.81 30.50
C TYR A 31 15.10 -41.50 31.74
N TYR A 32 16.00 -42.09 32.52
CA TYR A 32 15.63 -42.84 33.72
C TYR A 32 15.88 -41.99 34.96
N THR A 33 14.82 -41.71 35.70
CA THR A 33 14.93 -41.00 36.96
C THR A 33 15.47 -41.93 38.05
N PRO A 34 16.41 -41.47 38.88
CA PRO A 34 16.92 -42.33 39.95
C PRO A 34 15.81 -42.81 40.86
N LYS A 35 15.91 -44.08 41.27
CA LYS A 35 14.85 -44.70 42.05
C LYS A 35 14.58 -43.95 43.35
N ILE A 36 15.61 -43.39 43.97
CA ILE A 36 15.42 -42.68 45.23
C ILE A 36 14.54 -41.46 45.03
N ILE A 37 14.58 -40.85 43.83
CA ILE A 37 13.75 -39.67 43.57
C ILE A 37 12.34 -40.06 43.19
N VAL A 38 12.18 -41.13 42.40
CA VAL A 38 10.86 -41.63 42.07
C VAL A 38 10.08 -41.97 43.34
N ASP A 39 10.70 -42.74 44.23
CA ASP A 39 10.02 -43.14 45.46
C ASP A 39 9.62 -41.92 46.29
N TYR A 40 10.50 -40.92 46.35
CA TYR A 40 10.17 -39.71 47.10
C TYR A 40 8.98 -38.99 46.49
N ILE A 41 8.93 -38.90 45.15
CA ILE A 41 7.86 -38.16 44.49
C ILE A 41 6.52 -38.90 44.64
N VAL A 42 6.53 -40.22 44.50
CA VAL A 42 5.30 -40.98 44.69
C VAL A 42 4.83 -40.89 46.14
N LYS A 43 5.75 -41.00 47.10
CA LYS A 43 5.37 -40.86 48.51
C LYS A 43 4.83 -39.46 48.80
N LYS A 44 5.44 -38.43 48.21
CA LYS A 44 4.98 -37.06 48.44
C LYS A 44 3.51 -36.88 48.08
N THR A 45 3.02 -37.58 47.06
CA THR A 45 1.63 -37.39 46.66
C THR A 45 0.67 -38.34 47.35
N LEU A 46 1.11 -39.55 47.72
CA LEU A 46 0.18 -40.57 48.18
C LEU A 46 0.30 -40.92 49.66
N LYS A 47 1.30 -40.41 50.38
CA LYS A 47 1.56 -40.92 51.72
C LYS A 47 0.39 -40.64 52.66
N ASN A 48 -0.40 -39.60 52.40
CA ASN A 48 -1.51 -39.26 53.28
C ASN A 48 -2.87 -39.40 52.59
N HIS A 49 -2.94 -40.16 51.51
CA HIS A 49 -4.23 -40.38 50.87
C HIS A 49 -5.12 -41.21 51.79
N ASP A 50 -6.38 -40.80 51.91
CA ASP A 50 -7.37 -41.50 52.73
C ASP A 50 -8.11 -42.46 51.81
N ILE A 51 -7.64 -43.71 51.75
CA ILE A 51 -8.19 -44.68 50.81
C ILE A 51 -9.59 -45.13 51.21
N ILE A 52 -9.95 -45.03 52.48
CA ILE A 52 -11.30 -45.41 52.89
C ILE A 52 -12.30 -44.36 52.44
N LYS A 53 -11.96 -43.07 52.56
CA LYS A 53 -12.83 -42.01 52.07
C LYS A 53 -12.90 -42.01 50.54
N ASN A 54 -11.78 -42.19 49.85
CA ASN A 54 -11.75 -42.22 48.38
C ASN A 54 -10.95 -43.41 47.88
N PRO A 55 -11.60 -44.55 47.66
CA PRO A 55 -10.89 -45.72 47.10
C PRO A 55 -10.73 -45.68 45.59
N TYR A 56 -11.03 -44.57 44.92
CA TYR A 56 -10.87 -44.47 43.48
C TYR A 56 -9.96 -43.30 43.08
N PRO A 57 -8.76 -43.17 43.64
CA PRO A 57 -7.88 -42.07 43.22
C PRO A 57 -7.41 -42.29 41.79
N ARG A 58 -7.29 -41.19 41.05
CA ARG A 58 -6.76 -41.22 39.68
C ARG A 58 -5.35 -40.65 39.72
N ILE A 59 -4.37 -41.50 39.44
CA ILE A 59 -2.96 -41.12 39.44
C ILE A 59 -2.44 -41.18 38.02
N LEU A 60 -1.82 -40.09 37.56
CA LEU A 60 -1.47 -39.92 36.17
C LEU A 60 0.00 -39.56 36.03
N ASP A 61 0.63 -40.08 34.98
CA ASP A 61 1.93 -39.61 34.52
C ASP A 61 1.83 -39.39 33.02
N ILE A 62 1.97 -38.14 32.58
CA ILE A 62 1.75 -37.80 31.17
C ILE A 62 3.01 -37.92 30.32
N SER A 63 4.13 -38.34 30.90
CA SER A 63 5.31 -38.72 30.13
C SER A 63 5.90 -39.99 30.76
N CYS A 64 5.03 -40.98 30.96
CA CYS A 64 5.34 -42.12 31.81
C CYS A 64 6.49 -42.98 31.30
N GLY A 65 6.79 -42.93 30.00
CA GLY A 65 7.87 -43.75 29.47
C GLY A 65 7.60 -45.23 29.71
N CYS A 66 8.60 -45.91 30.26
CA CYS A 66 8.46 -47.34 30.57
C CYS A 66 7.80 -47.59 31.91
N GLY A 67 7.32 -46.55 32.60
CA GLY A 67 6.61 -46.73 33.84
C GLY A 67 7.47 -46.64 35.08
N ASN A 68 8.53 -45.84 35.04
CA ASN A 68 9.37 -45.66 36.22
C ASN A 68 8.55 -45.21 37.42
N PHE A 69 7.64 -44.26 37.22
CA PHE A 69 6.79 -43.78 38.29
C PHE A 69 5.56 -44.65 38.50
N LEU A 70 4.91 -45.07 37.40
CA LEU A 70 3.64 -45.77 37.53
C LEU A 70 3.78 -47.16 38.15
N LEU A 71 4.90 -47.86 37.88
CA LEU A 71 5.10 -49.15 38.53
C LEU A 71 5.29 -49.00 40.04
N GLU A 72 5.92 -47.91 40.48
CA GLU A 72 6.01 -47.64 41.90
C GLU A 72 4.67 -47.22 42.47
N VAL A 73 3.87 -46.47 41.69
CA VAL A 73 2.53 -46.11 42.12
C VAL A 73 1.69 -47.36 42.35
N TYR A 74 1.84 -48.37 41.48
CA TYR A 74 1.11 -49.61 41.66
C TYR A 74 1.42 -50.24 43.03
N ASP A 75 2.71 -50.35 43.37
CA ASP A 75 3.10 -50.99 44.62
C ASP A 75 2.54 -50.23 45.82
N ILE A 76 2.64 -48.89 45.79
CA ILE A 76 2.11 -48.09 46.90
C ILE A 76 0.62 -48.29 47.03
N LEU A 77 -0.11 -48.25 45.91
CA LEU A 77 -1.55 -48.43 45.95
C LEU A 77 -1.92 -49.82 46.46
N TYR A 78 -1.20 -50.85 46.01
CA TYR A 78 -1.55 -52.21 46.41
C TYR A 78 -1.48 -52.39 47.92
N ASP A 79 -0.40 -51.89 48.55
CA ASP A 79 -0.31 -51.96 50.00
C ASP A 79 -1.41 -51.15 50.68
N LEU A 80 -1.75 -49.99 50.11
CA LEU A 80 -2.81 -49.16 50.69
C LEU A 80 -4.14 -49.92 50.70
N PHE A 81 -4.50 -50.54 49.58
CA PHE A 81 -5.76 -51.29 49.52
C PHE A 81 -5.69 -52.51 50.41
N GLU A 82 -4.60 -53.27 50.32
CA GLU A 82 -4.51 -54.53 51.06
C GLU A 82 -4.56 -54.30 52.55
N GLU A 83 -3.93 -53.21 53.01
CA GLU A 83 -3.92 -52.90 54.43
C GLU A 83 -5.29 -52.49 54.97
N ASN A 84 -6.20 -52.05 54.10
CA ASN A 84 -7.51 -51.57 54.52
C ASN A 84 -8.65 -52.38 53.90
N ILE A 85 -8.36 -53.58 53.43
CA ILE A 85 -9.32 -54.31 52.60
C ILE A 85 -10.59 -54.64 53.38
N TYR A 86 -10.46 -54.99 54.67
CA TYR A 86 -11.66 -55.33 55.43
C TYR A 86 -12.48 -54.09 55.77
N GLU A 87 -11.83 -52.94 55.98
CA GLU A 87 -12.59 -51.72 56.20
C GLU A 87 -13.35 -51.31 54.95
N LEU A 88 -12.73 -51.45 53.78
CA LEU A 88 -13.45 -51.18 52.54
C LEU A 88 -14.58 -52.18 52.34
N LYS A 89 -14.32 -53.45 52.67
CA LYS A 89 -15.34 -54.49 52.52
C LYS A 89 -16.57 -54.17 53.36
N LYS A 90 -16.37 -53.67 54.58
CA LYS A 90 -17.50 -53.35 55.45
C LYS A 90 -18.21 -52.06 55.00
N LYS A 91 -17.45 -51.04 54.60
CA LYS A 91 -18.05 -49.75 54.25
C LYS A 91 -18.78 -49.82 52.90
N TYR A 92 -18.27 -50.59 51.94
CA TYR A 92 -18.74 -50.59 50.57
C TYR A 92 -19.19 -52.01 50.18
N ASP A 93 -19.34 -52.24 48.88
CA ASP A 93 -19.71 -53.54 48.35
C ASP A 93 -18.73 -54.60 48.86
N GLU A 94 -19.21 -55.52 49.70
CA GLU A 94 -18.32 -56.51 50.30
C GLU A 94 -17.90 -57.59 49.32
N ASN A 95 -18.61 -57.75 48.20
CA ASN A 95 -18.18 -58.70 47.18
C ASN A 95 -17.14 -58.10 46.24
N TYR A 96 -17.14 -56.78 46.10
CA TYR A 96 -16.15 -56.13 45.23
C TYR A 96 -14.79 -56.03 45.91
N TRP A 97 -14.77 -55.72 47.20
CA TRP A 97 -13.53 -55.43 47.90
C TRP A 97 -12.97 -56.71 48.50
N THR A 98 -12.19 -57.42 47.70
CA THR A 98 -11.43 -58.57 48.15
C THR A 98 -9.98 -58.38 47.73
N VAL A 99 -9.08 -59.08 48.41
CA VAL A 99 -7.65 -58.97 48.06
C VAL A 99 -7.43 -59.38 46.61
N ASP A 100 -8.15 -60.41 46.15
CA ASP A 100 -7.96 -60.91 44.80
C ASP A 100 -8.39 -59.89 43.73
N ASN A 101 -9.20 -58.90 44.10
CA ASN A 101 -9.72 -57.92 43.15
C ASN A 101 -8.93 -56.62 43.15
N ILE A 102 -7.91 -56.49 44.01
CA ILE A 102 -7.16 -55.25 44.11
C ILE A 102 -6.47 -54.94 42.78
N HIS A 103 -5.82 -55.96 42.21
CA HIS A 103 -5.06 -55.76 40.98
C HIS A 103 -5.94 -55.21 39.86
N ARG A 104 -7.09 -55.83 39.62
CA ARG A 104 -8.01 -55.36 38.60
C ARG A 104 -8.51 -53.95 38.92
N HIS A 105 -8.81 -53.68 40.19
CA HIS A 105 -9.35 -52.36 40.54
C HIS A 105 -8.32 -51.26 40.30
N ILE A 106 -7.06 -51.52 40.64
CA ILE A 106 -6.01 -50.53 40.43
C ILE A 106 -5.89 -50.17 38.96
N LEU A 107 -5.87 -51.19 38.10
CA LEU A 107 -5.68 -50.95 36.66
C LEU A 107 -6.91 -50.32 36.03
N ASN A 108 -8.11 -50.67 36.50
CA ASN A 108 -9.32 -50.13 35.88
C ASN A 108 -9.51 -48.66 36.20
N TYR A 109 -9.29 -48.27 37.45
CA TYR A 109 -9.73 -46.98 37.94
C TYR A 109 -8.64 -46.07 38.49
N CYS A 110 -7.42 -46.55 38.67
CA CYS A 110 -6.47 -45.77 39.46
C CYS A 110 -5.26 -45.28 38.68
N ILE A 111 -4.69 -46.09 37.79
CA ILE A 111 -3.41 -45.78 37.16
C ILE A 111 -3.66 -45.34 35.72
N TYR A 112 -3.13 -44.16 35.38
CA TYR A 112 -3.23 -43.59 34.05
C TYR A 112 -1.85 -43.15 33.61
N GLY A 113 -1.53 -43.38 32.35
CA GLY A 113 -0.24 -42.98 31.81
C GLY A 113 -0.38 -42.56 30.35
N ALA A 114 0.55 -41.71 29.91
CA ALA A 114 0.59 -41.29 28.51
C ALA A 114 2.05 -41.08 28.11
N ASP A 115 2.37 -41.49 26.88
CA ASP A 115 3.70 -41.22 26.35
C ASP A 115 3.64 -41.28 24.83
N ILE A 116 4.48 -40.46 24.19
CA ILE A 116 4.50 -40.39 22.73
C ILE A 116 5.13 -41.64 22.12
N ASP A 117 5.92 -42.38 22.90
CA ASP A 117 6.68 -43.53 22.39
C ASP A 117 5.84 -44.79 22.50
N GLU A 118 5.52 -45.39 21.35
CA GLU A 118 4.67 -46.58 21.33
C GLU A 118 5.33 -47.75 22.03
N LYS A 119 6.63 -47.96 21.80
CA LYS A 119 7.31 -49.10 22.40
C LYS A 119 7.33 -49.01 23.92
N ALA A 120 7.52 -47.80 24.46
CA ALA A 120 7.54 -47.63 25.91
C ALA A 120 6.18 -47.98 26.51
N ILE A 121 5.09 -47.55 25.87
CA ILE A 121 3.76 -47.87 26.35
C ILE A 121 3.54 -49.37 26.33
N SER A 122 4.00 -50.03 25.26
CA SER A 122 3.83 -51.48 25.15
C SER A 122 4.55 -52.21 26.27
N ILE A 123 5.78 -51.78 26.59
CA ILE A 123 6.53 -52.40 27.67
C ILE A 123 5.84 -52.18 29.00
N LEU A 124 5.39 -50.95 29.26
CA LEU A 124 4.73 -50.65 30.52
C LEU A 124 3.43 -51.45 30.66
N LYS A 125 2.71 -51.64 29.55
CA LYS A 125 1.49 -52.44 29.59
C LYS A 125 1.80 -53.87 30.02
N ASP A 126 2.90 -54.44 29.52
CA ASP A 126 3.30 -55.78 29.95
C ASP A 126 3.71 -55.78 31.42
N SER A 127 4.43 -54.76 31.86
CA SER A 127 4.87 -54.72 33.26
C SER A 127 3.67 -54.62 34.21
N LEU A 128 2.69 -53.79 33.87
CA LEU A 128 1.50 -53.68 34.71
C LEU A 128 0.70 -54.97 34.70
N THR A 129 0.61 -55.63 33.53
CA THR A 129 -0.11 -56.91 33.46
C THR A 129 0.57 -57.97 34.30
N ASN A 130 1.90 -58.01 34.29
CA ASN A 130 2.66 -59.03 34.99
C ASN A 130 2.78 -58.78 36.49
N LYS A 131 2.14 -57.73 37.01
CA LYS A 131 2.14 -57.51 38.46
C LYS A 131 1.36 -58.60 39.20
N LYS A 132 0.45 -59.29 38.52
CA LYS A 132 -0.36 -60.33 39.15
C LYS A 132 0.24 -61.70 38.95
N ASP A 138 -6.58 -66.27 29.60
CA ASP A 138 -6.91 -65.27 30.60
C ASP A 138 -8.42 -65.11 30.76
N GLU A 139 -8.82 -64.27 31.70
CA GLU A 139 -10.22 -63.93 31.91
C GLU A 139 -10.59 -62.76 30.99
N SER A 140 -11.73 -62.13 31.25
CA SER A 140 -12.05 -60.87 30.59
C SER A 140 -10.90 -59.89 30.73
N ASP A 141 -10.32 -59.50 29.60
CA ASP A 141 -9.11 -58.70 29.60
C ASP A 141 -9.31 -57.41 30.38
N ILE A 142 -8.33 -57.07 31.20
CA ILE A 142 -8.40 -55.87 32.03
C ILE A 142 -7.99 -54.67 31.21
N LYS A 143 -8.84 -53.64 31.18
CA LYS A 143 -8.50 -52.42 30.47
C LYS A 143 -7.48 -51.62 31.26
N ILE A 144 -6.41 -51.22 30.58
CA ILE A 144 -5.32 -50.46 31.19
C ILE A 144 -5.30 -49.07 30.57
N ASN A 145 -5.34 -48.04 31.42
CA ASN A 145 -5.51 -46.66 30.96
C ASN A 145 -4.16 -46.06 30.54
N LEU A 146 -3.66 -46.56 29.42
CA LEU A 146 -2.41 -46.07 28.84
C LEU A 146 -2.69 -45.52 27.45
N PHE A 147 -2.23 -44.29 27.20
CA PHE A 147 -2.48 -43.61 25.94
C PHE A 147 -1.15 -43.33 25.26
N CYS A 148 -1.01 -43.78 24.02
CA CYS A 148 0.12 -43.39 23.19
C CYS A 148 -0.32 -42.17 22.39
N CYS A 149 0.17 -41.01 22.78
CA CYS A 149 -0.32 -39.75 22.24
C CYS A 149 0.64 -38.64 22.65
N ASP A 150 0.39 -37.45 22.10
CA ASP A 150 1.04 -36.22 22.53
C ASP A 150 0.20 -35.64 23.67
N SER A 151 0.76 -35.65 24.89
CA SER A 151 -0.01 -35.21 26.05
C SER A 151 -0.40 -33.74 25.96
N LEU A 152 0.33 -32.93 25.19
CA LEU A 152 0.00 -31.53 25.04
C LEU A 152 -1.13 -31.29 24.04
N LYS A 153 -1.49 -32.30 23.25
CA LYS A 153 -2.60 -32.20 22.33
C LYS A 153 -3.81 -33.04 22.72
N LYS A 154 -3.64 -34.05 23.57
CA LYS A 154 -4.75 -34.93 23.90
C LYS A 154 -5.88 -34.17 24.57
N LYS A 155 -7.11 -34.46 24.14
CA LYS A 155 -8.30 -33.97 24.82
C LYS A 155 -8.51 -34.83 26.06
N TRP A 156 -8.14 -34.28 27.22
CA TRP A 156 -8.28 -35.00 28.48
C TRP A 156 -9.74 -34.94 28.94
N ARG A 157 -10.34 -36.11 29.13
CA ARG A 157 -11.77 -36.19 29.39
C ARG A 157 -12.14 -35.98 30.85
N TYR A 158 -11.18 -35.90 31.76
CA TYR A 158 -11.46 -35.67 33.17
C TYR A 158 -10.16 -35.26 33.88
N LYS A 159 -10.31 -34.74 35.08
CA LYS A 159 -9.18 -34.30 35.88
C LYS A 159 -8.69 -35.42 36.79
N PHE A 160 -7.56 -35.18 37.46
CA PHE A 160 -6.85 -36.23 38.16
C PHE A 160 -6.52 -35.80 39.59
N ASP A 161 -6.54 -36.79 40.49
CA ASP A 161 -6.22 -36.52 41.91
C ASP A 161 -4.73 -36.30 42.09
N TYR A 162 -3.90 -37.11 41.44
CA TYR A 162 -2.45 -37.06 41.63
C TYR A 162 -1.76 -37.16 40.29
N ILE A 163 -0.75 -36.32 40.08
CA ILE A 163 0.05 -36.33 38.85
C ILE A 163 1.51 -36.30 39.25
N VAL A 164 2.30 -37.25 38.70
CA VAL A 164 3.72 -37.36 38.99
C VAL A 164 4.47 -37.61 37.70
N GLY A 165 5.77 -37.33 37.70
CA GLY A 165 6.64 -37.82 36.65
C GLY A 165 7.75 -36.84 36.30
N ASN A 166 8.38 -37.14 35.17
CA ASN A 166 9.55 -36.41 34.66
C ASN A 166 9.26 -36.03 33.21
N PRO A 167 8.90 -34.76 32.95
CA PRO A 167 8.53 -34.36 31.59
C PRO A 167 9.75 -34.24 30.69
N PRO A 168 9.55 -34.18 29.38
CA PRO A 168 10.68 -33.90 28.48
C PRO A 168 11.14 -32.46 28.60
N TYR A 169 12.46 -32.27 28.46
CA TYR A 169 13.07 -30.95 28.42
C TYR A 169 13.62 -30.74 27.01
N ILE A 170 13.10 -29.73 26.31
CA ILE A 170 13.60 -29.39 24.98
C ILE A 170 13.63 -27.87 24.85
N GLY A 171 14.81 -27.31 24.60
CA GLY A 171 14.97 -25.87 24.48
C GLY A 171 14.70 -25.35 23.09
N HIS A 172 14.96 -24.06 22.92
CA HIS A 172 14.51 -23.34 21.72
C HIS A 172 15.29 -23.77 20.47
N LYS A 173 16.54 -24.23 20.64
CA LYS A 173 17.29 -24.66 19.47
C LYS A 173 16.86 -26.04 18.99
N LYS A 174 16.54 -26.94 19.92
CA LYS A 174 16.30 -28.34 19.58
C LYS A 174 14.83 -28.66 19.34
N LEU A 175 13.93 -27.70 19.49
CA LEU A 175 12.52 -27.94 19.28
C LEU A 175 12.15 -27.62 17.84
N GLU A 176 11.36 -28.51 17.23
CA GLU A 176 10.98 -28.35 15.83
C GLU A 176 10.13 -27.09 15.65
N LYS A 177 10.42 -26.34 14.58
CA LYS A 177 9.80 -25.03 14.41
C LYS A 177 8.30 -25.12 14.16
N LYS A 178 7.87 -26.15 13.41
CA LYS A 178 6.43 -26.32 13.18
C LYS A 178 5.70 -26.61 14.48
N TYR A 179 6.27 -27.44 15.35
CA TYR A 179 5.66 -27.69 16.64
C TYR A 179 5.64 -26.43 17.50
N LYS A 180 6.66 -25.58 17.39
CA LYS A 180 6.71 -24.35 18.17
C LYS A 180 5.55 -23.42 17.84
N LYS A 181 5.10 -23.40 16.58
CA LYS A 181 3.95 -22.58 16.23
C LYS A 181 2.73 -23.01 17.04
N PHE A 182 2.55 -24.32 17.21
CA PHE A 182 1.44 -24.81 18.03
C PHE A 182 1.59 -24.36 19.48
N LEU A 183 2.80 -24.50 20.05
CA LEU A 183 3.02 -24.09 21.42
C LEU A 183 2.84 -22.58 21.59
N LEU A 184 3.38 -21.80 20.65
CA LEU A 184 3.25 -20.35 20.75
C LEU A 184 1.79 -19.91 20.68
N GLU A 185 0.95 -20.68 20.01
CA GLU A 185 -0.47 -20.36 19.89
C GLU A 185 -1.29 -20.86 21.08
N LYS A 186 -1.11 -22.13 21.47
CA LYS A 186 -1.97 -22.76 22.46
C LYS A 186 -1.39 -22.75 23.88
N TYR A 187 -0.12 -22.46 24.06
CA TYR A 187 0.49 -22.41 25.38
C TYR A 187 1.13 -21.06 25.66
N SER A 188 0.56 -19.99 25.07
CA SER A 188 1.18 -18.68 25.14
C SER A 188 1.26 -18.14 26.57
N GLU A 189 0.46 -18.68 27.50
CA GLU A 189 0.51 -18.22 28.88
C GLU A 189 1.84 -18.53 29.55
N VAL A 190 2.51 -19.60 29.10
CA VAL A 190 3.80 -19.99 29.69
C VAL A 190 4.91 -20.13 28.66
N TYR A 191 4.60 -20.19 27.37
CA TYR A 191 5.60 -20.45 26.35
C TYR A 191 5.70 -19.26 25.40
N LYS A 192 6.81 -18.52 25.50
CA LYS A 192 7.18 -17.49 24.53
C LYS A 192 8.69 -17.50 24.36
N ASP A 193 9.15 -16.94 23.25
CA ASP A 193 10.56 -16.55 23.06
C ASP A 193 11.44 -17.77 23.28
N LYS A 194 12.36 -17.75 24.26
CA LYS A 194 13.34 -18.82 24.45
C LYS A 194 12.91 -19.83 25.51
N ALA A 195 11.61 -20.01 25.69
CA ALA A 195 11.07 -20.93 26.68
C ALA A 195 11.37 -22.38 26.30
N ASP A 196 11.06 -23.28 27.23
CA ASP A 196 11.33 -24.70 27.08
C ASP A 196 10.03 -25.48 27.00
N LEU A 197 10.11 -26.66 26.38
CA LEU A 197 8.95 -27.54 26.26
C LEU A 197 8.39 -27.93 27.64
N TYR A 198 9.26 -28.12 28.63
CA TYR A 198 8.73 -28.55 29.92
C TYR A 198 7.89 -27.47 30.60
N PHE A 199 7.98 -26.21 30.16
CA PHE A 199 7.06 -25.18 30.66
C PHE A 199 5.63 -25.56 30.37
N CYS A 200 5.37 -26.11 29.17
CA CYS A 200 4.01 -26.47 28.79
C CYS A 200 3.50 -27.67 29.56
N PHE A 201 4.40 -28.59 29.93
CA PHE A 201 3.98 -29.72 30.74
C PHE A 201 3.57 -29.26 32.14
N TYR A 202 4.25 -28.25 32.68
CA TYR A 202 3.77 -27.64 33.91
C TYR A 202 2.35 -27.12 33.75
N LYS A 203 2.09 -26.43 32.63
CA LYS A 203 0.74 -25.89 32.43
C LYS A 203 -0.29 -26.99 32.26
N LYS A 204 0.05 -28.03 31.48
CA LYS A 204 -0.91 -29.11 31.27
C LYS A 204 -1.21 -29.84 32.56
N ILE A 205 -0.18 -30.14 33.35
CA ILE A 205 -0.37 -30.83 34.63
C ILE A 205 -1.26 -30.01 35.55
N ILE A 206 -0.97 -28.72 35.66
CA ILE A 206 -1.77 -27.85 36.53
C ILE A 206 -3.21 -27.82 36.06
N ASP A 207 -3.43 -27.75 34.74
CA ASP A 207 -4.78 -27.58 34.22
C ASP A 207 -5.67 -28.81 34.44
N ILE A 208 -5.10 -30.01 34.43
CA ILE A 208 -5.89 -31.23 34.55
C ILE A 208 -5.79 -31.83 35.95
N LEU A 209 -5.31 -31.06 36.93
CA LEU A 209 -5.26 -31.50 38.31
C LEU A 209 -6.59 -31.17 38.98
N LYS A 210 -7.21 -32.17 39.61
CA LYS A 210 -8.46 -31.98 40.32
C LYS A 210 -8.29 -30.94 41.43
N GLN A 211 -9.39 -30.26 41.75
CA GLN A 211 -9.40 -29.44 42.95
C GLN A 211 -9.05 -30.30 44.15
N GLY A 212 -8.13 -29.83 44.98
CA GLY A 212 -7.65 -30.62 46.10
C GLY A 212 -6.62 -31.66 45.73
N GLY A 213 -6.21 -31.76 44.47
CA GLY A 213 -5.22 -32.74 44.06
C GLY A 213 -3.80 -32.29 44.34
N ILE A 214 -2.85 -33.20 44.11
CA ILE A 214 -1.44 -32.96 44.39
C ILE A 214 -0.61 -33.37 43.18
N GLY A 215 0.28 -32.50 42.75
CA GLY A 215 1.23 -32.80 41.68
C GLY A 215 2.65 -32.71 42.20
N SER A 216 3.51 -33.59 41.69
CA SER A 216 4.92 -33.60 42.09
C SER A 216 5.75 -34.09 40.91
N VAL A 217 6.66 -33.25 40.44
CA VAL A 217 7.45 -33.51 39.24
C VAL A 217 8.90 -33.11 39.48
N ILE A 218 9.80 -33.74 38.74
CA ILE A 218 11.19 -33.32 38.66
C ILE A 218 11.40 -32.72 37.28
N THR A 219 11.94 -31.49 37.25
CA THR A 219 12.18 -30.76 36.01
C THR A 219 13.52 -30.07 36.14
N PRO A 220 14.02 -29.38 35.10
CA PRO A 220 15.18 -28.52 35.30
C PRO A 220 14.87 -27.41 36.29
N ARG A 221 15.90 -26.95 36.99
CA ARG A 221 15.74 -25.88 37.96
C ARG A 221 15.69 -24.50 37.34
N TYR A 222 16.06 -24.34 36.06
CA TYR A 222 16.40 -23.02 35.55
C TYR A 222 15.20 -22.07 35.54
N PHE A 223 13.98 -22.59 35.39
CA PHE A 223 12.82 -21.71 35.37
C PHE A 223 12.63 -20.94 36.68
N LEU A 224 13.25 -21.40 37.77
CA LEU A 224 13.10 -20.70 39.05
C LEU A 224 13.68 -19.29 38.99
N GLU A 225 14.72 -19.07 38.17
CA GLU A 225 15.34 -17.76 38.06
C GLU A 225 15.35 -17.18 36.66
N SER A 226 15.15 -17.99 35.62
CA SER A 226 15.41 -17.52 34.26
C SER A 226 14.38 -16.49 33.83
N LEU A 227 14.80 -15.61 32.92
CA LEU A 227 13.89 -14.65 32.32
C LEU A 227 12.79 -15.35 31.54
N SER A 228 13.11 -16.43 30.84
CA SER A 228 12.10 -17.15 30.07
C SER A 228 11.01 -17.72 30.96
N GLY A 229 11.35 -18.06 32.19
CA GLY A 229 10.40 -18.67 33.08
C GLY A 229 9.48 -17.72 33.80
N LYS A 230 9.56 -16.42 33.50
CA LYS A 230 8.76 -15.44 34.23
C LYS A 230 7.27 -15.75 34.13
N ASP A 231 6.77 -15.98 32.92
CA ASP A 231 5.35 -16.27 32.77
C ASP A 231 4.98 -17.60 33.44
N LEU A 232 5.85 -18.60 33.32
CA LEU A 232 5.60 -19.88 33.98
C LEU A 232 5.52 -19.72 35.49
N ARG A 233 6.44 -18.95 36.09
CA ARG A 233 6.38 -18.72 37.52
C ARG A 233 5.07 -18.04 37.91
N GLU A 234 4.62 -17.08 37.10
CA GLU A 234 3.35 -16.42 37.37
C GLU A 234 2.19 -17.40 37.30
N TYR A 235 2.22 -18.31 36.32
CA TYR A 235 1.13 -19.27 36.18
C TYR A 235 1.06 -20.21 37.37
N ILE A 236 2.22 -20.69 37.85
CA ILE A 236 2.25 -21.58 39.01
C ILE A 236 1.76 -20.85 40.25
N LYS A 237 2.30 -19.66 40.50
CA LYS A 237 2.00 -18.92 41.72
C LYS A 237 0.51 -18.64 41.88
N SER A 238 -0.16 -18.34 40.78
CA SER A 238 -1.55 -17.88 40.84
C SER A 238 -2.57 -19.00 40.65
N ASN A 239 -2.13 -20.23 40.42
CA ASN A 239 -3.07 -21.32 40.19
C ASN A 239 -2.92 -22.50 41.14
N VAL A 240 -1.79 -22.68 41.80
CA VAL A 240 -1.60 -23.76 42.75
C VAL A 240 -0.88 -23.21 43.98
N ASN A 241 -0.98 -23.97 45.07
CA ASN A 241 -0.14 -23.74 46.24
C ASN A 241 1.10 -24.60 46.09
N VAL A 242 2.28 -23.97 46.09
CA VAL A 242 3.53 -24.71 46.04
C VAL A 242 3.82 -25.19 47.45
N GLN A 243 3.76 -26.51 47.66
CA GLN A 243 4.09 -27.05 48.96
C GLN A 243 5.59 -27.08 49.20
N GLU A 244 6.37 -27.42 48.20
CA GLU A 244 7.77 -27.73 48.45
C GLU A 244 8.60 -27.58 47.18
N ILE A 245 9.82 -27.09 47.34
CA ILE A 245 10.82 -27.03 46.29
C ILE A 245 12.09 -27.69 46.82
N VAL A 246 12.54 -28.76 46.16
CA VAL A 246 13.85 -29.34 46.41
C VAL A 246 14.77 -28.86 45.30
N ASP A 247 15.81 -28.13 45.65
CA ASP A 247 16.72 -27.52 44.67
C ASP A 247 18.08 -28.18 44.80
N PHE A 248 18.43 -29.03 43.84
CA PHE A 248 19.72 -29.70 43.85
C PHE A 248 20.85 -28.84 43.32
N LEU A 249 20.56 -27.61 42.89
CA LEU A 249 21.56 -26.67 42.34
C LEU A 249 22.33 -27.40 41.24
N GLY A 250 23.66 -27.37 41.24
CA GLY A 250 24.46 -27.98 40.20
C GLY A 250 24.79 -29.44 40.39
N ALA A 251 24.21 -30.10 41.38
CA ALA A 251 24.49 -31.52 41.59
C ALA A 251 24.04 -32.34 40.39
N ASN A 252 24.75 -33.45 40.16
CA ASN A 252 24.46 -34.30 39.00
C ASN A 252 23.47 -35.37 39.44
N ILE A 253 22.20 -35.17 39.09
CA ILE A 253 21.14 -36.11 39.42
C ILE A 253 20.99 -37.20 38.36
N PHE A 254 21.08 -36.80 37.09
CA PHE A 254 20.98 -37.73 35.96
C PHE A 254 22.40 -37.99 35.45
N LYS A 255 22.87 -39.22 35.63
CA LYS A 255 24.24 -39.57 35.26
C LYS A 255 24.48 -39.31 33.77
N ASN A 256 25.63 -38.70 33.47
CA ASN A 256 26.06 -38.42 32.10
C ASN A 256 25.09 -37.48 31.38
N ILE A 257 24.35 -36.68 32.13
CA ILE A 257 23.41 -35.71 31.57
C ILE A 257 23.78 -34.33 32.09
N GLY A 258 23.93 -33.37 31.18
CA GLY A 258 24.27 -32.02 31.58
C GLY A 258 23.07 -31.16 31.89
N VAL A 259 22.37 -31.44 32.99
CA VAL A 259 21.21 -30.67 33.40
C VAL A 259 21.22 -30.55 34.93
N SER A 260 20.57 -29.50 35.43
CA SER A 260 20.43 -29.26 36.86
C SER A 260 18.96 -29.30 37.23
N SER A 261 18.65 -30.00 38.33
CA SER A 261 17.31 -30.50 38.60
C SER A 261 16.71 -29.87 39.84
N CYS A 262 15.37 -29.83 39.87
CA CYS A 262 14.63 -29.53 41.08
C CYS A 262 13.36 -30.37 41.12
N ILE A 263 12.78 -30.50 42.31
CA ILE A 263 11.54 -31.23 42.50
C ILE A 263 10.50 -30.24 43.02
N LEU A 264 9.40 -30.11 42.32
CA LEU A 264 8.31 -29.22 42.73
C LEU A 264 7.11 -30.05 43.14
N THR A 265 6.58 -29.78 44.33
CA THR A 265 5.34 -30.38 44.80
C THR A 265 4.33 -29.26 45.04
N PHE A 266 3.14 -29.43 44.49
CA PHE A 266 2.10 -28.40 44.55
C PHE A 266 0.75 -29.07 44.66
N ASP A 267 -0.24 -28.30 45.14
CA ASP A 267 -1.59 -28.82 45.29
C ASP A 267 -2.60 -27.74 44.92
N LYS A 268 -3.85 -28.17 44.76
CA LYS A 268 -4.98 -27.29 44.56
C LYS A 268 -5.95 -27.37 45.74
N LYS A 269 -5.41 -27.43 46.96
CA LYS A 269 -6.21 -27.46 48.16
C LYS A 269 -6.55 -26.04 48.60
N LYS A 270 -7.78 -25.85 49.07
CA LYS A 270 -8.19 -24.58 49.65
C LYS A 270 -7.57 -24.47 51.05
N THR A 271 -6.56 -23.63 51.19
CA THR A 271 -5.90 -23.44 52.48
C THR A 271 -5.51 -21.98 52.64
N LYS A 272 -5.66 -21.46 53.86
CA LYS A 272 -5.32 -20.07 54.14
C LYS A 272 -3.81 -19.87 54.15
N GLU A 273 -3.07 -20.84 54.70
CA GLU A 273 -1.61 -20.74 54.74
C GLU A 273 -1.03 -20.98 53.35
N THR A 274 0.01 -20.22 53.01
CA THR A 274 0.67 -20.34 51.72
C THR A 274 2.19 -20.24 51.86
N TYR A 275 2.76 -21.03 52.77
CA TYR A 275 4.20 -21.09 52.92
C TYR A 275 4.77 -22.30 52.19
N ILE A 276 5.91 -22.09 51.53
CA ILE A 276 6.62 -23.12 50.77
C ILE A 276 7.77 -23.64 51.61
N ASP A 277 7.91 -24.97 51.69
CA ASP A 277 9.13 -25.57 52.21
C ASP A 277 10.18 -25.59 51.11
N VAL A 278 11.35 -25.00 51.37
CA VAL A 278 12.45 -25.01 50.41
C VAL A 278 13.59 -25.81 51.00
N PHE A 279 14.03 -26.84 50.26
CA PHE A 279 15.22 -27.61 50.60
C PHE A 279 16.28 -27.32 49.54
N LYS A 280 17.34 -26.61 49.93
CA LYS A 280 18.41 -26.25 49.03
C LYS A 280 19.67 -27.01 49.44
N ILE A 281 20.24 -27.76 48.49
CA ILE A 281 21.44 -28.53 48.78
C ILE A 281 22.58 -27.59 49.13
N LYS A 282 23.44 -28.05 50.04
CA LYS A 282 24.59 -27.27 50.50
C LYS A 282 25.90 -27.66 49.83
N ASN A 283 26.07 -28.93 49.50
CA ASN A 283 27.29 -29.42 48.84
C ASN A 283 26.88 -30.09 47.54
N GLU A 284 27.28 -29.48 46.42
CA GLU A 284 26.90 -30.00 45.11
C GLU A 284 27.59 -31.31 44.75
N ASP A 285 28.60 -31.72 45.51
CA ASP A 285 29.41 -32.89 45.17
C ASP A 285 28.88 -34.19 45.77
N ILE A 286 27.77 -34.16 46.50
CA ILE A 286 27.35 -35.34 47.23
C ILE A 286 26.80 -36.39 46.25
N CYS A 287 26.95 -37.66 46.64
CA CYS A 287 26.26 -38.74 45.94
C CYS A 287 24.84 -38.85 46.49
N ILE A 288 23.87 -38.92 45.58
CA ILE A 288 22.47 -38.85 45.97
C ILE A 288 22.02 -40.07 46.77
N ASN A 289 22.80 -41.16 46.76
CA ASN A 289 22.40 -42.41 47.40
C ASN A 289 23.03 -42.60 48.77
N LYS A 290 23.32 -41.51 49.49
CA LYS A 290 23.97 -41.63 50.78
C LYS A 290 23.11 -42.41 51.77
N PHE A 291 21.81 -42.17 51.77
CA PHE A 291 20.87 -42.87 52.64
C PHE A 291 19.92 -43.70 51.79
N GLU A 292 19.07 -44.48 52.47
CA GLU A 292 18.11 -45.31 51.76
C GLU A 292 17.02 -44.47 51.10
N THR A 293 16.70 -43.31 51.67
CA THR A 293 15.59 -42.49 51.19
C THR A 293 16.07 -41.07 50.93
N LEU A 294 15.32 -40.36 50.09
CA LEU A 294 15.65 -38.96 49.84
C LEU A 294 15.36 -38.10 51.07
N GLU A 295 14.29 -38.40 51.81
CA GLU A 295 13.92 -37.55 52.93
C GLU A 295 14.98 -37.58 54.03
N GLU A 296 15.69 -38.69 54.19
CA GLU A 296 16.82 -38.70 55.11
C GLU A 296 17.88 -37.70 54.69
N LEU A 297 18.16 -37.62 53.38
CA LEU A 297 19.11 -36.64 52.88
C LEU A 297 18.63 -35.22 53.09
N LEU A 298 17.33 -34.97 52.88
CA LEU A 298 16.79 -33.62 53.04
C LEU A 298 16.88 -33.15 54.48
N LYS A 299 16.63 -34.04 55.44
CA LYS A 299 16.71 -33.66 56.86
C LYS A 299 18.15 -33.54 57.34
N SER A 300 19.12 -34.01 56.58
CA SER A 300 20.50 -34.07 57.06
C SER A 300 21.20 -32.73 56.88
N SER A 301 22.48 -32.70 57.29
CA SER A 301 23.29 -31.50 57.16
C SER A 301 23.67 -31.22 55.70
N LYS A 302 23.43 -32.15 54.78
CA LYS A 302 23.73 -31.91 53.38
C LYS A 302 22.76 -30.92 52.74
N PHE A 303 21.63 -30.65 53.36
CA PHE A 303 20.63 -29.72 52.87
C PHE A 303 20.34 -28.67 53.92
N GLU A 304 19.92 -27.49 53.49
CA GLU A 304 19.35 -26.49 54.37
C GLU A 304 17.86 -26.36 54.07
N HIS A 305 17.08 -26.04 55.09
CA HIS A 305 15.64 -25.85 54.93
C HIS A 305 15.25 -24.46 55.41
N PHE A 306 14.34 -23.83 54.67
CA PHE A 306 13.75 -22.57 55.08
C PHE A 306 12.38 -22.43 54.42
N ASN A 307 11.61 -21.44 54.88
CA ASN A 307 10.25 -21.24 54.42
C ASN A 307 10.12 -19.92 53.68
N ILE A 308 9.29 -19.91 52.64
CA ILE A 308 9.03 -18.74 51.82
C ILE A 308 7.53 -18.54 51.71
N ASN A 309 7.07 -17.32 51.94
CA ASN A 309 5.65 -16.98 51.83
C ASN A 309 5.32 -16.77 50.35
N GLN A 310 4.47 -17.66 49.81
CA GLN A 310 4.12 -17.58 48.39
C GLN A 310 3.44 -16.26 48.04
N ARG A 311 2.71 -15.67 48.99
CA ARG A 311 2.08 -14.38 48.73
C ARG A 311 3.09 -13.26 48.54
N LEU A 312 4.32 -13.42 49.04
CA LEU A 312 5.35 -12.40 48.92
C LEU A 312 6.22 -12.60 47.69
N LEU A 313 5.95 -13.59 46.86
CA LEU A 313 6.70 -13.77 45.63
C LEU A 313 6.34 -12.66 44.64
N SER A 314 7.37 -12.00 44.10
CA SER A 314 7.19 -11.07 43.01
C SER A 314 7.32 -11.83 41.70
N ASP A 315 7.52 -11.09 40.59
CA ASP A 315 7.79 -11.77 39.32
C ASP A 315 9.04 -12.64 39.41
N GLU A 316 9.97 -12.28 40.30
CA GLU A 316 11.10 -13.13 40.62
C GLU A 316 10.85 -13.85 41.94
N TRP A 317 11.33 -15.08 42.03
CA TRP A 317 11.24 -15.88 43.26
C TRP A 317 12.60 -15.85 43.93
N ILE A 318 12.70 -15.07 45.01
CA ILE A 318 13.95 -14.96 45.75
C ILE A 318 13.88 -15.97 46.89
N LEU A 319 14.51 -17.12 46.69
CA LEU A 319 14.37 -18.26 47.60
C LEU A 319 15.65 -18.37 48.41
N VAL A 320 15.71 -17.64 49.53
CA VAL A 320 16.88 -17.60 50.38
C VAL A 320 16.45 -17.62 51.83
N ASN A 321 17.39 -17.98 52.70
CA ASN A 321 17.11 -18.00 54.13
C ASN A 321 17.05 -16.57 54.68
N LYS A 322 16.66 -16.45 55.96
CA LYS A 322 16.44 -15.14 56.55
C LYS A 322 17.71 -14.31 56.61
N ASP A 323 18.86 -14.94 56.82
CA ASP A 323 20.12 -14.19 56.82
C ASP A 323 20.41 -13.60 55.45
N ASP A 324 20.22 -14.38 54.39
CA ASP A 324 20.48 -13.87 53.04
C ASP A 324 19.44 -12.84 52.63
N GLU A 325 18.19 -13.04 53.02
CA GLU A 325 17.16 -12.05 52.73
C GLU A 325 17.47 -10.72 53.40
N THR A 326 17.89 -10.76 54.66
CA THR A 326 18.31 -9.53 55.34
C THR A 326 19.49 -8.90 54.61
N PHE A 327 20.48 -9.71 54.24
CA PHE A 327 21.63 -9.23 53.51
C PHE A 327 21.21 -8.61 52.18
N TYR A 328 20.35 -9.30 51.43
CA TYR A 328 19.92 -8.81 50.13
C TYR A 328 19.14 -7.50 50.25
N ASN A 329 18.19 -7.44 51.19
CA ASN A 329 17.36 -6.24 51.33
C ASN A 329 18.15 -5.04 51.79
N LYS A 330 19.19 -5.23 52.61
CA LYS A 330 20.02 -4.10 53.02
C LYS A 330 20.69 -3.46 51.81
N ILE A 331 21.23 -4.27 50.91
CA ILE A 331 21.94 -3.74 49.75
C ILE A 331 20.95 -3.07 48.80
N GLN A 332 19.78 -3.69 48.61
CA GLN A 332 18.78 -3.11 47.71
C GLN A 332 18.33 -1.74 48.19
N GLU A 333 18.07 -1.59 49.50
CA GLU A 333 17.56 -0.32 50.02
C GLU A 333 18.64 0.76 50.06
N LYS A 334 19.90 0.37 50.28
CA LYS A 334 20.97 1.36 50.42
C LYS A 334 21.45 1.88 49.06
N CYS A 335 21.37 1.08 48.01
CA CYS A 335 21.90 1.46 46.70
C CYS A 335 20.83 2.23 45.92
N LYS A 336 21.18 3.44 45.48
CA LYS A 336 20.24 4.29 44.75
C LYS A 336 20.33 4.13 43.24
N TYR A 337 21.34 3.44 42.72
CA TYR A 337 21.50 3.26 41.29
C TYR A 337 21.62 1.78 40.97
N SER A 338 21.22 1.43 39.75
CA SER A 338 21.53 0.12 39.18
C SER A 338 22.51 0.32 38.03
N LEU A 339 23.19 -0.78 37.66
CA LEU A 339 24.08 -0.71 36.50
C LEU A 339 23.33 -0.27 35.26
N GLU A 340 22.10 -0.75 35.08
CA GLU A 340 21.29 -0.36 33.94
C GLU A 340 21.09 1.16 33.89
N ASP A 341 20.98 1.80 35.05
CA ASP A 341 20.81 3.26 35.09
C ASP A 341 22.02 3.99 34.52
N ILE A 342 23.22 3.46 34.77
CA ILE A 342 24.45 4.23 34.56
C ILE A 342 25.27 3.72 33.39
N ALA A 343 24.89 2.62 32.76
CA ALA A 343 25.76 1.95 31.81
C ALA A 343 24.97 1.47 30.60
N ILE A 344 25.69 1.25 29.51
CA ILE A 344 25.14 0.70 28.28
C ILE A 344 25.73 -0.70 28.11
N SER A 345 24.86 -1.71 28.01
CA SER A 345 25.27 -3.10 27.93
C SER A 345 25.13 -3.60 26.50
N PHE A 346 25.98 -4.55 26.11
CA PHE A 346 25.81 -5.19 24.81
C PHE A 346 26.48 -6.56 24.79
N GLN A 347 25.87 -7.47 24.04
CA GLN A 347 26.44 -8.78 23.79
C GLN A 347 27.55 -8.67 22.74
N GLY A 348 28.50 -9.60 22.80
CA GLY A 348 29.63 -9.57 21.91
C GLY A 348 29.25 -9.99 20.50
N ILE A 349 30.29 -10.07 19.66
CA ILE A 349 30.12 -10.45 18.26
C ILE A 349 29.57 -11.86 18.16
N ILE A 350 28.72 -12.09 17.18
CA ILE A 350 28.30 -13.44 16.81
C ILE A 350 28.64 -13.63 15.33
N THR A 351 29.76 -14.31 15.05
CA THR A 351 30.16 -14.45 13.64
C THR A 351 29.25 -15.41 12.91
N GLY A 352 28.67 -16.38 13.61
CA GLY A 352 27.92 -17.45 12.98
C GLY A 352 28.76 -18.62 12.53
N CYS A 353 30.07 -18.43 12.39
CA CYS A 353 30.99 -19.54 12.16
C CYS A 353 32.39 -19.06 12.58
N ASP A 354 32.78 -19.38 13.81
CA ASP A 354 34.03 -18.82 14.35
C ASP A 354 35.26 -19.32 13.60
N LYS A 355 35.25 -20.58 13.13
CA LYS A 355 36.40 -21.11 12.43
C LYS A 355 36.71 -20.34 11.14
N ALA A 356 35.70 -19.70 10.55
CA ALA A 356 35.93 -18.94 9.32
C ALA A 356 36.59 -17.59 9.58
N PHE A 357 36.36 -16.98 10.74
CA PHE A 357 36.76 -15.61 10.99
C PHE A 357 37.79 -15.42 12.09
N ILE A 358 38.06 -16.44 12.90
CA ILE A 358 38.94 -16.30 14.06
C ILE A 358 40.23 -17.05 13.76
N LEU A 359 41.36 -16.36 13.85
CA LEU A 359 42.66 -16.97 13.60
C LEU A 359 43.59 -16.67 14.77
N SER A 360 44.52 -17.58 15.00
CA SER A 360 45.61 -17.31 15.93
C SER A 360 46.42 -16.13 15.43
N LYS A 361 46.87 -15.29 16.36
CA LYS A 361 47.64 -14.11 15.97
C LYS A 361 48.96 -14.48 15.32
N ASP A 362 49.43 -15.70 15.49
CA ASP A 362 50.64 -16.18 14.82
C ASP A 362 50.35 -16.96 13.55
N ASP A 363 49.08 -17.09 13.15
CA ASP A 363 48.76 -17.79 11.91
C ASP A 363 49.32 -17.03 10.72
N VAL A 364 50.03 -17.74 9.84
CA VAL A 364 50.65 -17.09 8.70
C VAL A 364 49.60 -16.54 7.72
N LYS A 365 48.37 -17.03 7.78
CA LYS A 365 47.33 -16.54 6.88
C LYS A 365 46.94 -15.10 7.18
N LEU A 366 47.29 -14.57 8.36
CA LEU A 366 47.01 -13.18 8.68
C LEU A 366 47.85 -12.21 7.87
N ASN A 367 48.92 -12.68 7.22
CA ASN A 367 49.67 -11.83 6.32
C ASN A 367 48.86 -11.44 5.09
N LEU A 368 47.84 -12.22 4.75
CA LEU A 368 46.95 -11.90 3.64
C LEU A 368 45.93 -10.82 4.01
N VAL A 369 45.78 -10.51 5.30
CA VAL A 369 44.71 -9.65 5.78
C VAL A 369 45.31 -8.32 6.21
N ASP A 370 44.82 -7.24 5.60
CA ASP A 370 45.20 -5.89 6.01
C ASP A 370 44.81 -5.66 7.47
N ASP A 371 45.70 -5.01 8.21
CA ASP A 371 45.50 -4.84 9.64
C ASP A 371 44.25 -4.02 9.96
N LYS A 372 43.76 -3.22 9.01
CA LYS A 372 42.52 -2.49 9.24
C LYS A 372 41.34 -3.42 9.43
N PHE A 373 41.43 -4.65 8.93
CA PHE A 373 40.38 -5.65 9.09
C PHE A 373 40.51 -6.48 10.36
N LEU A 374 41.62 -6.35 11.10
CA LEU A 374 41.94 -7.26 12.20
C LEU A 374 41.60 -6.62 13.55
N LYS A 375 40.95 -7.41 14.41
CA LYS A 375 40.62 -7.00 15.76
C LYS A 375 41.17 -8.00 16.75
N CYS A 376 41.54 -7.52 17.94
CA CYS A 376 41.90 -8.42 19.02
C CYS A 376 40.67 -9.17 19.52
N TRP A 377 40.84 -10.46 19.82
CA TRP A 377 39.74 -11.36 20.12
C TRP A 377 40.07 -12.16 21.37
N ILE A 378 39.16 -12.13 22.34
CA ILE A 378 39.37 -12.84 23.61
C ILE A 378 38.20 -13.78 23.85
N LYS A 379 38.45 -14.76 24.73
CA LYS A 379 37.46 -15.73 25.19
C LYS A 379 37.14 -15.46 26.66
N SER A 380 36.11 -16.13 27.16
CA SER A 380 35.69 -15.91 28.54
C SER A 380 36.81 -16.24 29.53
N LYS A 381 37.62 -17.27 29.24
CA LYS A 381 38.70 -17.63 30.15
C LYS A 381 39.78 -16.56 30.24
N ASN A 382 39.81 -15.60 29.30
CA ASN A 382 40.79 -14.53 29.34
C ASN A 382 40.43 -13.43 30.34
N ILE A 383 39.20 -13.41 30.85
CA ILE A 383 38.76 -12.37 31.78
C ILE A 383 39.11 -12.82 33.18
N ASN A 384 39.94 -12.04 33.87
CA ASN A 384 40.15 -12.19 35.30
C ASN A 384 39.45 -11.04 36.01
N LYS A 385 39.52 -11.05 37.33
CA LYS A 385 39.14 -9.86 38.06
C LYS A 385 40.07 -8.72 37.67
N TYR A 386 39.48 -7.57 37.35
CA TYR A 386 40.10 -6.27 37.12
C TYR A 386 40.83 -6.09 35.79
N ILE A 387 41.28 -7.16 35.13
CA ILE A 387 42.07 -7.01 33.91
C ILE A 387 41.87 -8.25 33.04
N VAL A 388 42.07 -8.07 31.74
CA VAL A 388 41.96 -9.11 30.74
C VAL A 388 43.35 -9.61 30.39
N ASP A 389 43.48 -10.91 30.16
CA ASP A 389 44.73 -11.44 29.62
C ASP A 389 44.97 -10.89 28.23
N LYS A 390 46.23 -10.90 27.82
CA LYS A 390 46.58 -10.50 26.45
C LYS A 390 45.94 -11.45 25.45
N SER A 391 45.41 -10.89 24.37
CA SER A 391 44.67 -11.70 23.40
C SER A 391 45.63 -12.56 22.59
N GLU A 392 45.18 -13.77 22.25
CA GLU A 392 45.94 -14.69 21.43
C GLU A 392 45.32 -14.93 20.07
N TYR A 393 44.14 -14.37 19.82
CA TYR A 393 43.40 -14.61 18.58
C TYR A 393 43.04 -13.28 17.94
N ARG A 394 42.77 -13.34 16.64
CA ARG A 394 42.37 -12.17 15.87
C ARG A 394 41.05 -12.45 15.16
N LEU A 395 40.21 -11.43 15.10
CA LEU A 395 38.96 -11.49 14.35
C LEU A 395 39.13 -10.74 13.04
N ILE A 396 38.72 -11.35 11.94
CA ILE A 396 38.63 -10.68 10.65
C ILE A 396 37.25 -10.02 10.59
N TYR A 397 37.23 -8.70 10.74
CA TYR A 397 35.97 -7.96 10.66
C TYR A 397 35.58 -7.85 9.19
N SER A 398 35.05 -8.96 8.66
CA SER A 398 34.83 -9.10 7.22
C SER A 398 33.74 -8.18 6.69
N ASN A 399 32.92 -7.59 7.56
CA ASN A 399 31.91 -6.66 7.08
C ASN A 399 32.53 -5.48 6.33
N ASP A 400 33.75 -5.09 6.69
CA ASP A 400 34.40 -3.96 6.05
C ASP A 400 35.07 -4.33 4.73
N ILE A 401 35.04 -5.59 4.33
CA ILE A 401 35.47 -5.98 3.00
C ILE A 401 34.41 -5.56 1.99
N ASP A 402 34.80 -4.71 1.04
CA ASP A 402 33.83 -4.07 0.16
C ASP A 402 33.23 -5.07 -0.82
N ASN A 403 34.05 -5.66 -1.68
CA ASN A 403 33.57 -6.57 -2.71
C ASN A 403 34.48 -7.78 -2.78
N GLU A 404 34.06 -8.77 -3.58
CA GLU A 404 34.74 -10.05 -3.66
C GLU A 404 35.98 -10.02 -4.55
N ASN A 405 36.20 -8.94 -5.31
CA ASN A 405 37.33 -8.91 -6.25
C ASN A 405 38.57 -8.26 -5.65
N THR A 406 38.40 -7.22 -4.83
CA THR A 406 39.55 -6.50 -4.29
C THR A 406 40.32 -7.33 -3.25
N ASN A 407 39.61 -8.14 -2.47
CA ASN A 407 40.25 -8.95 -1.44
C ASN A 407 40.00 -10.43 -1.67
N LYS A 408 40.21 -10.88 -2.91
CA LYS A 408 39.87 -12.24 -3.30
C LYS A 408 40.64 -13.26 -2.47
N ARG A 409 41.92 -13.00 -2.18
CA ARG A 409 42.73 -13.98 -1.46
C ARG A 409 42.16 -14.24 -0.08
N ILE A 410 41.71 -13.20 0.63
CA ILE A 410 41.09 -13.39 1.93
C ILE A 410 39.86 -14.27 1.80
N LEU A 411 39.03 -13.98 0.80
CA LEU A 411 37.82 -14.78 0.60
C LEU A 411 38.17 -16.19 0.14
N ASP A 412 39.12 -16.33 -0.79
CA ASP A 412 39.39 -17.64 -1.36
C ASP A 412 40.15 -18.53 -0.38
N GLU A 413 41.10 -17.98 0.35
CA GLU A 413 42.02 -18.80 1.13
C GLU A 413 41.69 -18.89 2.61
N ILE A 414 40.83 -18.00 3.14
CA ILE A 414 40.55 -18.03 4.57
C ILE A 414 39.07 -18.24 4.83
N ILE A 415 38.24 -17.28 4.44
CA ILE A 415 36.82 -17.32 4.78
C ILE A 415 36.09 -18.34 3.93
N GLY A 416 36.45 -18.44 2.64
CA GLY A 416 35.77 -19.35 1.72
C GLY A 416 35.96 -20.82 2.02
N LEU A 417 36.91 -21.16 2.91
CA LEU A 417 37.06 -22.55 3.31
C LEU A 417 35.85 -23.08 4.06
N TYR A 418 34.96 -22.19 4.52
CA TYR A 418 33.74 -22.56 5.21
C TYR A 418 32.51 -21.98 4.53
N LYS A 419 32.59 -21.75 3.22
CA LYS A 419 31.51 -21.04 2.51
C LYS A 419 30.19 -21.79 2.58
N THR A 420 30.23 -23.12 2.44
CA THR A 420 29.00 -23.90 2.49
C THR A 420 28.29 -23.72 3.82
N LYS A 421 29.04 -23.78 4.93
CA LYS A 421 28.43 -23.61 6.24
C LYS A 421 28.01 -22.15 6.46
N LEU A 422 28.79 -21.20 5.93
CA LEU A 422 28.43 -19.80 6.06
C LEU A 422 27.11 -19.50 5.36
N GLU A 423 26.91 -20.09 4.16
CA GLU A 423 25.69 -19.85 3.41
C GLU A 423 24.46 -20.44 4.08
N ASN A 424 24.63 -21.33 5.05
CA ASN A 424 23.49 -21.91 5.73
C ASN A 424 23.01 -21.07 6.90
N ARG A 425 23.71 -20.00 7.24
CA ARG A 425 23.23 -19.10 8.27
C ARG A 425 21.93 -18.43 7.83
N ARG A 426 21.07 -18.11 8.79
CA ARG A 426 19.72 -17.66 8.49
C ARG A 426 19.74 -16.40 7.63
N GLU A 427 20.56 -15.43 7.99
CA GLU A 427 20.58 -14.16 7.28
C GLU A 427 21.23 -14.27 5.91
N CYS A 428 22.06 -15.28 5.66
CA CYS A 428 22.57 -15.48 4.31
C CYS A 428 21.51 -16.08 3.40
N LYS A 429 20.73 -17.04 3.90
CA LYS A 429 19.69 -17.66 3.08
C LYS A 429 18.62 -16.65 2.71
N SER A 430 18.33 -15.70 3.59
CA SER A 430 17.35 -14.66 3.29
C SER A 430 17.95 -13.50 2.51
N GLY A 431 19.26 -13.52 2.25
CA GLY A 431 19.91 -12.45 1.50
C GLY A 431 20.26 -11.21 2.30
N ILE A 432 20.06 -11.22 3.62
CA ILE A 432 20.39 -10.05 4.43
C ILE A 432 21.91 -9.87 4.54
N ARG A 433 22.64 -10.98 4.68
CA ARG A 433 24.09 -10.96 4.79
C ARG A 433 24.71 -11.60 3.56
N LYS A 434 25.85 -11.06 3.12
CA LYS A 434 26.66 -11.79 2.17
C LYS A 434 27.29 -13.01 2.85
N TRP A 435 27.66 -13.99 2.03
CA TRP A 435 28.15 -15.24 2.61
C TRP A 435 29.40 -15.05 3.44
N TYR A 436 30.19 -14.00 3.19
CA TYR A 436 31.44 -13.80 3.90
C TYR A 436 31.34 -12.80 5.05
N GLU A 437 30.16 -12.23 5.29
CA GLU A 437 30.01 -11.25 6.35
C GLU A 437 29.76 -11.94 7.70
N LEU A 438 30.07 -11.21 8.77
CA LEU A 438 29.70 -11.65 10.11
C LEU A 438 28.20 -11.62 10.26
N GLN A 439 27.65 -12.61 10.97
CA GLN A 439 26.20 -12.68 11.11
C GLN A 439 25.66 -11.51 11.93
N TRP A 440 26.24 -11.28 13.12
CA TRP A 440 25.89 -10.15 13.97
C TRP A 440 27.19 -9.43 14.34
N GLY A 441 27.63 -8.52 13.48
CA GLY A 441 28.86 -7.79 13.69
C GLY A 441 28.76 -6.59 14.59
N ARG A 442 27.56 -6.27 15.07
CA ARG A 442 27.33 -5.22 16.07
C ARG A 442 27.88 -3.90 15.53
N GLU A 443 28.29 -3.01 16.43
CA GLU A 443 28.94 -1.76 16.09
C GLU A 443 30.37 -1.78 16.61
N LYS A 444 31.33 -1.62 15.70
CA LYS A 444 32.74 -1.59 16.08
C LYS A 444 33.01 -0.56 17.18
N LEU A 445 32.39 0.62 17.07
CA LEU A 445 32.67 1.71 18.00
C LEU A 445 32.28 1.37 19.44
N PHE A 446 31.37 0.42 19.65
CA PHE A 446 31.06 -0.01 21.01
C PHE A 446 32.22 -0.76 21.64
N PHE A 447 32.96 -1.53 20.83
CA PHE A 447 34.08 -2.32 21.36
C PHE A 447 35.36 -1.51 21.45
N GLU A 448 35.57 -0.57 20.54
CA GLU A 448 36.83 0.17 20.44
C GLU A 448 36.79 1.39 21.37
N ARG A 449 36.66 1.09 22.66
CA ARG A 449 36.63 2.13 23.68
C ARG A 449 36.91 1.47 25.02
N LYS A 450 37.25 2.30 26.00
CA LYS A 450 37.41 1.79 27.36
C LYS A 450 36.07 1.24 27.84
N LYS A 451 36.09 0.03 28.39
CA LYS A 451 34.85 -0.64 28.77
C LYS A 451 35.16 -1.72 29.80
N ILE A 452 34.10 -2.24 30.41
CA ILE A 452 34.17 -3.34 31.35
C ILE A 452 33.66 -4.60 30.67
N MET A 453 34.39 -5.70 30.82
CA MET A 453 34.00 -6.98 30.24
C MET A 453 33.90 -8.04 31.32
N TYR A 454 33.00 -9.00 31.13
CA TYR A 454 32.86 -10.10 32.08
C TYR A 454 32.43 -11.37 31.36
N PRO A 455 32.85 -12.55 31.83
CA PRO A 455 32.45 -13.80 31.18
C PRO A 455 30.98 -14.09 31.38
N TYR A 456 30.38 -14.78 30.41
CA TYR A 456 28.94 -15.05 30.46
C TYR A 456 28.58 -16.17 31.43
N LYS A 457 29.54 -17.00 31.81
CA LYS A 457 29.33 -18.12 32.71
C LYS A 457 30.57 -18.26 33.57
N SER A 458 30.41 -18.25 34.88
CA SER A 458 31.57 -18.22 35.76
C SER A 458 31.19 -18.71 37.15
N ASN A 459 32.21 -19.07 37.92
CA ASN A 459 32.04 -19.47 39.31
C ASN A 459 32.02 -18.28 40.25
N GLU A 460 32.42 -17.10 39.80
CA GLU A 460 32.54 -15.94 40.67
C GLU A 460 32.50 -14.68 39.81
N ASN A 461 32.29 -13.55 40.48
CA ASN A 461 32.34 -12.26 39.80
C ASN A 461 33.72 -12.02 39.23
N ARG A 462 33.80 -11.78 37.92
CA ARG A 462 35.06 -11.45 37.25
C ARG A 462 34.76 -10.29 36.29
N PHE A 463 34.87 -9.07 36.80
CA PHE A 463 34.67 -7.87 36.00
C PHE A 463 36.01 -7.19 35.78
N ALA A 464 36.35 -6.93 34.52
CA ALA A 464 37.64 -6.38 34.16
C ALA A 464 37.48 -5.11 33.33
N ILE A 465 38.38 -4.16 33.54
CA ILE A 465 38.50 -3.02 32.65
C ILE A 465 39.29 -3.45 31.42
N ASP A 466 38.74 -3.23 30.25
CA ASP A 466 39.42 -3.52 29.00
C ASP A 466 40.07 -2.24 28.48
N TYR A 467 41.39 -2.25 28.35
CA TYR A 467 42.15 -1.12 27.83
C TYR A 467 42.56 -1.29 26.37
N ASP A 468 42.30 -2.44 25.75
CA ASP A 468 42.94 -2.79 24.49
C ASP A 468 41.96 -2.98 23.35
N ASN A 469 40.76 -2.40 23.45
CA ASN A 469 39.78 -2.47 22.37
C ASN A 469 39.50 -3.93 21.97
N ASN A 470 39.33 -4.78 22.98
CA ASN A 470 39.13 -6.20 22.72
C ASN A 470 37.73 -6.48 22.20
N PHE A 471 37.66 -7.33 21.18
CA PHE A 471 36.41 -7.91 20.70
C PHE A 471 36.26 -9.31 21.28
N SER A 472 35.03 -9.82 21.26
CA SER A 472 34.77 -11.14 21.82
C SER A 472 33.49 -11.68 21.22
N SER A 473 33.26 -12.98 21.41
CA SER A 473 32.01 -13.60 21.04
C SER A 473 30.98 -13.36 22.13
N ALA A 474 29.85 -14.07 22.05
CA ALA A 474 28.78 -13.92 23.04
C ALA A 474 29.08 -14.61 24.36
N ASP A 475 30.26 -15.21 24.53
CA ASP A 475 30.69 -15.73 25.82
C ASP A 475 31.30 -14.66 26.71
N VAL A 476 31.41 -13.44 26.22
CA VAL A 476 31.87 -12.29 27.00
C VAL A 476 30.90 -11.14 26.77
N TYR A 477 30.45 -10.52 27.84
CA TYR A 477 29.59 -9.34 27.76
C TYR A 477 30.38 -8.10 28.13
N SER A 478 29.95 -6.95 27.62
CA SER A 478 30.64 -5.70 27.88
C SER A 478 29.62 -4.65 28.32
N PHE A 479 30.11 -3.63 29.04
CA PHE A 479 29.36 -2.40 29.17
C PHE A 479 30.30 -1.23 29.31
N PHE A 480 29.79 -0.04 28.98
CA PHE A 480 30.50 1.20 29.25
C PHE A 480 29.57 2.15 30.02
N ILE A 481 30.19 3.08 30.73
CA ILE A 481 29.46 4.02 31.57
C ILE A 481 28.90 5.15 30.72
N LYS A 482 27.63 5.49 30.95
CA LYS A 482 27.02 6.61 30.25
C LYS A 482 27.78 7.89 30.55
N GLU A 483 27.76 8.81 29.58
CA GLU A 483 28.54 10.04 29.71
C GLU A 483 28.09 10.85 30.92
N GLU A 484 26.78 10.93 31.15
CA GLU A 484 26.26 11.76 32.23
C GLU A 484 26.51 11.17 33.61
N TYR A 485 27.00 9.93 33.70
CA TYR A 485 27.33 9.32 34.98
C TYR A 485 28.83 9.16 35.19
N LEU A 486 29.67 9.69 34.29
CA LEU A 486 31.11 9.51 34.44
C LEU A 486 31.66 10.25 35.66
N ASP A 487 31.06 11.39 36.01
CA ASP A 487 31.53 12.15 37.17
C ASP A 487 31.08 11.55 38.49
N LYS A 488 30.14 10.60 38.49
CA LYS A 488 29.74 9.90 39.69
C LYS A 488 30.41 8.54 39.85
N PHE A 489 30.62 7.82 38.75
CA PHE A 489 31.18 6.47 38.80
C PHE A 489 32.31 6.35 37.79
N SER A 490 33.46 5.88 38.25
CA SER A 490 34.59 5.57 37.39
C SER A 490 34.66 4.06 37.17
N TYR A 491 35.32 3.68 36.08
CA TYR A 491 35.51 2.27 35.80
C TYR A 491 36.29 1.59 36.93
N GLU A 492 37.26 2.31 37.50
CA GLU A 492 38.07 1.73 38.57
C GLU A 492 37.25 1.50 39.83
N TYR A 493 36.33 2.41 40.15
CA TYR A 493 35.47 2.19 41.30
C TYR A 493 34.54 1.01 41.06
N LEU A 494 34.02 0.86 39.84
CA LEU A 494 33.03 -0.17 39.57
C LEU A 494 33.62 -1.57 39.66
N VAL A 495 34.79 -1.79 39.06
CA VAL A 495 35.37 -3.12 39.14
C VAL A 495 35.77 -3.43 40.58
N GLY A 496 36.04 -2.40 41.38
CA GLY A 496 36.36 -2.62 42.78
C GLY A 496 35.21 -3.22 43.56
N ILE A 497 34.03 -2.60 43.48
CA ILE A 497 32.91 -3.15 44.23
C ILE A 497 32.37 -4.40 43.56
N LEU A 498 32.34 -4.45 42.23
CA LEU A 498 31.74 -5.59 41.54
C LEU A 498 32.54 -6.88 41.77
N ASN A 499 33.85 -6.78 42.01
CA ASN A 499 34.66 -7.95 42.25
C ASN A 499 34.79 -8.29 43.74
N SER A 500 34.17 -7.52 44.62
CA SER A 500 34.29 -7.75 46.05
C SER A 500 33.54 -9.01 46.47
N SER A 501 33.90 -9.52 47.65
CA SER A 501 33.20 -10.67 48.18
C SER A 501 31.75 -10.35 48.47
N VAL A 502 31.46 -9.10 48.85
CA VAL A 502 30.08 -8.70 49.09
C VAL A 502 29.25 -8.84 47.83
N TYR A 503 29.75 -8.31 46.70
CA TYR A 503 28.95 -8.32 45.48
C TYR A 503 28.92 -9.69 44.84
N ASP A 504 29.93 -10.53 45.11
CA ASP A 504 29.87 -11.91 44.63
C ASP A 504 28.73 -12.66 45.32
N LYS A 505 28.65 -12.55 46.65
CA LYS A 505 27.53 -13.15 47.37
C LYS A 505 26.21 -12.50 46.98
N TYR A 506 26.21 -11.18 46.82
CA TYR A 506 24.99 -10.45 46.50
C TYR A 506 24.43 -10.85 45.14
N PHE A 507 25.30 -10.98 44.13
CA PHE A 507 24.81 -11.36 42.80
C PHE A 507 24.27 -12.78 42.80
N LYS A 508 24.96 -13.70 43.47
CA LYS A 508 24.56 -15.11 43.45
C LYS A 508 23.27 -15.39 44.20
N ILE A 509 22.74 -14.42 44.95
CA ILE A 509 21.47 -14.62 45.64
C ILE A 509 20.36 -14.84 44.63
N THR A 510 20.36 -14.09 43.53
CA THR A 510 19.32 -14.17 42.51
C THR A 510 19.85 -14.66 41.17
N ALA A 511 21.15 -14.97 41.07
CA ALA A 511 21.72 -15.41 39.82
C ALA A 511 21.13 -16.74 39.38
N LYS A 512 21.22 -17.00 38.09
CA LYS A 512 20.76 -18.25 37.49
C LYS A 512 21.86 -19.30 37.62
N LYS A 513 21.61 -20.30 38.46
CA LYS A 513 22.57 -21.38 38.68
C LYS A 513 22.46 -22.40 37.57
N MET A 514 23.54 -22.61 36.82
CA MET A 514 23.51 -23.36 35.58
C MET A 514 24.01 -24.80 35.72
N SER A 515 25.20 -24.97 36.26
CA SER A 515 25.79 -26.28 36.51
C SER A 515 26.76 -26.13 37.66
N LYS A 516 27.43 -27.22 38.01
CA LYS A 516 28.29 -27.21 39.19
C LYS A 516 29.34 -26.11 39.06
N ASN A 517 29.34 -25.18 40.01
CA ASN A 517 30.26 -24.04 40.05
C ASN A 517 30.13 -23.11 38.85
N ILE A 518 28.95 -23.01 38.26
CA ILE A 518 28.74 -22.10 37.14
C ILE A 518 27.43 -21.35 37.35
N TYR A 519 27.50 -20.02 37.33
CA TYR A 519 26.32 -19.17 37.24
C TYR A 519 26.33 -18.45 35.90
N ASP A 520 25.15 -18.19 35.35
CA ASP A 520 25.05 -17.27 34.23
C ASP A 520 25.36 -15.87 34.71
N TYR A 521 26.23 -15.17 34.00
CA TYR A 521 26.41 -13.72 34.15
C TYR A 521 25.93 -13.08 32.85
N TYR A 522 24.63 -12.88 32.76
CA TYR A 522 23.99 -12.28 31.61
C TYR A 522 23.40 -10.93 31.98
N PRO A 523 23.27 -10.01 31.02
CA PRO A 523 22.75 -8.68 31.34
C PRO A 523 21.37 -8.69 31.97
N ASN A 524 20.52 -9.66 31.64
CA ASN A 524 19.18 -9.66 32.22
C ASN A 524 19.23 -9.75 33.74
N LYS A 525 20.35 -10.19 34.31
CA LYS A 525 20.56 -10.08 35.75
C LYS A 525 21.71 -9.18 36.14
N VAL A 526 22.81 -9.17 35.38
CA VAL A 526 23.96 -8.34 35.75
C VAL A 526 23.58 -6.86 35.76
N MET A 527 22.77 -6.43 34.80
CA MET A 527 22.39 -5.02 34.76
C MET A 527 21.39 -4.63 35.85
N LYS A 528 20.82 -5.59 36.57
CA LYS A 528 20.00 -5.29 37.73
C LYS A 528 20.81 -5.10 39.01
N ILE A 529 22.12 -5.36 38.97
CA ILE A 529 22.95 -5.17 40.15
C ILE A 529 22.89 -3.72 40.58
N ARG A 530 22.63 -3.49 41.86
CA ARG A 530 22.54 -2.13 42.36
C ARG A 530 23.86 -1.71 42.98
N ILE A 531 24.19 -0.42 42.85
CA ILE A 531 25.46 0.13 43.29
C ILE A 531 25.19 1.41 44.08
N PHE A 532 26.20 1.82 44.83
CA PHE A 532 26.08 2.91 45.79
C PHE A 532 27.27 3.85 45.64
N ARG A 533 27.13 5.02 46.26
CA ARG A 533 28.17 6.05 46.26
CA ARG A 533 28.15 6.05 46.24
C ARG A 533 28.14 6.78 47.59
N ASP A 534 29.23 6.70 48.35
CA ASP A 534 29.22 7.31 49.68
C ASP A 534 30.63 7.76 50.04
N ASN A 535 30.85 7.98 51.35
CA ASN A 535 32.11 8.50 51.85
C ASN A 535 33.31 7.58 51.59
N ASN A 536 33.08 6.29 51.33
CA ASN A 536 34.17 5.37 51.08
C ASN A 536 34.61 5.33 49.62
N TYR A 537 33.96 6.12 48.75
CA TYR A 537 34.19 6.04 47.31
C TYR A 537 35.68 6.17 46.97
N GLU A 538 36.34 7.19 47.51
CA GLU A 538 37.70 7.49 47.10
C GLU A 538 38.67 6.39 47.51
N GLU A 539 38.55 5.89 48.74
CA GLU A 539 39.48 4.84 49.19
C GLU A 539 39.21 3.52 48.47
N ILE A 540 37.94 3.20 48.22
CA ILE A 540 37.62 2.02 47.41
C ILE A 540 38.26 2.14 46.04
N GLU A 541 38.07 3.31 45.41
CA GLU A 541 38.64 3.53 44.08
C GLU A 541 40.17 3.45 44.13
N ASN A 542 40.77 4.03 45.16
CA ASN A 542 42.23 3.99 45.27
C ASN A 542 42.75 2.58 45.46
N LEU A 543 42.06 1.77 46.28
CA LEU A 543 42.46 0.37 46.45
C LEU A 543 42.34 -0.38 45.13
N SER A 544 41.29 -0.11 44.36
CA SER A 544 41.12 -0.77 43.06
C SER A 544 42.27 -0.42 42.12
N LYS A 545 42.67 0.86 42.09
CA LYS A 545 43.77 1.25 41.22
C LYS A 545 45.10 0.64 41.67
N GLN A 546 45.30 0.49 42.97
CA GLN A 546 46.49 -0.21 43.45
C GLN A 546 46.48 -1.66 42.99
N ILE A 547 45.33 -2.31 43.07
CA ILE A 547 45.21 -3.70 42.63
C ILE A 547 45.52 -3.81 41.14
N ILE A 548 44.93 -2.90 40.34
CA ILE A 548 45.16 -2.92 38.90
C ILE A 548 46.63 -2.68 38.58
N SER A 549 47.27 -1.75 39.29
CA SER A 549 48.66 -1.46 39.03
C SER A 549 49.54 -2.67 39.33
N ILE A 550 49.25 -3.39 40.42
CA ILE A 550 50.01 -4.59 40.74
C ILE A 550 49.77 -5.67 39.69
N LEU A 551 48.50 -5.88 39.33
CA LEU A 551 48.17 -6.96 38.38
C LEU A 551 48.80 -6.73 37.02
N LEU A 552 49.01 -5.49 36.64
CA LEU A 552 49.57 -5.16 35.34
C LEU A 552 51.10 -5.09 35.33
N ASN A 553 51.76 -5.40 36.45
CA ASN A 553 53.21 -5.37 36.51
C ASN A 553 53.80 -6.64 35.90
N LYS A 554 55.13 -6.72 35.89
CA LYS A 554 55.83 -7.91 35.42
C LYS A 554 56.00 -8.94 36.53
N SER A 555 56.36 -8.51 37.72
CA SER A 555 56.48 -9.38 38.89
C SER A 555 55.27 -9.10 39.79
N ILE A 556 54.18 -9.83 39.54
CA ILE A 556 52.94 -9.59 40.27
C ILE A 556 53.08 -10.09 41.69
N ASP A 557 52.81 -9.20 42.66
CA ASP A 557 52.68 -9.58 44.07
C ASP A 557 51.22 -9.98 44.31
N LYS A 558 50.89 -11.20 43.88
CA LYS A 558 49.53 -11.70 44.06
C LYS A 558 49.12 -11.67 45.53
N GLY A 559 50.08 -11.83 46.45
CA GLY A 559 49.75 -11.78 47.86
C GLY A 559 49.23 -10.42 48.29
N LYS A 560 49.91 -9.35 47.87
CA LYS A 560 49.48 -8.02 48.27
C LYS A 560 48.08 -7.72 47.76
N VAL A 561 47.76 -8.20 46.55
CA VAL A 561 46.42 -7.97 45.99
C VAL A 561 45.34 -8.53 46.90
N GLU A 562 45.56 -9.72 47.46
CA GLU A 562 44.56 -10.32 48.33
C GLU A 562 44.34 -9.48 49.58
N LYS A 563 45.42 -8.98 50.17
CA LYS A 563 45.29 -8.10 51.34
C LYS A 563 44.53 -6.83 51.00
N LEU A 564 44.83 -6.22 49.84
CA LEU A 564 44.10 -5.03 49.42
C LEU A 564 42.63 -5.34 49.18
N GLN A 565 42.35 -6.53 48.64
CA GLN A 565 40.97 -6.95 48.45
C GLN A 565 40.24 -7.11 49.77
N ILE A 566 40.93 -7.66 50.78
CA ILE A 566 40.31 -7.80 52.09
C ILE A 566 39.98 -6.44 52.66
N LYS A 567 40.90 -5.47 52.52
CA LYS A 567 40.64 -4.12 53.01
C LYS A 567 39.47 -3.48 52.27
N MET A 568 39.36 -3.71 50.96
CA MET A 568 38.24 -3.15 50.21
C MET A 568 36.92 -3.79 50.63
N ASP A 569 36.92 -5.12 50.82
CA ASP A 569 35.72 -5.80 51.29
C ASP A 569 35.24 -5.21 52.62
N ASN A 570 36.17 -4.86 53.52
CA ASN A 570 35.79 -4.25 54.78
C ASN A 570 35.12 -2.90 54.57
N LEU A 571 35.69 -2.07 53.67
CA LEU A 571 35.08 -0.78 53.39
C LEU A 571 33.67 -0.95 52.84
N ILE A 572 33.49 -1.90 51.93
CA ILE A 572 32.19 -2.12 51.30
C ILE A 572 31.19 -2.63 52.32
N MET A 573 31.62 -3.55 53.19
CA MET A 573 30.73 -4.02 54.26
C MET A 573 30.37 -2.89 55.21
N ASP A 574 31.31 -1.98 55.48
CA ASP A 574 31.00 -0.82 56.29
C ASP A 574 30.01 0.10 55.58
N SER A 575 30.20 0.32 54.28
CA SER A 575 29.30 1.22 53.54
C SER A 575 27.87 0.70 53.54
N LEU A 576 27.69 -0.59 53.35
CA LEU A 576 26.38 -1.19 53.24
C LEU A 576 25.80 -1.61 54.58
N GLY A 577 26.51 -1.35 55.67
CA GLY A 577 26.00 -1.66 57.00
C GLY A 577 25.73 -3.13 57.23
N ILE A 578 26.58 -4.00 56.69
CA ILE A 578 26.44 -5.43 56.91
C ILE A 578 27.59 -5.93 57.77
N GLY B 29 -1.98 2.05 -16.86
CA GLY B 29 -0.84 1.22 -17.21
C GLY B 29 -0.26 1.51 -18.58
N ILE B 30 -0.95 2.33 -19.37
CA ILE B 30 -0.54 2.68 -20.72
C ILE B 30 -0.23 4.17 -20.77
N TYR B 31 0.98 4.50 -21.20
CA TYR B 31 1.49 5.87 -21.19
C TYR B 31 1.96 6.27 -22.57
N TYR B 32 1.73 7.54 -22.92
CA TYR B 32 1.98 8.04 -24.28
C TYR B 32 3.27 8.84 -24.30
N THR B 33 4.25 8.36 -25.02
CA THR B 33 5.51 9.09 -25.17
C THR B 33 5.35 10.21 -26.19
N PRO B 34 5.83 11.41 -25.91
CA PRO B 34 5.69 12.49 -26.90
C PRO B 34 6.38 12.13 -28.21
N LYS B 35 5.76 12.53 -29.32
CA LYS B 35 6.26 12.16 -30.64
C LYS B 35 7.69 12.66 -30.85
N ILE B 36 8.01 13.85 -30.34
CA ILE B 36 9.35 14.39 -30.52
C ILE B 36 10.38 13.49 -29.85
N ILE B 37 10.02 12.84 -28.75
CA ILE B 37 10.90 11.89 -28.09
C ILE B 37 10.99 10.61 -28.90
N VAL B 38 9.84 10.07 -29.33
CA VAL B 38 9.82 8.83 -30.11
C VAL B 38 10.67 8.97 -31.36
N ASP B 39 10.47 10.07 -32.09
CA ASP B 39 11.21 10.27 -33.34
C ASP B 39 12.70 10.31 -33.08
N TYR B 40 13.11 11.01 -32.02
CA TYR B 40 14.53 11.09 -31.69
C TYR B 40 15.10 9.71 -31.38
N ILE B 41 14.38 8.93 -30.57
CA ILE B 41 14.90 7.64 -30.14
C ILE B 41 15.05 6.69 -31.33
N VAL B 42 14.02 6.65 -32.18
CA VAL B 42 14.07 5.79 -33.36
C VAL B 42 15.19 6.23 -34.30
N LYS B 43 15.34 7.54 -34.50
CA LYS B 43 16.41 8.03 -35.36
C LYS B 43 17.79 7.70 -34.79
N LYS B 44 17.94 7.82 -33.46
CA LYS B 44 19.22 7.53 -32.83
C LYS B 44 19.68 6.11 -33.11
N THR B 45 18.75 5.15 -33.13
CA THR B 45 19.15 3.76 -33.35
C THR B 45 19.32 3.42 -34.82
N LEU B 46 18.52 4.03 -35.70
CA LEU B 46 18.41 3.56 -37.08
C LEU B 46 19.09 4.46 -38.12
N LYS B 47 19.50 5.68 -37.76
CA LYS B 47 19.88 6.63 -38.80
C LYS B 47 21.11 6.20 -39.57
N ASN B 48 22.04 5.47 -38.94
CA ASN B 48 23.26 5.07 -39.60
C ASN B 48 23.23 3.63 -40.10
N HIS B 49 22.08 2.99 -40.11
CA HIS B 49 22.03 1.58 -40.49
C HIS B 49 22.32 1.41 -41.97
N ASP B 50 23.10 0.39 -42.31
CA ASP B 50 23.47 0.08 -43.68
C ASP B 50 22.54 -1.02 -44.17
N ILE B 51 21.48 -0.62 -44.89
CA ILE B 51 20.46 -1.57 -45.30
C ILE B 51 20.98 -2.48 -46.41
N ILE B 52 21.95 -2.01 -47.20
CA ILE B 52 22.51 -2.86 -48.27
C ILE B 52 23.33 -3.99 -47.66
N LYS B 53 24.15 -3.68 -46.66
CA LYS B 53 24.97 -4.70 -46.02
C LYS B 53 24.13 -5.67 -45.21
N ASN B 54 23.13 -5.16 -44.46
CA ASN B 54 22.23 -6.01 -43.68
C ASN B 54 20.79 -5.57 -43.93
N PRO B 55 20.11 -6.20 -44.90
CA PRO B 55 18.69 -5.89 -45.14
C PRO B 55 17.72 -6.60 -44.20
N TYR B 56 18.19 -7.28 -43.15
CA TYR B 56 17.32 -7.93 -42.17
C TYR B 56 17.64 -7.45 -40.76
N PRO B 57 17.46 -6.16 -40.47
CA PRO B 57 17.66 -5.69 -39.10
C PRO B 57 16.46 -6.04 -38.24
N ARG B 58 16.72 -6.55 -37.03
CA ARG B 58 15.67 -6.88 -36.08
C ARG B 58 15.53 -5.73 -35.10
N ILE B 59 14.36 -5.08 -35.12
CA ILE B 59 14.06 -3.97 -34.23
C ILE B 59 12.95 -4.41 -33.29
N LEU B 60 13.20 -4.30 -31.99
CA LEU B 60 12.31 -4.84 -30.97
C LEU B 60 11.93 -3.76 -29.97
N ASP B 61 10.67 -3.80 -29.53
CA ASP B 61 10.20 -3.03 -28.38
C ASP B 61 9.51 -4.00 -27.44
N ILE B 62 10.04 -4.14 -26.22
CA ILE B 62 9.53 -5.16 -25.31
C ILE B 62 8.46 -4.64 -24.36
N SER B 63 8.07 -3.38 -24.49
CA SER B 63 6.88 -2.84 -23.83
C SER B 63 6.15 -1.95 -24.82
N CYS B 64 5.86 -2.49 -26.01
CA CYS B 64 5.48 -1.67 -27.16
C CYS B 64 4.10 -1.02 -27.03
N GLY B 65 3.23 -1.53 -26.16
CA GLY B 65 1.90 -0.96 -26.06
C GLY B 65 1.19 -0.96 -27.41
N CYS B 66 0.58 0.18 -27.74
CA CYS B 66 -0.15 0.34 -29.00
C CYS B 66 0.76 0.59 -30.19
N GLY B 67 2.06 0.79 -29.97
CA GLY B 67 2.99 0.91 -31.08
C GLY B 67 3.49 2.32 -31.32
N ASN B 68 3.60 3.11 -30.25
CA ASN B 68 4.14 4.46 -30.36
C ASN B 68 5.51 4.44 -31.06
N PHE B 69 6.37 3.51 -30.66
CA PHE B 69 7.70 3.42 -31.26
C PHE B 69 7.72 2.56 -32.52
N LEU B 70 7.01 1.43 -32.52
CA LEU B 70 7.12 0.48 -33.63
C LEU B 70 6.46 1.02 -34.90
N LEU B 71 5.39 1.81 -34.77
CA LEU B 71 4.81 2.43 -35.96
C LEU B 71 5.80 3.41 -36.58
N GLU B 72 6.49 4.18 -35.74
CA GLU B 72 7.53 5.07 -36.26
C GLU B 72 8.68 4.27 -36.87
N VAL B 73 9.04 3.14 -36.24
CA VAL B 73 10.05 2.27 -36.81
C VAL B 73 9.65 1.80 -38.21
N TYR B 74 8.37 1.45 -38.38
CA TYR B 74 7.91 0.99 -39.69
C TYR B 74 8.17 2.04 -40.76
N ASP B 75 7.81 3.30 -40.48
CA ASP B 75 7.99 4.36 -41.48
C ASP B 75 9.45 4.56 -41.83
N ILE B 76 10.33 4.60 -40.82
CA ILE B 76 11.75 4.79 -41.10
C ILE B 76 12.29 3.63 -41.91
N LEU B 77 11.90 2.40 -41.55
CA LEU B 77 12.35 1.24 -42.30
C LEU B 77 11.84 1.26 -43.74
N TYR B 78 10.57 1.64 -43.93
CA TYR B 78 10.01 1.63 -45.28
C TYR B 78 10.77 2.57 -46.19
N ASP B 79 11.07 3.78 -45.71
CA ASP B 79 11.83 4.73 -46.51
C ASP B 79 13.24 4.22 -46.78
N LEU B 80 13.86 3.59 -45.78
CA LEU B 80 15.19 3.04 -45.96
C LEU B 80 15.20 1.97 -47.05
N PHE B 81 14.23 1.05 -47.00
CA PHE B 81 14.14 0.05 -48.06
C PHE B 81 13.80 0.68 -49.40
N GLU B 82 12.85 1.61 -49.42
CA GLU B 82 12.41 2.17 -50.69
C GLU B 82 13.54 2.93 -51.38
N GLU B 83 14.33 3.69 -50.62
CA GLU B 83 15.39 4.50 -51.22
C GLU B 83 16.51 3.64 -51.79
N ASN B 84 16.61 2.37 -51.39
CA ASN B 84 17.71 1.51 -51.82
C ASN B 84 17.22 0.25 -52.52
N ILE B 85 15.96 0.24 -52.98
CA ILE B 85 15.36 -0.99 -53.44
C ILE B 85 16.11 -1.57 -54.64
N TYR B 86 16.54 -0.71 -55.58
CA TYR B 86 17.22 -1.23 -56.77
C TYR B 86 18.60 -1.78 -56.42
N GLU B 87 19.30 -1.14 -55.48
CA GLU B 87 20.58 -1.68 -55.01
C GLU B 87 20.38 -3.05 -54.37
N LEU B 88 19.33 -3.21 -53.57
CA LEU B 88 19.03 -4.52 -52.99
C LEU B 88 18.65 -5.52 -54.07
N LYS B 89 17.83 -5.09 -55.04
CA LYS B 89 17.40 -5.96 -56.12
C LYS B 89 18.57 -6.50 -56.91
N LYS B 90 19.60 -5.66 -57.11
CA LYS B 90 20.78 -6.07 -57.86
C LYS B 90 21.65 -7.01 -57.03
N LYS B 91 21.88 -6.68 -55.76
CA LYS B 91 22.81 -7.46 -54.93
C LYS B 91 22.19 -8.80 -54.50
N TYR B 92 20.92 -8.78 -54.11
CA TYR B 92 20.20 -9.95 -53.66
C TYR B 92 19.22 -10.44 -54.73
N ASP B 93 18.31 -11.34 -54.34
CA ASP B 93 17.36 -11.90 -55.29
C ASP B 93 16.47 -10.82 -55.91
N GLU B 94 16.58 -10.65 -57.24
CA GLU B 94 15.88 -9.57 -57.92
C GLU B 94 14.36 -9.74 -57.92
N ASN B 95 13.86 -10.98 -57.81
CA ASN B 95 12.42 -11.17 -57.76
C ASN B 95 11.84 -10.78 -56.40
N TYR B 96 12.60 -10.99 -55.33
CA TYR B 96 12.09 -10.71 -54.00
C TYR B 96 12.02 -9.20 -53.73
N TRP B 97 12.99 -8.44 -54.22
CA TRP B 97 13.15 -7.05 -53.81
C TRP B 97 12.41 -6.14 -54.78
N THR B 98 11.13 -5.93 -54.50
CA THR B 98 10.28 -4.99 -55.20
C THR B 98 9.67 -4.06 -54.18
N VAL B 99 9.21 -2.89 -54.64
CA VAL B 99 8.62 -1.92 -53.72
C VAL B 99 7.39 -2.50 -53.03
N ASP B 100 6.54 -3.22 -53.79
CA ASP B 100 5.33 -3.75 -53.18
C ASP B 100 5.58 -4.92 -52.24
N ASN B 101 6.82 -5.41 -52.15
CA ASN B 101 7.16 -6.46 -51.18
C ASN B 101 7.79 -5.91 -49.91
N ILE B 102 8.05 -4.61 -49.84
CA ILE B 102 8.68 -4.02 -48.66
C ILE B 102 7.82 -4.24 -47.43
N HIS B 103 6.50 -4.02 -47.55
CA HIS B 103 5.60 -4.14 -46.42
C HIS B 103 5.68 -5.53 -45.79
N ARG B 104 5.60 -6.57 -46.63
CA ARG B 104 5.66 -7.94 -46.13
C ARG B 104 7.03 -8.23 -45.51
N HIS B 105 8.09 -7.72 -46.12
CA HIS B 105 9.43 -8.00 -45.62
C HIS B 105 9.63 -7.38 -44.23
N ILE B 106 9.16 -6.16 -44.03
CA ILE B 106 9.32 -5.49 -42.74
C ILE B 106 8.61 -6.26 -41.65
N LEU B 107 7.37 -6.69 -41.93
CA LEU B 107 6.58 -7.38 -40.92
C LEU B 107 7.12 -8.77 -40.63
N ASN B 108 7.60 -9.48 -41.65
CA ASN B 108 8.07 -10.84 -41.43
C ASN B 108 9.38 -10.86 -40.64
N TYR B 109 10.34 -9.99 -40.99
CA TYR B 109 11.70 -10.17 -40.51
C TYR B 109 12.24 -9.05 -39.63
N CYS B 110 11.63 -7.87 -39.62
CA CYS B 110 12.29 -6.71 -39.04
C CYS B 110 11.67 -6.20 -37.75
N ILE B 111 10.34 -6.15 -37.66
CA ILE B 111 9.66 -5.52 -36.53
C ILE B 111 9.23 -6.59 -35.53
N TYR B 112 9.60 -6.40 -34.26
CA TYR B 112 9.23 -7.30 -33.18
C TYR B 112 8.65 -6.49 -32.03
N GLY B 113 7.57 -6.99 -31.44
CA GLY B 113 6.94 -6.29 -30.32
C GLY B 113 6.45 -7.26 -29.27
N ALA B 114 6.49 -6.79 -28.02
CA ALA B 114 5.94 -7.57 -26.92
C ALA B 114 5.33 -6.63 -25.89
N ASP B 115 4.23 -7.06 -25.28
CA ASP B 115 3.51 -6.33 -24.25
C ASP B 115 2.54 -7.29 -23.57
N ILE B 116 2.28 -7.07 -22.27
CA ILE B 116 1.34 -7.93 -21.56
C ILE B 116 -0.12 -7.59 -21.84
N ASP B 117 -0.39 -6.43 -22.43
CA ASP B 117 -1.77 -6.00 -22.67
C ASP B 117 -2.22 -6.58 -24.01
N GLU B 118 -3.17 -7.53 -23.96
CA GLU B 118 -3.68 -8.15 -25.18
C GLU B 118 -4.40 -7.15 -26.06
N LYS B 119 -5.16 -6.23 -25.45
CA LYS B 119 -5.86 -5.22 -26.23
C LYS B 119 -4.89 -4.34 -27.01
N ALA B 120 -3.81 -3.90 -26.35
CA ALA B 120 -2.83 -3.06 -27.03
C ALA B 120 -2.15 -3.80 -28.18
N ILE B 121 -1.83 -5.08 -27.98
CA ILE B 121 -1.18 -5.85 -29.02
C ILE B 121 -2.09 -5.98 -30.24
N SER B 122 -3.38 -6.25 -30.02
CA SER B 122 -4.30 -6.40 -31.15
C SER B 122 -4.44 -5.11 -31.93
N ILE B 123 -4.49 -3.97 -31.22
CA ILE B 123 -4.55 -2.68 -31.90
C ILE B 123 -3.30 -2.44 -32.73
N LEU B 124 -2.13 -2.76 -32.17
CA LEU B 124 -0.89 -2.64 -32.93
C LEU B 124 -0.91 -3.55 -34.16
N LYS B 125 -1.46 -4.75 -34.01
CA LYS B 125 -1.54 -5.66 -35.15
C LYS B 125 -2.38 -5.04 -36.27
N ASP B 126 -3.52 -4.44 -35.92
CA ASP B 126 -4.33 -3.76 -36.93
C ASP B 126 -3.58 -2.58 -37.54
N SER B 127 -2.92 -1.78 -36.71
CA SER B 127 -2.21 -0.60 -37.23
C SER B 127 -1.11 -1.00 -38.22
N LEU B 128 -0.34 -2.03 -37.87
CA LEU B 128 0.71 -2.51 -38.77
C LEU B 128 0.09 -3.11 -40.04
N THR B 129 -1.02 -3.82 -39.90
CA THR B 129 -1.68 -4.38 -41.08
C THR B 129 -2.16 -3.30 -42.02
N ASN B 130 -2.69 -2.20 -41.47
CA ASN B 130 -3.25 -1.13 -42.28
C ASN B 130 -2.20 -0.18 -42.83
N LYS B 131 -0.90 -0.50 -42.67
CA LYS B 131 0.13 0.29 -43.31
C LYS B 131 0.19 0.08 -44.82
N LYS B 132 -0.35 -1.04 -45.31
CA LYS B 132 -0.37 -1.36 -46.73
C LYS B 132 -1.70 -0.94 -47.33
N VAL B 133 -1.65 -0.11 -48.37
CA VAL B 133 -2.87 0.41 -48.99
C VAL B 133 -3.72 -0.73 -49.57
N VAL B 134 -3.07 -1.65 -50.28
CA VAL B 134 -3.80 -2.74 -50.92
C VAL B 134 -4.28 -3.72 -49.86
N ASN B 135 -5.55 -4.12 -49.95
CA ASN B 135 -6.13 -5.12 -49.06
C ASN B 135 -6.24 -6.44 -49.80
N ASP B 136 -5.83 -7.52 -49.13
CA ASP B 136 -5.79 -8.87 -49.71
C ASP B 136 -4.89 -8.89 -50.96
N LEU B 137 -3.65 -8.45 -50.77
CA LEU B 137 -2.69 -8.42 -51.87
C LEU B 137 -2.21 -9.81 -52.23
N ASP B 138 -1.94 -10.65 -51.23
CA ASP B 138 -1.48 -12.02 -51.42
C ASP B 138 -2.25 -12.97 -50.51
N GLU B 139 -3.58 -12.86 -50.55
CA GLU B 139 -4.51 -13.71 -49.81
C GLU B 139 -4.38 -13.59 -48.30
N SER B 140 -3.83 -12.48 -47.81
CA SER B 140 -3.83 -12.14 -46.38
C SER B 140 -3.16 -13.22 -45.53
N ASP B 141 -1.86 -13.38 -45.76
CA ASP B 141 -1.05 -14.38 -45.07
C ASP B 141 0.24 -13.77 -44.56
N ILE B 142 0.16 -12.64 -43.88
CA ILE B 142 1.34 -11.89 -43.44
C ILE B 142 1.66 -12.27 -42.00
N LYS B 143 2.87 -12.79 -41.78
CA LYS B 143 3.36 -13.04 -40.43
C LYS B 143 3.78 -11.74 -39.77
N ILE B 144 3.37 -11.56 -38.51
CA ILE B 144 3.74 -10.41 -37.70
C ILE B 144 4.32 -10.92 -36.40
N ASN B 145 5.45 -10.35 -35.97
CA ASN B 145 6.14 -10.82 -34.77
C ASN B 145 5.74 -9.97 -33.56
N LEU B 146 4.48 -10.13 -33.15
CA LEU B 146 3.97 -9.52 -31.94
C LEU B 146 3.67 -10.60 -30.91
N PHE B 147 4.06 -10.37 -29.66
CA PHE B 147 3.89 -11.35 -28.61
C PHE B 147 3.17 -10.71 -27.44
N CYS B 148 2.10 -11.34 -26.99
CA CYS B 148 1.41 -10.92 -25.77
C CYS B 148 1.94 -11.80 -24.65
N CYS B 149 2.82 -11.24 -23.82
CA CYS B 149 3.55 -12.03 -22.85
C CYS B 149 4.22 -11.10 -21.85
N ASP B 150 4.77 -11.68 -20.79
CA ASP B 150 5.64 -10.96 -19.87
C ASP B 150 7.04 -10.96 -20.47
N SER B 151 7.50 -9.78 -20.91
CA SER B 151 8.80 -9.67 -21.57
C SER B 151 9.94 -10.09 -20.64
N LEU B 152 9.78 -9.89 -19.34
CA LEU B 152 10.83 -10.28 -18.41
C LEU B 152 10.94 -11.79 -18.28
N LYS B 153 9.92 -12.53 -18.70
CA LYS B 153 9.95 -13.99 -18.63
C LYS B 153 10.19 -14.64 -19.99
N LYS B 154 9.92 -13.96 -21.09
CA LYS B 154 9.98 -14.62 -22.39
C LYS B 154 11.41 -15.03 -22.72
N LYS B 155 11.55 -16.26 -23.21
CA LYS B 155 12.83 -16.77 -23.67
C LYS B 155 12.96 -16.50 -25.16
N TRP B 156 13.84 -15.56 -25.51
CA TRP B 156 14.12 -15.26 -26.91
C TRP B 156 15.23 -16.18 -27.40
N ARG B 157 15.03 -16.80 -28.56
CA ARG B 157 16.05 -17.70 -29.09
C ARG B 157 17.08 -17.00 -29.96
N TYR B 158 17.03 -15.68 -30.09
CA TYR B 158 18.08 -14.93 -30.77
C TYR B 158 18.05 -13.50 -30.27
N LYS B 159 19.12 -12.77 -30.58
CA LYS B 159 19.29 -11.40 -30.13
C LYS B 159 18.82 -10.41 -31.21
N PHE B 160 18.86 -9.13 -30.87
CA PHE B 160 18.23 -8.10 -31.69
C PHE B 160 19.23 -7.02 -32.02
N ASP B 161 19.12 -6.48 -33.24
CA ASP B 161 20.05 -5.43 -33.67
C ASP B 161 19.74 -4.11 -33.02
N TYR B 162 18.46 -3.81 -32.81
CA TYR B 162 18.04 -2.53 -32.25
C TYR B 162 16.88 -2.75 -31.30
N ILE B 163 16.89 -2.03 -30.19
CA ILE B 163 15.85 -2.11 -29.17
C ILE B 163 15.50 -0.69 -28.75
N VAL B 164 14.21 -0.35 -28.79
CA VAL B 164 13.71 0.97 -28.44
C VAL B 164 12.48 0.81 -27.56
N GLY B 165 12.15 1.86 -26.81
CA GLY B 165 10.84 1.93 -26.21
C GLY B 165 10.83 2.65 -24.87
N ASN B 166 9.66 2.58 -24.24
CA ASN B 166 9.41 3.21 -22.93
C ASN B 166 8.90 2.13 -21.99
N PRO B 167 9.75 1.61 -21.10
CA PRO B 167 9.34 0.50 -20.22
C PRO B 167 8.37 0.98 -19.15
N PRO B 168 7.69 0.06 -18.45
CA PRO B 168 6.86 0.46 -17.31
C PRO B 168 7.72 0.84 -16.12
N TYR B 169 7.27 1.87 -15.39
CA TYR B 169 7.92 2.30 -14.14
C TYR B 169 6.98 1.91 -13.00
N ILE B 170 7.42 1.00 -12.14
CA ILE B 170 6.62 0.59 -10.99
C ILE B 170 7.54 0.38 -9.80
N GLY B 171 7.36 1.19 -8.75
CA GLY B 171 8.21 1.14 -7.58
C GLY B 171 7.77 0.09 -6.58
N HIS B 172 8.45 0.09 -5.43
CA HIS B 172 8.31 -1.01 -4.48
C HIS B 172 6.93 -1.04 -3.83
N LYS B 173 6.25 0.11 -3.73
CA LYS B 173 4.93 0.11 -3.12
C LYS B 173 3.87 -0.47 -4.05
N LYS B 174 3.97 -0.20 -5.34
CA LYS B 174 2.90 -0.49 -6.28
C LYS B 174 3.07 -1.80 -7.01
N LEU B 175 4.18 -2.51 -6.80
CA LEU B 175 4.43 -3.77 -7.48
C LEU B 175 4.00 -4.92 -6.59
N GLU B 176 3.31 -5.89 -7.20
CA GLU B 176 2.79 -7.03 -6.46
C GLU B 176 3.92 -7.84 -5.84
N LYS B 177 3.75 -8.21 -4.57
CA LYS B 177 4.82 -8.86 -3.83
C LYS B 177 5.15 -10.24 -4.40
N LYS B 178 4.13 -10.97 -4.86
CA LYS B 178 4.38 -12.30 -5.42
C LYS B 178 5.27 -12.21 -6.66
N TYR B 179 5.05 -11.18 -7.48
CA TYR B 179 5.89 -10.99 -8.64
C TYR B 179 7.32 -10.63 -8.25
N LYS B 180 7.49 -9.86 -7.18
CA LYS B 180 8.83 -9.48 -6.73
C LYS B 180 9.68 -10.70 -6.40
N LYS B 181 9.05 -11.79 -5.93
CA LYS B 181 9.82 -13.00 -5.65
C LYS B 181 10.52 -13.49 -6.91
N PHE B 182 9.83 -13.44 -8.05
CA PHE B 182 10.45 -13.75 -9.32
C PHE B 182 11.59 -12.79 -9.63
N LEU B 183 11.35 -11.49 -9.47
CA LEU B 183 12.37 -10.48 -9.80
C LEU B 183 13.59 -10.63 -8.90
N LEU B 184 13.38 -10.84 -7.60
CA LEU B 184 14.50 -10.98 -6.67
C LEU B 184 15.32 -12.22 -6.95
N GLU B 185 14.72 -13.23 -7.59
CA GLU B 185 15.44 -14.45 -7.94
C GLU B 185 16.21 -14.32 -9.25
N LYS B 186 15.53 -13.88 -10.31
CA LYS B 186 16.10 -13.90 -11.65
C LYS B 186 16.77 -12.60 -12.05
N TYR B 187 16.40 -11.47 -11.45
CA TYR B 187 16.97 -10.18 -11.80
C TYR B 187 17.78 -9.58 -10.65
N SER B 188 18.36 -10.44 -9.81
CA SER B 188 19.06 -9.97 -8.60
C SER B 188 20.26 -9.08 -8.92
N GLU B 189 20.82 -9.18 -10.12
CA GLU B 189 21.97 -8.33 -10.46
C GLU B 189 21.60 -6.86 -10.46
N VAL B 190 20.33 -6.52 -10.70
CA VAL B 190 19.90 -5.13 -10.72
C VAL B 190 18.73 -4.84 -9.79
N TYR B 191 17.99 -5.84 -9.33
CA TYR B 191 16.76 -5.61 -8.58
C TYR B 191 16.92 -6.14 -7.16
N LYS B 192 16.92 -5.23 -6.19
CA LYS B 192 16.92 -5.55 -4.77
C LYS B 192 16.27 -4.40 -4.03
N ASP B 193 15.76 -4.70 -2.83
CA ASP B 193 15.30 -3.72 -1.86
C ASP B 193 14.27 -2.80 -2.51
N LYS B 194 14.50 -1.48 -2.58
CA LYS B 194 13.52 -0.54 -3.12
C LYS B 194 13.75 -0.23 -4.60
N ALA B 195 14.33 -1.16 -5.35
CA ALA B 195 14.56 -0.99 -6.77
C ALA B 195 13.22 -0.89 -7.51
N ASP B 196 13.30 -0.53 -8.80
CA ASP B 196 12.13 -0.32 -9.62
C ASP B 196 12.07 -1.36 -10.74
N LEU B 197 10.84 -1.62 -11.21
CA LEU B 197 10.63 -2.59 -12.27
C LEU B 197 11.45 -2.25 -13.52
N TYR B 198 11.58 -0.96 -13.84
CA TYR B 198 12.29 -0.62 -15.07
C TYR B 198 13.78 -0.94 -14.99
N PHE B 199 14.31 -1.16 -13.78
CA PHE B 199 15.66 -1.69 -13.68
C PHE B 199 15.78 -3.01 -14.43
N CYS B 200 14.76 -3.86 -14.30
CA CYS B 200 14.80 -5.18 -14.92
C CYS B 200 14.66 -5.11 -16.42
N PHE B 201 13.91 -4.13 -16.93
CA PHE B 201 13.83 -3.91 -18.37
C PHE B 201 15.17 -3.45 -18.93
N TYR B 202 15.93 -2.64 -18.19
CA TYR B 202 17.29 -2.33 -18.61
C TYR B 202 18.10 -3.61 -18.77
N LYS B 203 18.06 -4.50 -17.77
CA LYS B 203 18.88 -5.71 -17.86
C LYS B 203 18.43 -6.60 -19.01
N LYS B 204 17.12 -6.80 -19.16
CA LYS B 204 16.63 -7.65 -20.24
C LYS B 204 17.02 -7.09 -21.60
N ILE B 205 16.87 -5.78 -21.80
CA ILE B 205 17.22 -5.15 -23.07
C ILE B 205 18.69 -5.36 -23.38
N ILE B 206 19.54 -5.13 -22.38
CA ILE B 206 20.98 -5.32 -22.54
C ILE B 206 21.30 -6.77 -22.87
N ASP B 207 20.64 -7.71 -22.19
CA ASP B 207 20.96 -9.12 -22.35
C ASP B 207 20.62 -9.65 -23.74
N ILE B 208 19.58 -9.12 -24.39
CA ILE B 208 19.15 -9.63 -25.68
C ILE B 208 19.59 -8.72 -26.82
N LEU B 209 20.50 -7.79 -26.56
CA LEU B 209 21.02 -6.90 -27.60
C LEU B 209 22.19 -7.57 -28.31
N LYS B 210 22.09 -7.68 -29.63
CA LYS B 210 23.15 -8.27 -30.45
C LYS B 210 24.47 -7.53 -30.25
N GLN B 211 25.57 -8.26 -30.44
CA GLN B 211 26.86 -7.60 -30.56
C GLN B 211 26.82 -6.61 -31.71
N GLY B 212 27.25 -5.38 -31.45
CA GLY B 212 27.14 -4.33 -32.44
C GLY B 212 25.78 -3.65 -32.49
N GLY B 213 24.82 -4.09 -31.69
CA GLY B 213 23.51 -3.49 -31.70
C GLY B 213 23.45 -2.19 -30.93
N ILE B 214 22.33 -1.49 -31.08
CA ILE B 214 22.11 -0.20 -30.41
C ILE B 214 20.76 -0.25 -29.70
N GLY B 215 20.74 0.23 -28.47
CA GLY B 215 19.49 0.38 -27.72
C GLY B 215 19.31 1.82 -27.27
N SER B 216 18.05 2.27 -27.26
CA SER B 216 17.74 3.62 -26.82
C SER B 216 16.37 3.62 -26.17
N VAL B 217 16.29 4.07 -24.90
CA VAL B 217 15.05 4.04 -24.14
C VAL B 217 14.90 5.35 -23.36
N ILE B 218 13.66 5.65 -23.01
CA ILE B 218 13.34 6.74 -22.09
C ILE B 218 12.80 6.11 -20.80
N THR B 219 13.44 6.43 -19.67
CA THR B 219 13.09 5.88 -18.35
C THR B 219 13.09 7.03 -17.35
N PRO B 220 12.71 6.79 -16.08
CA PRO B 220 12.99 7.80 -15.06
C PRO B 220 14.48 8.06 -14.94
N ARG B 221 14.82 9.28 -14.53
CA ARG B 221 16.22 9.67 -14.34
C ARG B 221 16.81 9.22 -13.01
N TYR B 222 15.98 8.73 -12.08
CA TYR B 222 16.43 8.62 -10.69
C TYR B 222 17.55 7.61 -10.50
N PHE B 223 17.62 6.57 -11.36
CA PHE B 223 18.68 5.58 -11.20
C PHE B 223 20.07 6.17 -11.40
N LEU B 224 20.17 7.32 -12.08
CA LEU B 224 21.47 7.94 -12.29
C LEU B 224 22.13 8.34 -10.97
N GLU B 225 21.32 8.57 -9.92
CA GLU B 225 21.82 9.06 -8.65
C GLU B 225 21.38 8.25 -7.44
N SER B 226 20.30 7.46 -7.53
CA SER B 226 19.72 6.88 -6.33
C SER B 226 20.57 5.76 -5.76
N LEU B 227 20.39 5.52 -4.46
CA LEU B 227 21.01 4.37 -3.81
C LEU B 227 20.52 3.06 -4.44
N SER B 228 19.23 2.98 -4.74
CA SER B 228 18.69 1.74 -5.30
C SER B 228 19.30 1.41 -6.66
N GLY B 229 19.71 2.43 -7.41
CA GLY B 229 20.23 2.23 -8.75
C GLY B 229 21.68 1.82 -8.83
N LYS B 230 22.34 1.61 -7.69
CA LYS B 230 23.78 1.34 -7.69
C LYS B 230 24.12 0.12 -8.53
N ASP B 231 23.39 -0.99 -8.35
CA ASP B 231 23.70 -2.20 -9.10
C ASP B 231 23.36 -2.05 -10.58
N LEU B 232 22.29 -1.33 -10.90
CA LEU B 232 21.95 -1.10 -12.30
C LEU B 232 23.04 -0.32 -13.01
N ARG B 233 23.54 0.74 -12.39
CA ARG B 233 24.63 1.52 -12.98
C ARG B 233 25.83 0.62 -13.24
N GLU B 234 26.18 -0.24 -12.29
CA GLU B 234 27.29 -1.16 -12.49
C GLU B 234 27.01 -2.14 -13.63
N TYR B 235 25.77 -2.60 -13.74
CA TYR B 235 25.42 -3.51 -14.84
C TYR B 235 25.50 -2.80 -16.18
N ILE B 236 25.00 -1.56 -16.25
CA ILE B 236 25.05 -0.81 -17.50
C ILE B 236 26.49 -0.52 -17.90
N LYS B 237 27.27 0.00 -16.94
CA LYS B 237 28.63 0.43 -17.23
C LYS B 237 29.51 -0.71 -17.69
N SER B 238 29.29 -1.92 -17.19
CA SER B 238 30.18 -3.03 -17.49
C SER B 238 29.72 -3.91 -18.65
N ASN B 239 28.53 -3.68 -19.21
CA ASN B 239 28.03 -4.54 -20.27
C ASN B 239 27.76 -3.85 -21.60
N VAL B 240 27.59 -2.52 -21.60
CA VAL B 240 27.35 -1.76 -22.83
C VAL B 240 28.20 -0.50 -22.80
N ASN B 241 28.40 0.09 -23.97
CA ASN B 241 28.96 1.43 -24.10
C ASN B 241 27.81 2.42 -24.13
N VAL B 242 27.79 3.35 -23.18
CA VAL B 242 26.76 4.38 -23.17
C VAL B 242 27.18 5.48 -24.15
N GLN B 243 26.44 5.61 -25.24
CA GLN B 243 26.77 6.65 -26.22
C GLN B 243 26.35 8.03 -25.71
N GLU B 244 25.19 8.12 -25.08
CA GLU B 244 24.59 9.41 -24.80
C GLU B 244 23.59 9.29 -23.67
N ILE B 245 23.54 10.32 -22.83
CA ILE B 245 22.53 10.47 -21.80
C ILE B 245 21.92 11.86 -21.96
N VAL B 246 20.61 11.92 -22.13
CA VAL B 246 19.88 13.19 -22.14
C VAL B 246 19.14 13.28 -20.82
N ASP B 247 19.52 14.24 -19.98
CA ASP B 247 18.93 14.41 -18.65
C ASP B 247 18.02 15.62 -18.67
N PHE B 248 16.72 15.39 -18.55
CA PHE B 248 15.75 16.48 -18.50
C PHE B 248 15.58 17.05 -17.09
N LEU B 249 16.33 16.54 -16.11
CA LEU B 249 16.28 17.02 -14.73
C LEU B 249 14.81 16.99 -14.28
N GLY B 250 14.28 18.04 -13.69
CA GLY B 250 12.92 18.08 -13.18
C GLY B 250 11.86 18.49 -14.18
N ALA B 251 12.20 18.59 -15.46
CA ALA B 251 11.22 18.99 -16.48
C ALA B 251 10.09 17.96 -16.57
N ASN B 252 8.94 18.43 -17.04
CA ASN B 252 7.73 17.60 -17.12
C ASN B 252 7.58 17.14 -18.57
N ILE B 253 8.17 15.99 -18.88
CA ILE B 253 8.11 15.43 -20.23
C ILE B 253 6.74 14.80 -20.50
N PHE B 254 6.16 14.13 -19.50
CA PHE B 254 4.88 13.45 -19.65
C PHE B 254 3.79 14.28 -19.00
N LYS B 255 2.81 14.70 -19.80
CA LYS B 255 1.75 15.57 -19.29
C LYS B 255 0.94 14.86 -18.21
N ASN B 256 0.69 15.56 -17.10
CA ASN B 256 -0.09 15.06 -15.98
C ASN B 256 0.53 13.85 -15.32
N ILE B 257 1.83 13.64 -15.49
CA ILE B 257 2.55 12.55 -14.87
C ILE B 257 3.65 13.14 -13.99
N GLY B 258 3.68 12.74 -12.72
CA GLY B 258 4.70 13.22 -11.81
C GLY B 258 5.95 12.37 -11.85
N VAL B 259 6.72 12.46 -12.92
CA VAL B 259 7.97 11.72 -13.06
C VAL B 259 8.97 12.59 -13.80
N SER B 260 10.25 12.30 -13.60
CA SER B 260 11.34 13.01 -14.28
C SER B 260 12.14 12.01 -15.11
N SER B 261 12.56 12.44 -16.30
CA SER B 261 12.91 11.54 -17.36
C SER B 261 14.35 11.73 -17.83
N CYS B 262 14.88 10.66 -18.42
CA CYS B 262 16.14 10.71 -19.14
C CYS B 262 16.07 9.74 -20.31
N ILE B 263 16.92 9.97 -21.30
CA ILE B 263 17.03 9.09 -22.46
C ILE B 263 18.45 8.53 -22.48
N LEU B 264 18.58 7.22 -22.47
CA LEU B 264 19.87 6.55 -22.56
C LEU B 264 19.99 5.87 -23.92
N THR B 265 21.11 6.10 -24.60
CA THR B 265 21.44 5.40 -25.82
C THR B 265 22.75 4.66 -25.60
N PHE B 266 22.79 3.38 -25.96
CA PHE B 266 23.92 2.53 -25.67
C PHE B 266 24.07 1.49 -26.77
N ASP B 267 25.25 0.87 -26.83
CA ASP B 267 25.54 -0.07 -27.89
C ASP B 267 26.48 -1.15 -27.37
N LYS B 268 26.66 -2.18 -28.18
CA LYS B 268 27.65 -3.23 -27.94
C LYS B 268 28.68 -3.26 -29.05
N LYS B 269 29.06 -2.08 -29.54
CA LYS B 269 30.07 -1.98 -30.59
C LYS B 269 31.47 -2.11 -30.01
N LYS B 270 32.42 -2.44 -30.88
CA LYS B 270 33.83 -2.45 -30.51
C LYS B 270 34.34 -1.02 -30.58
N THR B 271 34.42 -0.35 -29.44
CA THR B 271 34.86 1.02 -29.34
C THR B 271 36.17 1.07 -28.57
N LYS B 272 37.19 1.70 -29.16
CA LYS B 272 38.47 1.82 -28.48
C LYS B 272 38.36 2.77 -27.30
N GLU B 273 38.02 4.03 -27.55
CA GLU B 273 37.70 4.97 -26.48
C GLU B 273 36.18 4.99 -26.30
N THR B 274 35.76 5.20 -25.06
CA THR B 274 34.35 5.15 -24.70
C THR B 274 34.00 6.42 -23.90
N TYR B 275 33.63 7.47 -24.62
CA TYR B 275 33.18 8.71 -24.01
C TYR B 275 31.68 8.85 -24.18
N ILE B 276 31.02 9.40 -23.16
CA ILE B 276 29.57 9.59 -23.15
C ILE B 276 29.26 11.04 -23.53
N ASP B 277 28.32 11.23 -24.44
CA ASP B 277 27.75 12.56 -24.66
C ASP B 277 26.67 12.79 -23.62
N VAL B 278 26.85 13.79 -22.76
CA VAL B 278 25.86 14.13 -21.76
C VAL B 278 25.20 15.45 -22.19
N PHE B 279 23.88 15.44 -22.29
CA PHE B 279 23.10 16.64 -22.57
C PHE B 279 22.24 16.89 -21.35
N LYS B 280 22.51 17.98 -20.64
CA LYS B 280 21.82 18.31 -19.41
C LYS B 280 21.04 19.61 -19.61
N ILE B 281 19.75 19.58 -19.32
CA ILE B 281 18.91 20.74 -19.56
C ILE B 281 19.30 21.87 -18.61
N LYS B 282 19.23 23.12 -19.10
CA LYS B 282 19.61 24.27 -18.29
C LYS B 282 18.44 24.85 -17.53
N ASN B 283 17.22 24.79 -18.08
CA ASN B 283 16.05 25.38 -17.45
C ASN B 283 14.93 24.35 -17.49
N GLU B 284 14.47 23.93 -16.31
CA GLU B 284 13.42 22.91 -16.21
C GLU B 284 12.07 23.40 -16.70
N ASP B 285 11.88 24.70 -16.87
CA ASP B 285 10.60 25.26 -17.28
C ASP B 285 10.36 25.17 -18.78
N ILE B 286 11.37 24.86 -19.59
CA ILE B 286 11.23 24.99 -21.03
C ILE B 286 10.26 23.93 -21.56
N CYS B 287 9.56 24.29 -22.64
CA CYS B 287 8.65 23.38 -23.32
C CYS B 287 9.41 22.57 -24.35
N ILE B 288 9.14 21.27 -24.39
CA ILE B 288 9.91 20.36 -25.23
C ILE B 288 9.66 20.58 -26.72
N ASN B 289 8.56 21.24 -27.10
CA ASN B 289 8.20 21.43 -28.50
C ASN B 289 8.68 22.76 -29.06
N LYS B 290 9.81 23.28 -28.58
CA LYS B 290 10.30 24.56 -29.06
C LYS B 290 10.62 24.51 -30.55
N PHE B 291 11.27 23.44 -30.99
CA PHE B 291 11.58 23.21 -32.39
C PHE B 291 10.82 22.00 -32.90
N GLU B 292 11.02 21.68 -34.18
CA GLU B 292 10.36 20.53 -34.76
C GLU B 292 10.98 19.21 -34.29
N THR B 293 12.26 19.24 -33.88
CA THR B 293 12.98 18.04 -33.50
C THR B 293 13.64 18.24 -32.14
N LEU B 294 13.91 17.12 -31.47
CA LEU B 294 14.62 17.17 -30.19
C LEU B 294 16.07 17.56 -30.38
N GLU B 295 16.70 17.10 -31.48
CA GLU B 295 18.12 17.35 -31.69
C GLU B 295 18.41 18.84 -31.80
N GLU B 296 17.49 19.61 -32.39
CA GLU B 296 17.67 21.06 -32.42
C GLU B 296 17.61 21.64 -31.01
N LEU B 297 16.71 21.12 -30.17
CA LEU B 297 16.67 21.56 -28.77
C LEU B 297 17.98 21.23 -28.07
N LEU B 298 18.52 20.03 -28.31
CA LEU B 298 19.74 19.60 -27.64
C LEU B 298 20.93 20.47 -28.04
N LYS B 299 21.02 20.85 -29.32
CA LYS B 299 22.13 21.66 -29.78
C LYS B 299 22.00 23.13 -29.43
N SER B 300 20.84 23.55 -28.95
CA SER B 300 20.60 24.95 -28.65
C SER B 300 21.18 25.32 -27.28
N SER B 301 21.00 26.59 -26.90
CA SER B 301 21.42 27.08 -25.60
C SER B 301 20.54 26.55 -24.46
N LYS B 302 19.42 25.90 -24.78
CA LYS B 302 18.56 25.34 -23.74
C LYS B 302 19.20 24.15 -23.03
N PHE B 303 20.26 23.58 -23.60
CA PHE B 303 20.91 22.40 -23.04
C PHE B 303 22.41 22.62 -22.91
N GLU B 304 22.99 22.02 -21.90
CA GLU B 304 24.44 21.99 -21.73
C GLU B 304 24.95 20.63 -22.19
N HIS B 305 26.12 20.64 -22.82
CA HIS B 305 26.74 19.41 -23.30
C HIS B 305 28.16 19.29 -22.77
N PHE B 306 28.51 18.10 -22.31
CA PHE B 306 29.89 17.79 -21.94
C PHE B 306 30.09 16.29 -22.09
N ASN B 307 31.34 15.86 -22.03
CA ASN B 307 31.68 14.45 -22.21
C ASN B 307 32.17 13.84 -20.91
N ILE B 308 31.87 12.57 -20.71
CA ILE B 308 32.30 11.82 -19.53
C ILE B 308 32.95 10.53 -20.00
N ASN B 309 34.17 10.27 -19.52
CA ASN B 309 34.86 9.02 -19.83
C ASN B 309 34.23 7.89 -19.04
N GLN B 310 33.60 6.94 -19.74
CA GLN B 310 32.88 5.87 -19.05
C GLN B 310 33.82 5.00 -18.24
N ARG B 311 35.03 4.79 -18.74
CA ARG B 311 36.01 3.97 -18.03
C ARG B 311 36.38 4.56 -16.67
N LEU B 312 36.18 5.87 -16.48
CA LEU B 312 36.54 6.52 -15.23
C LEU B 312 35.38 6.61 -14.24
N LEU B 313 34.21 6.08 -14.60
CA LEU B 313 33.08 6.11 -13.70
C LEU B 313 33.31 5.16 -12.52
N SER B 314 32.93 5.63 -11.33
CA SER B 314 32.94 4.81 -10.13
C SER B 314 31.56 4.17 -9.95
N ASP B 315 31.30 3.63 -8.75
CA ASP B 315 29.96 3.16 -8.43
C ASP B 315 28.93 4.28 -8.46
N GLU B 316 29.37 5.51 -8.26
CA GLU B 316 28.54 6.70 -8.37
C GLU B 316 28.82 7.37 -9.71
N TRP B 317 27.76 7.75 -10.43
CA TRP B 317 27.91 8.44 -11.71
C TRP B 317 27.79 9.94 -11.46
N ILE B 318 28.92 10.61 -11.33
CA ILE B 318 28.94 12.05 -11.10
C ILE B 318 29.12 12.68 -12.48
N LEU B 319 27.99 13.00 -13.10
CA LEU B 319 27.95 13.49 -14.49
C LEU B 319 27.90 15.00 -14.43
N VAL B 320 29.08 15.63 -14.33
CA VAL B 320 29.20 17.07 -14.21
C VAL B 320 30.33 17.55 -15.10
N ASN B 321 30.31 18.84 -15.40
CA ASN B 321 31.37 19.44 -16.21
C ASN B 321 32.66 19.55 -15.40
N LYS B 322 33.73 19.98 -16.07
CA LYS B 322 35.04 20.04 -15.43
C LYS B 322 35.03 21.00 -14.24
N ASP B 323 34.35 22.15 -14.39
CA ASP B 323 34.30 23.11 -13.29
C ASP B 323 33.68 22.50 -12.04
N ASP B 324 32.53 21.84 -12.19
CA ASP B 324 31.87 21.25 -11.04
C ASP B 324 32.70 20.12 -10.43
N GLU B 325 33.34 19.32 -11.27
CA GLU B 325 34.18 18.24 -10.77
C GLU B 325 35.34 18.77 -9.92
N THR B 326 36.02 19.81 -10.41
CA THR B 326 37.12 20.40 -9.64
C THR B 326 36.61 21.02 -8.35
N PHE B 327 35.45 21.69 -8.41
CA PHE B 327 34.84 22.26 -7.22
C PHE B 327 34.51 21.18 -6.20
N TYR B 328 33.91 20.08 -6.66
CA TYR B 328 33.55 18.98 -5.77
C TYR B 328 34.79 18.33 -5.17
N ASN B 329 35.83 18.09 -5.98
CA ASN B 329 37.03 17.45 -5.46
C ASN B 329 37.73 18.31 -4.43
N LYS B 330 37.75 19.63 -4.62
CA LYS B 330 38.39 20.52 -3.65
C LYS B 330 37.74 20.37 -2.28
N ILE B 331 36.42 20.39 -2.23
CA ILE B 331 35.73 20.27 -0.96
C ILE B 331 35.96 18.89 -0.35
N GLN B 332 35.86 17.84 -1.17
CA GLN B 332 36.02 16.48 -0.66
C GLN B 332 37.38 16.28 -0.01
N GLU B 333 38.44 16.82 -0.64
CA GLU B 333 39.79 16.61 -0.12
C GLU B 333 40.06 17.45 1.12
N LYS B 334 39.54 18.68 1.15
CA LYS B 334 39.80 19.56 2.28
C LYS B 334 39.12 19.06 3.56
N CYS B 335 37.90 18.52 3.44
CA CYS B 335 37.10 18.15 4.60
C CYS B 335 37.53 16.79 5.14
N LYS B 336 37.93 16.74 6.41
CA LYS B 336 38.41 15.50 7.00
C LYS B 336 37.31 14.69 7.69
N TYR B 337 36.09 15.21 7.73
CA TYR B 337 35.00 14.55 8.44
C TYR B 337 33.77 14.50 7.54
N SER B 338 32.92 13.51 7.80
CA SER B 338 31.58 13.47 7.22
C SER B 338 30.56 13.59 8.33
N LEU B 339 29.34 13.99 7.96
CA LEU B 339 28.26 14.06 8.94
C LEU B 339 28.03 12.69 9.57
N GLU B 340 28.15 11.62 8.79
CA GLU B 340 27.98 10.28 9.36
C GLU B 340 28.98 10.03 10.48
N ASP B 341 30.21 10.56 10.35
CA ASP B 341 31.21 10.34 11.39
C ASP B 341 30.81 10.96 12.72
N ILE B 342 30.23 12.17 12.68
CA ILE B 342 30.04 12.97 13.88
C ILE B 342 28.62 12.97 14.40
N ALA B 343 27.65 12.43 13.66
CA ALA B 343 26.25 12.61 13.98
C ALA B 343 25.52 11.26 14.07
N ILE B 344 24.41 11.28 14.80
CA ILE B 344 23.45 10.17 14.81
C ILE B 344 22.22 10.63 14.04
N SER B 345 21.90 9.91 12.97
CA SER B 345 20.82 10.25 12.05
C SER B 345 19.61 9.35 12.26
N PHE B 346 18.41 9.90 12.08
CA PHE B 346 17.21 9.07 12.16
C PHE B 346 16.06 9.70 11.39
N GLN B 347 15.20 8.84 10.85
CA GLN B 347 13.97 9.23 10.19
C GLN B 347 12.89 9.53 11.23
N GLY B 348 11.94 10.38 10.85
CA GLY B 348 10.87 10.76 11.74
C GLY B 348 9.91 9.61 12.04
N ILE B 349 8.91 9.95 12.87
CA ILE B 349 7.88 8.99 13.25
C ILE B 349 7.11 8.54 12.02
N ILE B 350 6.71 7.28 11.99
CA ILE B 350 5.77 6.79 10.97
C ILE B 350 4.58 6.20 11.72
N THR B 351 3.50 6.98 11.83
CA THR B 351 2.34 6.51 12.58
C THR B 351 1.67 5.34 11.88
N GLY B 352 1.59 5.40 10.55
CA GLY B 352 0.85 4.44 9.77
C GLY B 352 -0.54 4.90 9.38
N CYS B 353 -1.11 5.84 10.14
CA CYS B 353 -2.36 6.51 9.76
C CYS B 353 -2.39 7.86 10.48
N ASP B 354 -1.94 8.91 9.79
CA ASP B 354 -1.72 10.19 10.48
C ASP B 354 -3.02 10.76 11.02
N LYS B 355 -4.13 10.57 10.30
CA LYS B 355 -5.40 11.16 10.72
C LYS B 355 -5.87 10.60 12.06
N ALA B 356 -5.36 9.43 12.47
CA ALA B 356 -5.74 8.84 13.74
C ALA B 356 -4.98 9.44 14.92
N PHE B 357 -3.80 10.00 14.67
CA PHE B 357 -2.90 10.41 15.74
C PHE B 357 -2.54 11.90 15.73
N ILE B 358 -2.74 12.60 14.61
CA ILE B 358 -2.31 13.98 14.48
C ILE B 358 -3.54 14.87 14.50
N LEU B 359 -3.54 15.84 15.40
CA LEU B 359 -4.63 16.79 15.53
C LEU B 359 -4.10 18.20 15.42
N SER B 360 -4.91 19.08 14.83
CA SER B 360 -4.61 20.50 14.92
C SER B 360 -4.62 20.94 16.38
N LYS B 361 -3.72 21.85 16.73
CA LYS B 361 -3.61 22.23 18.14
C LYS B 361 -4.87 22.94 18.63
N ASP B 362 -5.69 23.43 17.72
CA ASP B 362 -6.97 24.05 18.06
C ASP B 362 -8.12 23.05 18.12
N ASP B 363 -7.86 21.76 17.85
CA ASP B 363 -8.92 20.77 17.84
C ASP B 363 -9.47 20.54 19.24
N VAL B 364 -10.80 20.44 19.34
CA VAL B 364 -11.46 20.27 20.63
C VAL B 364 -11.18 18.88 21.21
N LYS B 365 -10.97 17.88 20.36
CA LYS B 365 -10.72 16.52 20.84
C LYS B 365 -9.45 16.42 21.66
N LEU B 366 -8.55 17.40 21.57
CA LEU B 366 -7.33 17.39 22.38
C LEU B 366 -7.62 17.51 23.86
N ASN B 367 -8.80 18.01 24.24
CA ASN B 367 -9.16 18.10 25.66
C ASN B 367 -9.31 16.72 26.29
N LEU B 368 -9.55 15.68 25.48
CA LEU B 368 -9.66 14.32 25.97
C LEU B 368 -8.30 13.65 26.18
N VAL B 369 -7.22 14.23 25.67
CA VAL B 369 -5.90 13.62 25.72
C VAL B 369 -5.06 14.33 26.79
N ASP B 370 -4.55 13.55 27.74
CA ASP B 370 -3.68 14.10 28.77
C ASP B 370 -2.43 14.69 28.12
N ASP B 371 -1.96 15.80 28.67
CA ASP B 371 -0.81 16.50 28.10
C ASP B 371 0.44 15.63 28.07
N LYS B 372 0.52 14.62 28.94
CA LYS B 372 1.68 13.73 28.92
C LYS B 372 1.77 12.89 27.65
N PHE B 373 0.66 12.73 26.93
CA PHE B 373 0.67 11.99 25.67
C PHE B 373 1.01 12.86 24.46
N LEU B 374 0.94 14.18 24.60
CA LEU B 374 0.97 15.06 23.43
C LEU B 374 2.38 15.54 23.12
N LYS B 375 2.73 15.52 21.84
CA LYS B 375 4.01 16.01 21.35
C LYS B 375 3.77 17.07 20.29
N CYS B 376 4.69 18.02 20.20
CA CYS B 376 4.65 18.98 19.10
C CYS B 376 5.01 18.28 17.80
N TRP B 377 4.35 18.68 16.71
CA TRP B 377 4.43 17.97 15.43
C TRP B 377 4.60 18.98 14.31
N ILE B 378 5.72 18.90 13.59
CA ILE B 378 5.99 19.81 12.49
C ILE B 378 6.03 19.04 11.18
N LYS B 379 5.80 19.78 10.09
CA LYS B 379 5.85 19.25 8.73
C LYS B 379 7.04 19.86 7.98
N SER B 380 7.32 19.32 6.79
CA SER B 380 8.48 19.76 6.02
C SER B 380 8.49 21.27 5.83
N LYS B 381 7.32 21.88 5.62
CA LYS B 381 7.27 23.32 5.34
C LYS B 381 7.60 24.18 6.55
N ASN B 382 7.64 23.62 7.75
CA ASN B 382 7.99 24.40 8.93
C ASN B 382 9.49 24.65 9.06
N ILE B 383 10.32 23.93 8.31
CA ILE B 383 11.77 24.02 8.43
C ILE B 383 12.27 25.18 7.58
N ASN B 384 12.90 26.16 8.21
CA ASN B 384 13.65 27.21 7.53
C ASN B 384 15.13 26.99 7.74
N LYS B 385 15.95 27.82 7.10
CA LYS B 385 17.33 27.91 7.50
C LYS B 385 17.39 28.35 8.96
N TYR B 386 18.13 27.59 9.76
CA TYR B 386 18.54 27.89 11.14
C TYR B 386 17.48 27.74 12.22
N ILE B 387 16.18 27.78 11.91
CA ILE B 387 15.15 27.73 12.94
C ILE B 387 13.88 27.13 12.36
N VAL B 388 13.04 26.59 13.25
CA VAL B 388 11.80 25.92 12.89
C VAL B 388 10.64 26.84 13.21
N ASP B 389 9.65 26.88 12.31
CA ASP B 389 8.40 27.56 12.60
C ASP B 389 7.70 26.89 13.78
N LYS B 390 6.88 27.68 14.49
CA LYS B 390 6.08 27.13 15.57
C LYS B 390 5.14 26.05 15.05
N SER B 391 5.00 24.97 15.81
CA SER B 391 4.19 23.84 15.39
C SER B 391 2.71 24.16 15.50
N GLU B 392 1.94 23.68 14.52
CA GLU B 392 0.49 23.86 14.51
C GLU B 392 -0.27 22.56 14.72
N TYR B 393 0.43 21.44 14.93
CA TYR B 393 -0.19 20.14 15.12
C TYR B 393 0.38 19.48 16.36
N ARG B 394 -0.40 18.56 16.92
CA ARG B 394 0.02 17.77 18.06
C ARG B 394 -0.04 16.29 17.71
N LEU B 395 0.92 15.52 18.20
CA LEU B 395 0.94 14.08 18.04
C LEU B 395 0.51 13.41 19.33
N ILE B 396 -0.42 12.47 19.25
CA ILE B 396 -0.75 11.60 20.37
C ILE B 396 0.22 10.43 20.33
N TYR B 397 1.17 10.39 21.27
CA TYR B 397 2.17 9.33 21.30
C TYR B 397 1.53 8.11 21.96
N SER B 398 0.71 7.42 21.18
CA SER B 398 -0.15 6.37 21.72
C SER B 398 0.60 5.16 22.24
N ASN B 399 1.90 5.04 21.94
CA ASN B 399 2.65 3.91 22.50
C ASN B 399 2.72 3.94 24.02
N ASP B 400 2.47 5.09 24.64
CA ASP B 400 2.51 5.22 26.08
C ASP B 400 1.16 4.95 26.74
N ILE B 401 0.13 4.63 25.96
CA ILE B 401 -1.14 4.18 26.52
C ILE B 401 -1.00 2.73 26.95
N ASP B 402 -1.11 2.48 28.26
CA ASP B 402 -0.77 1.17 28.81
C ASP B 402 -1.82 0.13 28.48
N ASN B 403 -3.05 0.33 28.96
CA ASN B 403 -4.14 -0.62 28.78
C ASN B 403 -5.28 0.06 28.05
N GLU B 404 -6.09 -0.76 27.37
CA GLU B 404 -7.23 -0.24 26.62
C GLU B 404 -8.36 0.26 27.51
N ASN B 405 -8.33 -0.04 28.82
CA ASN B 405 -9.40 0.39 29.70
C ASN B 405 -9.11 1.71 30.40
N THR B 406 -7.84 2.02 30.64
CA THR B 406 -7.50 3.21 31.42
C THR B 406 -7.76 4.50 30.65
N ASN B 407 -7.65 4.47 29.32
CA ASN B 407 -7.77 5.66 28.48
C ASN B 407 -8.83 5.42 27.39
N LYS B 408 -10.02 4.98 27.81
CA LYS B 408 -11.02 4.51 26.86
C LYS B 408 -11.48 5.61 25.90
N ARG B 409 -11.66 6.83 26.41
CA ARG B 409 -12.20 7.90 25.57
C ARG B 409 -11.25 8.24 24.42
N ILE B 410 -9.94 8.24 24.68
CA ILE B 410 -8.98 8.51 23.61
C ILE B 410 -9.09 7.45 22.52
N LEU B 411 -9.19 6.19 22.92
CA LEU B 411 -9.27 5.11 21.94
C LEU B 411 -10.59 5.15 21.20
N ASP B 412 -11.70 5.37 21.91
CA ASP B 412 -13.01 5.27 21.27
C ASP B 412 -13.29 6.47 20.37
N GLU B 413 -12.92 7.68 20.81
CA GLU B 413 -13.39 8.89 20.15
C GLU B 413 -12.37 9.53 19.23
N ILE B 414 -11.10 9.15 19.30
CA ILE B 414 -10.08 9.78 18.46
C ILE B 414 -9.40 8.72 17.60
N ILE B 415 -8.70 7.79 18.24
CA ILE B 415 -7.89 6.84 17.48
C ILE B 415 -8.78 5.77 16.83
N GLY B 416 -9.81 5.32 17.54
CA GLY B 416 -10.64 4.23 17.06
C GLY B 416 -11.45 4.56 15.82
N LEU B 417 -11.55 5.84 15.45
CA LEU B 417 -12.24 6.19 14.23
C LEU B 417 -11.57 5.59 13.00
N TYR B 418 -10.33 5.14 13.14
CA TYR B 418 -9.57 4.56 12.04
C TYR B 418 -9.10 3.14 12.37
N LYS B 419 -9.84 2.44 13.24
CA LYS B 419 -9.37 1.14 13.72
C LYS B 419 -9.18 0.15 12.58
N THR B 420 -10.09 0.18 11.60
CA THR B 420 -9.98 -0.76 10.48
C THR B 420 -8.67 -0.56 9.72
N LYS B 421 -8.34 0.70 9.40
CA LYS B 421 -7.09 0.95 8.71
C LYS B 421 -5.89 0.64 9.59
N LEU B 422 -6.00 0.92 10.89
CA LEU B 422 -4.91 0.63 11.81
C LEU B 422 -4.64 -0.87 11.90
N GLU B 423 -5.70 -1.68 11.88
CA GLU B 423 -5.53 -3.12 11.96
C GLU B 423 -4.97 -3.72 10.69
N ASN B 424 -5.01 -2.98 9.57
CA ASN B 424 -4.48 -3.48 8.32
C ASN B 424 -2.97 -3.24 8.18
N ARG B 425 -2.36 -2.53 9.12
CA ARG B 425 -0.91 -2.34 9.09
C ARG B 425 -0.20 -3.65 9.36
N ARG B 426 0.98 -3.80 8.75
CA ARG B 426 1.65 -5.11 8.72
C ARG B 426 1.95 -5.61 10.12
N GLU B 427 2.43 -4.72 11.01
CA GLU B 427 2.81 -5.16 12.35
C GLU B 427 1.61 -5.44 13.24
N CYS B 428 0.43 -4.88 12.93
CA CYS B 428 -0.76 -5.27 13.67
C CYS B 428 -1.25 -6.64 13.24
N LYS B 429 -1.20 -6.92 11.93
CA LYS B 429 -1.62 -8.24 11.44
C LYS B 429 -0.70 -9.34 11.93
N SER B 430 0.58 -9.03 12.16
CA SER B 430 1.49 -10.03 12.70
C SER B 430 1.40 -10.15 14.21
N GLY B 431 0.69 -9.24 14.87
CA GLY B 431 0.44 -9.33 16.29
C GLY B 431 1.46 -8.68 17.21
N ILE B 432 2.55 -8.14 16.66
CA ILE B 432 3.55 -7.52 17.53
C ILE B 432 3.24 -6.06 17.86
N ARG B 433 2.25 -5.46 17.20
CA ARG B 433 1.88 -4.08 17.44
C ARG B 433 0.39 -4.03 17.78
N LYS B 434 0.04 -3.30 18.83
CA LYS B 434 -1.37 -3.13 19.17
C LYS B 434 -2.03 -2.21 18.15
N TRP B 435 -3.34 -2.40 17.94
CA TRP B 435 -4.02 -1.66 16.88
C TRP B 435 -3.94 -0.16 17.09
N TYR B 436 -3.89 0.30 18.33
CA TYR B 436 -3.87 1.73 18.60
C TYR B 436 -2.46 2.31 18.71
N GLU B 437 -1.43 1.49 18.58
CA GLU B 437 -0.07 1.98 18.74
C GLU B 437 0.45 2.59 17.43
N LEU B 438 1.46 3.45 17.57
CA LEU B 438 2.17 3.96 16.40
C LEU B 438 2.91 2.81 15.73
N GLN B 439 2.92 2.79 14.39
CA GLN B 439 3.55 1.69 13.69
C GLN B 439 5.06 1.68 13.91
N TRP B 440 5.72 2.83 13.68
CA TRP B 440 7.14 2.98 13.99
C TRP B 440 7.27 4.22 14.87
N GLY B 441 7.18 4.02 16.18
CA GLY B 441 7.23 5.12 17.13
C GLY B 441 8.61 5.60 17.47
N ARG B 442 9.64 4.93 16.98
CA ARG B 442 11.04 5.36 17.14
C ARG B 442 11.34 5.48 18.64
N GLU B 443 12.26 6.35 19.00
CA GLU B 443 12.67 6.53 20.40
C GLU B 443 12.45 7.99 20.77
N LYS B 444 11.61 8.23 21.78
CA LYS B 444 11.32 9.59 22.22
C LYS B 444 12.58 10.33 22.65
N LEU B 445 13.54 9.64 23.26
CA LEU B 445 14.76 10.27 23.74
C LEU B 445 15.59 10.85 22.60
N PHE B 446 15.36 10.40 21.36
CA PHE B 446 16.03 11.00 20.22
C PHE B 446 15.37 12.30 19.78
N PHE B 447 14.07 12.44 19.94
CA PHE B 447 13.38 13.67 19.53
C PHE B 447 13.39 14.74 20.60
N GLU B 448 13.32 14.34 21.88
CA GLU B 448 13.20 15.30 22.98
C GLU B 448 14.60 15.72 23.44
N ARG B 449 15.28 16.42 22.54
N ARG B 449 15.29 16.41 22.53
CA ARG B 449 16.63 16.91 22.78
CA ARG B 449 16.64 16.89 22.76
C ARG B 449 16.93 17.96 21.72
C ARG B 449 16.96 17.93 21.70
N LYS B 450 18.01 18.71 21.96
CA LYS B 450 18.49 19.65 20.96
C LYS B 450 19.00 18.88 19.75
N LYS B 451 18.57 19.27 18.56
CA LYS B 451 18.91 18.51 17.38
C LYS B 451 18.74 19.41 16.16
N ILE B 452 19.20 18.91 15.02
CA ILE B 452 19.07 19.59 13.74
C ILE B 452 18.04 18.82 12.90
N MET B 453 17.13 19.57 12.29
CA MET B 453 16.10 18.97 11.44
C MET B 453 16.13 19.60 10.06
N TYR B 454 15.84 18.80 9.04
CA TYR B 454 15.79 19.28 7.67
C TYR B 454 14.66 18.59 6.91
N PRO B 455 14.09 19.29 5.92
CA PRO B 455 13.01 18.68 5.12
C PRO B 455 13.54 17.58 4.22
N TYR B 456 12.70 16.58 3.96
CA TYR B 456 13.15 15.43 3.17
C TYR B 456 13.18 15.74 1.69
N LYS B 457 12.49 16.78 1.25
CA LYS B 457 12.45 17.20 -0.14
C LYS B 457 12.38 18.72 -0.14
N SER B 458 13.22 19.37 -0.95
CA SER B 458 13.32 20.82 -0.86
C SER B 458 14.06 21.34 -2.08
N ASN B 459 13.92 22.64 -2.32
CA ASN B 459 14.67 23.32 -3.37
C ASN B 459 16.07 23.73 -2.93
N GLU B 460 16.38 23.70 -1.64
CA GLU B 460 17.64 24.25 -1.16
C GLU B 460 17.93 23.70 0.22
N ASN B 461 19.18 23.91 0.68
CA ASN B 461 19.57 23.48 2.01
C ASN B 461 18.80 24.25 3.06
N ARG B 462 18.08 23.52 3.92
CA ARG B 462 17.33 24.10 5.05
C ARG B 462 17.62 23.23 6.26
N PHE B 463 18.65 23.58 7.02
CA PHE B 463 19.00 22.87 8.24
C PHE B 463 18.76 23.80 9.43
N ALA B 464 17.93 23.36 10.36
CA ALA B 464 17.51 24.19 11.48
C ALA B 464 17.84 23.52 12.80
N ILE B 465 18.20 24.33 13.78
CA ILE B 465 18.31 23.85 15.15
C ILE B 465 16.92 23.83 15.76
N ASP B 466 16.53 22.69 16.31
CA ASP B 466 15.25 22.57 17.00
C ASP B 466 15.50 22.64 18.51
N TYR B 467 14.87 23.62 19.16
CA TYR B 467 14.95 23.79 20.61
C TYR B 467 13.69 23.31 21.33
N ASP B 468 12.66 22.88 20.61
CA ASP B 468 11.33 22.72 21.17
C ASP B 468 10.88 21.26 21.21
N ASN B 469 11.80 20.31 21.11
CA ASN B 469 11.46 18.89 21.20
C ASN B 469 10.40 18.52 20.16
N ASN B 470 10.57 19.02 18.94
CA ASN B 470 9.61 18.76 17.87
C ASN B 470 9.72 17.32 17.39
N PHE B 471 8.56 16.69 17.21
CA PHE B 471 8.42 15.43 16.49
C PHE B 471 7.98 15.72 15.06
N SER B 472 8.10 14.70 14.21
CA SER B 472 7.69 14.85 12.82
C SER B 472 7.53 13.48 12.20
N SER B 473 6.91 13.47 11.04
CA SER B 473 6.79 12.25 10.24
C SER B 473 8.07 12.08 9.42
N ALA B 474 8.03 11.17 8.45
CA ALA B 474 9.19 10.88 7.63
C ALA B 474 9.45 11.95 6.58
N ASP B 475 8.71 13.06 6.58
CA ASP B 475 9.03 14.16 5.68
C ASP B 475 10.03 15.13 6.28
N VAL B 476 10.50 14.89 7.50
CA VAL B 476 11.53 15.68 8.16
C VAL B 476 12.53 14.71 8.78
N TYR B 477 13.81 14.86 8.47
CA TYR B 477 14.84 14.06 9.11
C TYR B 477 15.54 14.86 10.20
N SER B 478 16.19 14.13 11.10
CA SER B 478 16.84 14.75 12.24
C SER B 478 18.21 14.13 12.43
N PHE B 479 19.09 14.88 13.10
CA PHE B 479 20.31 14.28 13.63
C PHE B 479 20.79 15.10 14.81
N PHE B 480 21.51 14.43 15.71
CA PHE B 480 22.22 15.11 16.77
C PHE B 480 23.69 14.69 16.72
N ILE B 481 24.53 15.48 17.37
CA ILE B 481 25.97 15.28 17.32
C ILE B 481 26.37 14.23 18.36
N LYS B 482 27.22 13.28 17.94
CA LYS B 482 27.71 12.28 18.86
C LYS B 482 28.46 12.94 20.01
N GLU B 483 28.34 12.33 21.20
CA GLU B 483 28.93 12.89 22.40
C GLU B 483 30.43 13.14 22.22
N GLU B 484 31.12 12.22 21.55
CA GLU B 484 32.57 12.32 21.41
C GLU B 484 33.00 13.38 20.40
N TYR B 485 32.07 14.00 19.66
CA TYR B 485 32.42 15.07 18.75
C TYR B 485 31.90 16.44 19.19
N LEU B 486 31.26 16.52 20.36
CA LEU B 486 30.68 17.79 20.82
C LEU B 486 31.75 18.84 21.05
N ASP B 487 32.94 18.43 21.48
CA ASP B 487 34.03 19.39 21.69
C ASP B 487 34.70 19.82 20.38
N LYS B 488 34.36 19.19 19.26
CA LYS B 488 34.88 19.60 17.96
C LYS B 488 33.86 20.35 17.12
N PHE B 489 32.58 19.97 17.18
CA PHE B 489 31.55 20.58 16.35
C PHE B 489 30.35 20.95 17.20
N SER B 490 29.83 22.15 16.99
CA SER B 490 28.62 22.62 17.65
C SER B 490 27.48 22.67 16.66
N TYR B 491 26.25 22.69 17.18
CA TYR B 491 25.08 22.80 16.32
C TYR B 491 25.10 24.11 15.55
N GLU B 492 25.56 25.17 16.18
CA GLU B 492 25.55 26.48 15.55
C GLU B 492 26.57 26.56 14.41
N TYR B 493 27.74 25.95 14.58
CA TYR B 493 28.69 25.86 13.48
C TYR B 493 28.13 25.02 12.33
N LEU B 494 27.48 23.89 12.65
CA LEU B 494 27.03 22.99 11.60
C LEU B 494 25.97 23.64 10.72
N VAL B 495 24.96 24.27 11.33
CA VAL B 495 23.94 24.93 10.51
C VAL B 495 24.53 26.14 9.80
N GLY B 496 25.64 26.69 10.30
CA GLY B 496 26.30 27.77 9.59
C GLY B 496 26.84 27.32 8.25
N ILE B 497 27.61 26.22 8.24
CA ILE B 497 28.17 25.76 6.98
C ILE B 497 27.10 25.09 6.12
N LEU B 498 26.18 24.33 6.73
CA LEU B 498 25.21 23.57 5.94
C LEU B 498 24.22 24.46 5.21
N ASN B 499 23.96 25.66 5.72
CA ASN B 499 23.02 26.57 5.08
C ASN B 499 23.71 27.58 4.15
N SER B 500 25.01 27.44 3.93
CA SER B 500 25.75 28.42 3.14
C SER B 500 25.50 28.20 1.65
N SER B 501 25.77 29.24 0.87
CA SER B 501 25.70 29.10 -0.58
C SER B 501 26.64 28.02 -1.07
N VAL B 502 27.80 27.88 -0.43
CA VAL B 502 28.79 26.88 -0.84
C VAL B 502 28.21 25.47 -0.69
N TYR B 503 27.66 25.18 0.48
CA TYR B 503 27.18 23.82 0.73
C TYR B 503 25.90 23.52 -0.02
N ASP B 504 25.10 24.55 -0.34
CA ASP B 504 23.94 24.31 -1.20
C ASP B 504 24.38 23.83 -2.57
N LYS B 505 25.36 24.51 -3.17
CA LYS B 505 25.90 24.07 -4.45
C LYS B 505 26.59 22.71 -4.33
N TYR B 506 27.31 22.50 -3.24
CA TYR B 506 28.07 21.27 -3.06
C TYR B 506 27.15 20.06 -2.95
N PHE B 507 26.09 20.17 -2.16
CA PHE B 507 25.16 19.05 -2.01
C PHE B 507 24.50 18.72 -3.36
N LYS B 508 24.11 19.73 -4.12
CA LYS B 508 23.38 19.49 -5.35
C LYS B 508 24.25 18.92 -6.46
N ILE B 509 25.58 18.89 -6.27
CA ILE B 509 26.43 18.23 -7.27
C ILE B 509 25.99 16.78 -7.45
N THR B 510 25.70 16.10 -6.34
CA THR B 510 25.35 14.69 -6.36
C THR B 510 23.96 14.40 -5.85
N ALA B 511 23.17 15.40 -5.48
CA ALA B 511 21.86 15.15 -4.91
C ALA B 511 20.91 14.56 -5.96
N LYS B 512 19.89 13.87 -5.45
CA LYS B 512 18.90 13.17 -6.27
C LYS B 512 17.81 14.17 -6.67
N LYS B 513 17.79 14.55 -7.94
CA LYS B 513 16.79 15.49 -8.44
C LYS B 513 15.48 14.76 -8.68
N MET B 514 14.42 15.17 -7.97
CA MET B 514 13.17 14.42 -7.94
C MET B 514 12.12 14.99 -8.90
N SER B 515 11.89 16.29 -8.82
CA SER B 515 10.92 16.98 -9.66
C SER B 515 11.36 18.43 -9.74
N LYS B 516 10.56 19.26 -10.40
CA LYS B 516 10.94 20.66 -10.60
C LYS B 516 11.17 21.33 -9.25
N ASN B 517 12.38 21.89 -9.08
CA ASN B 517 12.77 22.61 -7.86
C ASN B 517 12.78 21.73 -6.62
N ILE B 518 12.92 20.40 -6.78
CA ILE B 518 12.88 19.50 -5.63
C ILE B 518 14.05 18.53 -5.72
N TYR B 519 14.88 18.51 -4.67
CA TYR B 519 15.86 17.48 -4.45
C TYR B 519 15.47 16.66 -3.22
N ASP B 520 15.81 15.37 -3.23
CA ASP B 520 15.73 14.59 -2.01
C ASP B 520 16.83 15.04 -1.05
N TYR B 521 16.46 15.24 0.21
CA TYR B 521 17.43 15.43 1.30
C TYR B 521 17.21 14.25 2.24
N TYR B 522 17.79 13.11 1.89
CA TYR B 522 17.71 11.89 2.67
C TYR B 522 19.08 11.57 3.25
N PRO B 523 19.13 10.86 4.38
CA PRO B 523 20.42 10.51 4.99
C PRO B 523 21.36 9.77 4.06
N ASN B 524 20.85 8.97 3.11
CA ASN B 524 21.77 8.22 2.26
C ASN B 524 22.67 9.14 1.45
N LYS B 525 22.31 10.41 1.30
CA LYS B 525 23.22 11.39 0.73
C LYS B 525 23.58 12.51 1.70
N VAL B 526 22.65 12.94 2.55
CA VAL B 526 22.95 14.03 3.48
C VAL B 526 24.06 13.62 4.45
N MET B 527 24.01 12.39 4.94
CA MET B 527 25.04 11.95 5.87
C MET B 527 26.39 11.76 5.20
N LYS B 528 26.47 11.82 3.88
CA LYS B 528 27.74 11.76 3.19
C LYS B 528 28.36 13.15 2.98
N ILE B 529 27.62 14.22 3.31
CA ILE B 529 28.19 15.56 3.23
C ILE B 529 29.42 15.64 4.12
N ARG B 530 30.50 16.18 3.57
CA ARG B 530 31.76 16.28 4.29
C ARG B 530 31.92 17.68 4.88
N ILE B 531 32.50 17.73 6.08
CA ILE B 531 32.62 18.98 6.84
C ILE B 531 34.06 19.15 7.27
N PHE B 532 34.40 20.40 7.58
CA PHE B 532 35.77 20.77 7.91
C PHE B 532 35.76 21.57 9.21
N ARG B 533 36.92 21.63 9.86
CA ARG B 533 37.13 22.62 10.90
C ARG B 533 38.55 23.14 10.81
N ASP B 534 38.70 24.46 10.83
CA ASP B 534 39.98 25.11 10.64
C ASP B 534 39.96 26.43 11.41
N ASN B 535 40.90 27.33 11.08
CA ASN B 535 41.06 28.57 11.84
C ASN B 535 39.85 29.49 11.75
N ASN B 536 38.97 29.28 10.78
CA ASN B 536 37.76 30.10 10.65
C ASN B 536 36.60 29.58 11.49
N TYR B 537 36.81 28.51 12.27
CA TYR B 537 35.70 27.87 12.98
C TYR B 537 34.97 28.87 13.88
N GLU B 538 35.71 29.66 14.66
CA GLU B 538 35.08 30.49 15.67
C GLU B 538 34.30 31.65 15.05
N GLU B 539 34.82 32.24 13.97
CA GLU B 539 34.09 33.34 13.33
C GLU B 539 32.85 32.82 12.59
N ILE B 540 32.95 31.65 11.96
CA ILE B 540 31.78 31.06 11.32
C ILE B 540 30.70 30.77 12.36
N GLU B 541 31.10 30.15 13.47
CA GLU B 541 30.16 29.85 14.54
C GLU B 541 29.55 31.12 15.11
N ASN B 542 30.35 32.17 15.27
CA ASN B 542 29.83 33.40 15.82
C ASN B 542 28.83 34.05 14.88
N LEU B 543 29.11 34.03 13.57
CA LEU B 543 28.17 34.59 12.60
C LEU B 543 26.85 33.82 12.63
N SER B 544 26.93 32.49 12.73
CA SER B 544 25.73 31.68 12.80
C SER B 544 24.91 32.03 14.05
N LYS B 545 25.57 32.25 15.18
CA LYS B 545 24.86 32.60 16.41
C LYS B 545 24.19 33.96 16.29
N GLN B 546 24.82 34.92 15.63
CA GLN B 546 24.19 36.23 15.44
C GLN B 546 22.94 36.10 14.58
N ILE B 547 23.00 35.28 13.53
CA ILE B 547 21.86 35.08 12.66
C ILE B 547 20.69 34.48 13.43
N ILE B 548 20.96 33.48 14.26
CA ILE B 548 19.90 32.84 15.05
C ILE B 548 19.27 33.85 16.01
N SER B 549 20.09 34.70 16.64
CA SER B 549 19.56 35.71 17.54
C SER B 549 18.62 36.66 16.82
N ILE B 550 19.00 37.08 15.60
CA ILE B 550 18.16 38.01 14.85
C ILE B 550 16.86 37.34 14.44
N LEU B 551 16.93 36.09 13.99
CA LEU B 551 15.74 35.37 13.54
C LEU B 551 14.77 35.13 14.69
N LEU B 552 15.27 34.96 15.91
CA LEU B 552 14.43 34.75 17.07
C LEU B 552 13.95 36.05 17.71
N ASN B 553 14.42 37.20 17.22
CA ASN B 553 14.05 38.48 17.82
C ASN B 553 12.62 38.86 17.45
N LYS B 554 12.13 39.92 18.09
CA LYS B 554 10.80 40.42 17.79
C LYS B 554 10.77 41.17 16.46
N SER B 555 11.78 41.98 16.19
CA SER B 555 11.95 42.66 14.91
C SER B 555 13.06 41.94 14.15
N ILE B 556 12.71 41.31 13.04
CA ILE B 556 13.69 40.58 12.22
C ILE B 556 14.21 41.51 11.14
N ASP B 557 15.52 41.78 11.18
CA ASP B 557 16.20 42.57 10.15
C ASP B 557 16.70 41.62 9.09
N LYS B 558 15.86 41.37 8.08
CA LYS B 558 16.26 40.46 7.00
C LYS B 558 17.49 40.97 6.27
N GLY B 559 17.65 42.29 6.17
CA GLY B 559 18.84 42.84 5.54
C GLY B 559 20.10 42.52 6.30
N LYS B 560 20.06 42.61 7.64
CA LYS B 560 21.24 42.32 8.44
C LYS B 560 21.61 40.84 8.36
N VAL B 561 20.62 39.96 8.30
CA VAL B 561 20.91 38.53 8.17
C VAL B 561 21.67 38.26 6.88
N GLU B 562 21.25 38.91 5.79
CA GLU B 562 21.90 38.68 4.50
C GLU B 562 23.36 39.11 4.54
N LYS B 563 23.67 40.25 5.17
CA LYS B 563 25.05 40.67 5.33
C LYS B 563 25.86 39.62 6.07
N LEU B 564 25.33 39.11 7.19
CA LEU B 564 26.02 38.09 7.95
C LEU B 564 26.17 36.81 7.14
N GLN B 565 25.12 36.43 6.40
CA GLN B 565 25.19 35.22 5.59
C GLN B 565 26.25 35.34 4.49
N ILE B 566 26.32 36.48 3.83
CA ILE B 566 27.35 36.71 2.81
C ILE B 566 28.74 36.67 3.43
N LYS B 567 28.89 37.30 4.60
CA LYS B 567 30.17 37.26 5.29
C LYS B 567 30.57 35.83 5.62
N MET B 568 29.61 35.00 6.02
CA MET B 568 29.91 33.60 6.33
C MET B 568 30.21 32.80 5.07
N ASP B 569 29.47 33.07 3.99
CA ASP B 569 29.74 32.39 2.72
C ASP B 569 31.18 32.59 2.28
N ASN B 570 31.68 33.82 2.39
CA ASN B 570 33.03 34.10 1.93
C ASN B 570 34.07 33.41 2.81
N LEU B 571 33.82 33.33 4.12
CA LEU B 571 34.74 32.62 5.01
C LEU B 571 34.84 31.15 4.64
N ILE B 572 33.71 30.54 4.30
CA ILE B 572 33.72 29.14 3.91
C ILE B 572 34.41 28.95 2.56
N MET B 573 34.19 29.89 1.63
CA MET B 573 34.91 29.83 0.36
C MET B 573 36.41 29.94 0.58
N ASP B 574 36.83 30.82 1.49
CA ASP B 574 38.24 30.96 1.82
C ASP B 574 38.79 29.66 2.43
N SER B 575 38.04 29.05 3.34
CA SER B 575 38.51 27.84 4.01
C SER B 575 38.70 26.69 3.01
N LEU B 576 37.80 26.56 2.04
CA LEU B 576 37.83 25.44 1.11
C LEU B 576 38.63 25.74 -0.15
N GLY B 577 39.21 26.94 -0.26
CA GLY B 577 40.02 27.27 -1.41
C GLY B 577 39.25 27.32 -2.72
N ILE B 578 38.01 27.78 -2.68
CA ILE B 578 37.20 27.93 -3.88
C ILE B 578 36.81 29.38 -4.07
N ILE C 30 -46.61 20.29 -10.64
CA ILE C 30 -47.98 19.83 -10.88
C ILE C 30 -48.17 19.41 -12.33
N TYR C 31 -47.76 18.18 -12.66
CA TYR C 31 -47.83 17.65 -14.02
C TYR C 31 -48.88 16.55 -14.07
N TYR C 32 -49.93 16.77 -14.85
CA TYR C 32 -51.04 15.83 -14.96
C TYR C 32 -50.79 14.90 -16.14
N THR C 33 -50.61 13.62 -15.84
CA THR C 33 -50.45 12.62 -16.89
C THR C 33 -51.81 12.30 -17.51
N PRO C 34 -51.92 12.26 -18.84
CA PRO C 34 -53.22 12.00 -19.47
C PRO C 34 -53.79 10.66 -19.03
N LYS C 35 -55.12 10.62 -18.89
CA LYS C 35 -55.78 9.43 -18.37
C LYS C 35 -55.46 8.19 -19.19
N ILE C 36 -55.29 8.34 -20.50
CA ILE C 36 -54.99 7.21 -21.37
C ILE C 36 -53.64 6.60 -21.00
N ILE C 37 -52.67 7.44 -20.64
CA ILE C 37 -51.34 6.94 -20.29
C ILE C 37 -51.37 6.19 -18.97
N VAL C 38 -52.00 6.77 -17.95
CA VAL C 38 -51.98 6.14 -16.63
C VAL C 38 -52.76 4.83 -16.64
N ASP C 39 -53.87 4.78 -17.38
CA ASP C 39 -54.61 3.54 -17.49
C ASP C 39 -53.77 2.44 -18.13
N TYR C 40 -53.00 2.79 -19.17
CA TYR C 40 -52.12 1.83 -19.80
C TYR C 40 -51.04 1.34 -18.83
N ILE C 41 -50.44 2.26 -18.06
CA ILE C 41 -49.38 1.89 -17.15
C ILE C 41 -49.91 1.00 -16.02
N VAL C 42 -51.06 1.34 -15.46
CA VAL C 42 -51.66 0.50 -14.42
C VAL C 42 -51.98 -0.87 -14.99
N LYS C 43 -52.50 -0.93 -16.22
CA LYS C 43 -52.76 -2.21 -16.85
C LYS C 43 -51.49 -3.00 -17.06
N LYS C 44 -50.40 -2.32 -17.45
CA LYS C 44 -49.17 -3.01 -17.77
C LYS C 44 -48.62 -3.79 -16.57
N THR C 45 -48.90 -3.34 -15.36
CA THR C 45 -48.38 -3.99 -14.17
C THR C 45 -49.36 -4.99 -13.55
N LEU C 46 -50.65 -4.65 -13.47
CA LEU C 46 -51.62 -5.47 -12.74
C LEU C 46 -52.42 -6.43 -13.61
N LYS C 47 -52.14 -6.50 -14.92
CA LYS C 47 -52.99 -7.28 -15.81
C LYS C 47 -52.97 -8.77 -15.49
N ASN C 48 -51.85 -9.28 -14.99
CA ASN C 48 -51.68 -10.72 -14.79
C ASN C 48 -51.49 -11.08 -13.32
N HIS C 49 -51.86 -10.21 -12.40
CA HIS C 49 -51.69 -10.52 -10.98
C HIS C 49 -52.74 -11.54 -10.55
N ASP C 50 -52.29 -12.61 -9.89
CA ASP C 50 -53.18 -13.62 -9.32
C ASP C 50 -53.57 -13.15 -7.93
N ILE C 51 -54.74 -12.51 -7.83
CA ILE C 51 -55.18 -12.00 -6.54
C ILE C 51 -55.47 -13.13 -5.57
N ILE C 52 -55.82 -14.31 -6.09
CA ILE C 52 -56.07 -15.46 -5.22
C ILE C 52 -54.78 -15.96 -4.62
N LYS C 53 -53.73 -16.08 -5.44
CA LYS C 53 -52.44 -16.57 -4.93
C LYS C 53 -51.82 -15.57 -3.96
N ASN C 54 -51.78 -14.29 -4.34
CA ASN C 54 -51.28 -13.22 -3.48
C ASN C 54 -52.36 -12.17 -3.31
N PRO C 55 -53.15 -12.23 -2.24
CA PRO C 55 -54.15 -11.19 -1.98
C PRO C 55 -53.60 -9.94 -1.30
N TYR C 56 -52.29 -9.85 -1.10
CA TYR C 56 -51.67 -8.71 -0.43
C TYR C 56 -50.54 -8.17 -1.29
N PRO C 57 -50.87 -7.53 -2.42
CA PRO C 57 -49.81 -6.94 -3.26
C PRO C 57 -49.52 -5.51 -2.85
N ARG C 58 -48.24 -5.13 -2.95
CA ARG C 58 -47.80 -3.78 -2.62
C ARG C 58 -47.55 -3.01 -3.91
N ILE C 59 -48.38 -2.03 -4.18
CA ILE C 59 -48.25 -1.17 -5.35
C ILE C 59 -47.85 0.22 -4.88
N LEU C 60 -46.77 0.76 -5.45
CA LEU C 60 -46.19 2.01 -5.00
C LEU C 60 -46.07 2.98 -6.16
N ASP C 61 -46.41 4.24 -5.90
CA ASP C 61 -46.07 5.37 -6.76
C ASP C 61 -45.18 6.29 -5.94
N ILE C 62 -43.91 6.41 -6.34
CA ILE C 62 -42.91 7.12 -5.55
C ILE C 62 -42.89 8.62 -5.84
N SER C 63 -43.65 9.09 -6.82
CA SER C 63 -43.85 10.52 -7.09
C SER C 63 -45.34 10.77 -7.36
N CYS C 64 -46.19 10.27 -6.44
CA CYS C 64 -47.60 10.09 -6.72
C CYS C 64 -48.33 11.40 -6.99
N GLY C 65 -47.89 12.51 -6.39
CA GLY C 65 -48.61 13.75 -6.58
C GLY C 65 -50.01 13.66 -6.00
N CYS C 66 -50.98 14.21 -6.74
CA CYS C 66 -52.38 14.16 -6.31
C CYS C 66 -52.98 12.78 -6.46
N GLY C 67 -52.25 11.80 -6.98
CA GLY C 67 -52.74 10.44 -7.08
C GLY C 67 -53.32 10.07 -8.42
N ASN C 68 -52.72 10.60 -9.50
CA ASN C 68 -53.21 10.26 -10.85
C ASN C 68 -53.16 8.76 -11.07
N PHE C 69 -52.05 8.13 -10.70
CA PHE C 69 -51.89 6.69 -10.88
C PHE C 69 -52.56 5.90 -9.77
N LEU C 70 -52.38 6.33 -8.51
CA LEU C 70 -52.82 5.53 -7.38
C LEU C 70 -54.34 5.43 -7.30
N LEU C 71 -55.05 6.50 -7.65
CA LEU C 71 -56.50 6.44 -7.67
C LEU C 71 -57.00 5.42 -8.68
N GLU C 72 -56.33 5.32 -9.82
CA GLU C 72 -56.67 4.30 -10.81
C GLU C 72 -56.31 2.90 -10.32
N VAL C 73 -55.24 2.79 -9.53
CA VAL C 73 -54.91 1.50 -8.92
C VAL C 73 -56.02 1.04 -7.99
N TYR C 74 -56.59 1.98 -7.22
CA TYR C 74 -57.69 1.64 -6.30
C TYR C 74 -58.87 1.06 -7.07
N ASP C 75 -59.27 1.71 -8.16
CA ASP C 75 -60.42 1.23 -8.94
C ASP C 75 -60.16 -0.15 -9.52
N ILE C 76 -58.95 -0.38 -10.05
CA ILE C 76 -58.60 -1.68 -10.62
C ILE C 76 -58.58 -2.74 -9.53
N LEU C 77 -58.00 -2.43 -8.38
CA LEU C 77 -57.96 -3.38 -7.27
C LEU C 77 -59.37 -3.69 -6.76
N TYR C 78 -60.23 -2.67 -6.68
CA TYR C 78 -61.58 -2.88 -6.15
C TYR C 78 -62.36 -3.86 -7.00
N ASP C 79 -62.27 -3.74 -8.33
CA ASP C 79 -62.97 -4.67 -9.19
C ASP C 79 -62.34 -6.06 -9.16
N LEU C 80 -61.02 -6.13 -8.97
CA LEU C 80 -60.35 -7.44 -8.92
C LEU C 80 -60.75 -8.20 -7.66
N PHE C 81 -60.85 -7.51 -6.52
CA PHE C 81 -61.28 -8.17 -5.29
C PHE C 81 -62.75 -8.57 -5.35
N GLU C 82 -63.59 -7.72 -5.93
CA GLU C 82 -65.02 -8.03 -6.05
C GLU C 82 -65.24 -9.28 -6.91
N GLU C 83 -64.54 -9.37 -8.04
CA GLU C 83 -64.73 -10.50 -8.95
C GLU C 83 -64.30 -11.82 -8.31
N ASN C 84 -63.35 -11.78 -7.38
CA ASN C 84 -62.80 -12.99 -6.78
C ASN C 84 -63.15 -13.14 -5.30
N ILE C 85 -64.16 -12.39 -4.82
CA ILE C 85 -64.45 -12.41 -3.39
C ILE C 85 -64.98 -13.77 -2.94
N TYR C 86 -65.72 -14.46 -3.80
CA TYR C 86 -66.26 -15.76 -3.41
C TYR C 86 -65.15 -16.79 -3.24
N GLU C 87 -64.18 -16.82 -4.16
CA GLU C 87 -63.06 -17.75 -4.02
C GLU C 87 -62.16 -17.35 -2.87
N LEU C 88 -62.15 -16.07 -2.49
CA LEU C 88 -61.37 -15.64 -1.34
C LEU C 88 -61.92 -16.22 -0.04
N LYS C 89 -63.26 -16.31 0.08
CA LYS C 89 -63.87 -16.87 1.28
C LYS C 89 -63.52 -18.34 1.43
N LYS C 90 -63.50 -19.09 0.32
CA LYS C 90 -63.18 -20.52 0.40
C LYS C 90 -61.71 -20.73 0.76
N LYS C 91 -60.80 -19.98 0.14
CA LYS C 91 -59.37 -20.19 0.35
C LYS C 91 -58.92 -19.68 1.71
N TYR C 92 -59.40 -18.50 2.11
CA TYR C 92 -58.94 -17.83 3.32
C TYR C 92 -60.10 -17.70 4.31
N ASP C 93 -59.86 -16.93 5.37
CA ASP C 93 -60.88 -16.69 6.40
C ASP C 93 -62.13 -16.08 5.80
N GLU C 94 -63.24 -16.83 5.85
CA GLU C 94 -64.47 -16.38 5.20
C GLU C 94 -65.00 -15.10 5.84
N ASN C 95 -64.86 -14.98 7.17
CA ASN C 95 -65.39 -13.81 7.86
C ASN C 95 -64.63 -12.54 7.47
N TYR C 96 -63.32 -12.65 7.25
CA TYR C 96 -62.51 -11.46 6.94
C TYR C 96 -62.81 -10.92 5.54
N TRP C 97 -63.03 -11.81 4.57
CA TRP C 97 -63.16 -11.41 3.17
C TRP C 97 -64.62 -11.10 2.87
N THR C 98 -64.99 -9.83 3.02
CA THR C 98 -66.32 -9.35 2.69
C THR C 98 -66.20 -8.12 1.81
N VAL C 99 -67.28 -7.84 1.07
CA VAL C 99 -67.29 -6.66 0.21
C VAL C 99 -67.21 -5.39 1.04
N ASP C 100 -67.78 -5.40 2.25
CA ASP C 100 -67.75 -4.22 3.11
C ASP C 100 -66.32 -3.87 3.54
N ASN C 101 -65.47 -4.87 3.71
CA ASN C 101 -64.10 -4.64 4.15
C ASN C 101 -63.11 -4.50 3.00
N ILE C 102 -63.59 -4.54 1.75
CA ILE C 102 -62.70 -4.41 0.61
C ILE C 102 -62.04 -3.04 0.60
N HIS C 103 -62.80 -2.00 0.93
CA HIS C 103 -62.26 -0.63 0.98
C HIS C 103 -61.08 -0.53 1.93
N ARG C 104 -61.30 -0.85 3.21
CA ARG C 104 -60.24 -0.71 4.21
C ARG C 104 -59.06 -1.62 3.90
N HIS C 105 -59.29 -2.75 3.25
CA HIS C 105 -58.20 -3.66 2.93
C HIS C 105 -57.23 -3.03 1.92
N ILE C 106 -57.77 -2.30 0.94
CA ILE C 106 -56.92 -1.73 -0.10
C ILE C 106 -56.00 -0.66 0.47
N LEU C 107 -56.55 0.25 1.29
CA LEU C 107 -55.72 1.33 1.82
C LEU C 107 -54.73 0.83 2.85
N ASN C 108 -55.04 -0.26 3.55
CA ASN C 108 -54.20 -0.70 4.66
C ASN C 108 -52.99 -1.48 4.18
N TYR C 109 -53.16 -2.35 3.16
CA TYR C 109 -52.12 -3.29 2.79
C TYR C 109 -51.65 -3.21 1.35
N CYS C 110 -52.32 -2.44 0.49
CA CYS C 110 -52.06 -2.56 -0.95
C CYS C 110 -51.47 -1.31 -1.58
N ILE C 111 -51.99 -0.12 -1.26
CA ILE C 111 -51.59 1.11 -1.93
C ILE C 111 -50.56 1.85 -1.07
N TYR C 112 -49.46 2.24 -1.70
CA TYR C 112 -48.41 3.04 -1.08
C TYR C 112 -48.08 4.22 -1.98
N GLY C 113 -47.87 5.38 -1.37
CA GLY C 113 -47.57 6.58 -2.14
C GLY C 113 -46.60 7.49 -1.41
N ALA C 114 -45.84 8.25 -2.19
CA ALA C 114 -44.83 9.15 -1.65
C ALA C 114 -44.70 10.38 -2.54
N ASP C 115 -44.53 11.54 -1.91
CA ASP C 115 -44.31 12.79 -2.62
C ASP C 115 -43.87 13.85 -1.61
N ILE C 116 -43.06 14.80 -2.08
CA ILE C 116 -42.56 15.86 -1.20
C ILE C 116 -43.63 16.90 -0.93
N ASP C 117 -44.59 17.09 -1.84
CA ASP C 117 -45.59 18.14 -1.69
C ASP C 117 -46.62 17.73 -0.65
N GLU C 118 -46.61 18.43 0.50
CA GLU C 118 -47.57 18.12 1.56
C GLU C 118 -49.00 18.37 1.10
N LYS C 119 -49.23 19.46 0.36
CA LYS C 119 -50.57 19.77 -0.13
C LYS C 119 -51.09 18.68 -1.05
N ALA C 120 -50.23 18.16 -1.93
CA ALA C 120 -50.63 17.09 -2.84
C ALA C 120 -50.97 15.82 -2.08
N ILE C 121 -50.18 15.49 -1.06
CA ILE C 121 -50.46 14.29 -0.27
C ILE C 121 -51.78 14.46 0.48
N SER C 122 -52.06 15.66 0.98
CA SER C 122 -53.32 15.91 1.66
C SER C 122 -54.51 15.73 0.71
N ILE C 123 -54.37 16.20 -0.54
CA ILE C 123 -55.43 16.00 -1.52
C ILE C 123 -55.64 14.52 -1.78
N LEU C 124 -54.55 13.77 -1.92
CA LEU C 124 -54.66 12.34 -2.19
C LEU C 124 -55.30 11.61 -1.00
N LYS C 125 -54.94 11.98 0.22
CA LYS C 125 -55.54 11.33 1.39
C LYS C 125 -57.04 11.58 1.45
N ASP C 126 -57.47 12.81 1.15
CA ASP C 126 -58.90 13.11 1.12
C ASP C 126 -59.60 12.34 -0.01
N SER C 127 -58.97 12.26 -1.18
CA SER C 127 -59.57 11.54 -2.29
C SER C 127 -59.68 10.05 -2.00
N LEU C 128 -58.66 9.46 -1.37
CA LEU C 128 -58.72 8.04 -1.03
C LEU C 128 -59.76 7.78 0.05
N THR C 129 -59.90 8.68 1.02
CA THR C 129 -60.89 8.49 2.07
C THR C 129 -62.30 8.54 1.52
N ASN C 130 -62.55 9.38 0.51
CA ASN C 130 -63.86 9.55 -0.10
C ASN C 130 -64.16 8.49 -1.16
N LYS C 131 -63.27 7.53 -1.38
CA LYS C 131 -63.51 6.48 -2.36
C LYS C 131 -64.21 5.29 -1.71
N ILE C 142 -58.94 3.57 9.39
CA ILE C 142 -58.03 2.95 8.44
C ILE C 142 -56.78 3.81 8.24
N LYS C 143 -55.64 3.15 8.07
CA LYS C 143 -54.36 3.83 7.89
C LYS C 143 -53.95 3.75 6.42
N ILE C 144 -53.76 4.91 5.79
CA ILE C 144 -53.33 5.00 4.40
C ILE C 144 -51.82 5.20 4.39
N ASN C 145 -51.13 4.39 3.58
CA ASN C 145 -49.66 4.40 3.55
C ASN C 145 -49.18 5.51 2.61
N LEU C 146 -49.36 6.74 3.05
CA LEU C 146 -48.88 7.92 2.34
C LEU C 146 -47.74 8.56 3.13
N PHE C 147 -46.65 8.87 2.44
CA PHE C 147 -45.47 9.45 3.08
C PHE C 147 -45.11 10.75 2.39
N CYS C 148 -44.89 11.80 3.18
CA CYS C 148 -44.42 13.09 2.67
C CYS C 148 -42.94 13.17 2.99
N CYS C 149 -42.11 12.93 1.97
CA CYS C 149 -40.66 12.85 2.16
C CYS C 149 -39.99 12.88 0.80
N ASP C 150 -38.67 12.97 0.82
CA ASP C 150 -37.86 12.85 -0.39
C ASP C 150 -37.74 11.37 -0.73
N SER C 151 -38.38 10.96 -1.84
CA SER C 151 -38.43 9.55 -2.20
C SER C 151 -37.04 8.98 -2.47
N LEU C 152 -36.10 9.82 -2.89
CA LEU C 152 -34.75 9.33 -3.15
C LEU C 152 -33.97 9.06 -1.87
N LYS C 153 -34.49 9.46 -0.70
CA LYS C 153 -33.83 9.24 0.58
C LYS C 153 -34.56 8.31 1.52
N LYS C 154 -35.87 8.11 1.35
CA LYS C 154 -36.65 7.33 2.30
C LYS C 154 -36.24 5.86 2.26
N LYS C 155 -35.70 5.36 3.36
CA LYS C 155 -35.42 3.94 3.49
C LYS C 155 -36.72 3.16 3.58
N TRP C 156 -36.79 2.05 2.85
CA TRP C 156 -38.02 1.27 2.74
C TRP C 156 -37.86 -0.05 3.49
N ARG C 157 -38.83 -0.36 4.35
CA ARG C 157 -38.76 -1.59 5.14
C ARG C 157 -38.89 -2.83 4.27
N TYR C 158 -39.83 -2.82 3.33
CA TYR C 158 -40.09 -3.97 2.47
C TYR C 158 -40.20 -3.53 1.02
N LYS C 159 -39.80 -4.42 0.12
CA LYS C 159 -39.88 -4.14 -1.31
C LYS C 159 -41.33 -4.24 -1.78
N PHE C 160 -41.55 -3.94 -3.06
CA PHE C 160 -42.88 -3.80 -3.61
C PHE C 160 -43.07 -4.70 -4.83
N ASP C 161 -44.29 -5.19 -4.99
CA ASP C 161 -44.63 -6.05 -6.13
C ASP C 161 -44.77 -5.25 -7.41
N TYR C 162 -45.29 -4.02 -7.34
CA TYR C 162 -45.56 -3.24 -8.53
C TYR C 162 -45.26 -1.77 -8.26
N ILE C 163 -44.65 -1.11 -9.24
CA ILE C 163 -44.32 0.31 -9.15
C ILE C 163 -44.77 1.00 -10.43
N VAL C 164 -45.50 2.10 -10.27
CA VAL C 164 -46.00 2.89 -11.39
C VAL C 164 -45.74 4.36 -11.08
N GLY C 165 -45.80 5.18 -12.13
CA GLY C 165 -45.75 6.61 -11.90
C GLY C 165 -45.01 7.45 -12.93
N ASN C 166 -45.02 8.76 -12.70
CA ASN C 166 -44.39 9.73 -13.58
C ASN C 166 -43.44 10.57 -12.73
N PRO C 167 -42.14 10.25 -12.72
CA PRO C 167 -41.20 10.94 -11.83
C PRO C 167 -40.97 12.36 -12.28
N PRO C 168 -40.40 13.22 -11.42
CA PRO C 168 -40.05 14.57 -11.87
C PRO C 168 -38.85 14.55 -12.79
N TYR C 169 -38.87 15.43 -13.79
CA TYR C 169 -37.76 15.61 -14.72
C TYR C 169 -37.10 16.95 -14.42
N ILE C 170 -35.84 16.94 -13.99
CA ILE C 170 -35.11 18.16 -13.70
C ILE C 170 -33.69 18.01 -14.23
N GLY C 171 -33.30 18.87 -15.16
CA GLY C 171 -31.99 18.82 -15.77
C GLY C 171 -30.92 19.53 -14.95
N HIS C 172 -29.72 19.56 -15.53
CA HIS C 172 -28.54 20.05 -14.80
C HIS C 172 -28.62 21.55 -14.51
N LYS C 173 -29.33 22.30 -15.34
CA LYS C 173 -29.43 23.75 -15.11
C LYS C 173 -30.34 24.07 -13.93
N LYS C 174 -31.49 23.40 -13.84
CA LYS C 174 -32.54 23.78 -12.91
C LYS C 174 -32.50 23.03 -11.60
N LEU C 175 -31.53 22.13 -11.41
CA LEU C 175 -31.43 21.33 -10.20
C LEU C 175 -30.48 21.99 -9.22
N GLU C 176 -30.91 22.15 -7.98
CA GLU C 176 -30.11 22.85 -6.97
C GLU C 176 -28.76 22.16 -6.78
N LYS C 177 -27.70 22.97 -6.75
CA LYS C 177 -26.36 22.43 -6.68
C LYS C 177 -26.09 21.72 -5.35
N LYS C 178 -26.70 22.19 -4.25
CA LYS C 178 -26.53 21.50 -2.97
C LYS C 178 -27.07 20.08 -3.05
N TYR C 179 -28.23 19.91 -3.70
CA TYR C 179 -28.83 18.58 -3.82
C TYR C 179 -28.01 17.68 -4.74
N LYS C 180 -27.33 18.25 -5.73
CA LYS C 180 -26.51 17.45 -6.63
C LYS C 180 -25.39 16.73 -5.90
N LYS C 181 -24.81 17.39 -4.89
CA LYS C 181 -23.75 16.74 -4.12
C LYS C 181 -24.26 15.44 -3.49
N PHE C 182 -25.50 15.44 -3.04
CA PHE C 182 -26.11 14.20 -2.57
C PHE C 182 -26.31 13.20 -3.71
N LEU C 183 -26.81 13.66 -4.85
CA LEU C 183 -27.03 12.76 -5.98
C LEU C 183 -25.73 12.21 -6.53
N LEU C 184 -24.71 13.06 -6.66
CA LEU C 184 -23.42 12.63 -7.22
C LEU C 184 -22.72 11.61 -6.34
N GLU C 185 -23.13 11.46 -5.08
CA GLU C 185 -22.51 10.54 -4.14
C GLU C 185 -23.25 9.22 -4.03
N LYS C 186 -24.56 9.25 -3.78
CA LYS C 186 -25.34 8.04 -3.56
C LYS C 186 -25.99 7.49 -4.82
N TYR C 187 -26.02 8.25 -5.92
CA TYR C 187 -26.61 7.80 -7.17
C TYR C 187 -25.61 7.86 -8.31
N SER C 188 -24.32 7.74 -8.00
CA SER C 188 -23.27 7.87 -9.01
C SER C 188 -23.36 6.80 -10.09
N GLU C 189 -24.02 5.67 -9.81
CA GLU C 189 -24.14 4.63 -10.82
C GLU C 189 -24.97 5.07 -12.02
N VAL C 190 -25.85 6.05 -11.84
CA VAL C 190 -26.64 6.56 -12.96
C VAL C 190 -26.53 8.08 -13.13
N TYR C 191 -26.06 8.83 -12.14
CA TYR C 191 -26.09 10.29 -12.20
C TYR C 191 -24.67 10.84 -12.18
N LYS C 192 -24.23 11.37 -13.32
CA LYS C 192 -22.99 12.13 -13.42
C LYS C 192 -23.19 13.26 -14.43
N ASP C 193 -22.37 14.30 -14.30
CA ASP C 193 -22.27 15.35 -15.31
C ASP C 193 -23.63 15.96 -15.62
N LYS C 194 -24.04 15.91 -16.89
CA LYS C 194 -25.28 16.55 -17.33
C LYS C 194 -26.49 15.63 -17.25
N ALA C 195 -26.48 14.66 -16.35
CA ALA C 195 -27.59 13.73 -16.17
C ALA C 195 -28.82 14.46 -15.62
N ASP C 196 -29.94 13.74 -15.56
CA ASP C 196 -31.22 14.29 -15.15
C ASP C 196 -31.71 13.59 -13.89
N LEU C 197 -32.54 14.31 -13.11
CA LEU C 197 -33.03 13.76 -11.85
C LEU C 197 -33.83 12.48 -12.07
N TYR C 198 -34.56 12.36 -13.17
CA TYR C 198 -35.35 11.15 -13.37
C TYR C 198 -34.48 9.91 -13.56
N PHE C 199 -33.18 10.08 -13.83
CA PHE C 199 -32.28 8.92 -13.86
C PHE C 199 -32.26 8.23 -12.51
N CYS C 200 -32.25 9.02 -11.43
CA CYS C 200 -32.17 8.45 -10.08
C CYS C 200 -33.46 7.75 -9.69
N PHE C 201 -34.61 8.24 -10.16
CA PHE C 201 -35.87 7.57 -9.86
C PHE C 201 -35.93 6.20 -10.53
N TYR C 202 -35.38 6.07 -11.73
CA TYR C 202 -35.24 4.74 -12.34
C TYR C 202 -34.45 3.82 -11.44
N LYS C 203 -33.30 4.28 -10.93
CA LYS C 203 -32.49 3.44 -10.07
C LYS C 203 -33.23 3.10 -8.77
N LYS C 204 -33.88 4.09 -8.16
CA LYS C 204 -34.61 3.84 -6.92
C LYS C 204 -35.74 2.85 -7.15
N ILE C 205 -36.48 3.02 -8.24
CA ILE C 205 -37.59 2.11 -8.55
C ILE C 205 -37.07 0.70 -8.75
N ILE C 206 -35.98 0.55 -9.49
CA ILE C 206 -35.41 -0.78 -9.74
C ILE C 206 -34.96 -1.42 -8.43
N ASP C 207 -34.32 -0.65 -7.55
CA ASP C 207 -33.74 -1.22 -6.34
C ASP C 207 -34.80 -1.74 -5.37
N ILE C 208 -35.93 -1.03 -5.24
CA ILE C 208 -36.92 -1.39 -4.23
C ILE C 208 -38.03 -2.24 -4.86
N LEU C 209 -37.79 -2.74 -6.05
CA LEU C 209 -38.73 -3.65 -6.70
C LEU C 209 -38.45 -5.07 -6.23
N LYS C 210 -39.49 -5.75 -5.74
CA LYS C 210 -39.32 -7.11 -5.25
C LYS C 210 -39.05 -8.05 -6.41
N GLN C 211 -38.48 -9.21 -6.08
CA GLN C 211 -38.22 -10.23 -7.09
C GLN C 211 -39.53 -10.71 -7.70
N GLY C 212 -39.56 -10.77 -9.03
CA GLY C 212 -40.77 -11.09 -9.75
C GLY C 212 -41.72 -9.94 -9.96
N GLY C 213 -41.38 -8.75 -9.47
CA GLY C 213 -42.26 -7.60 -9.61
C GLY C 213 -42.19 -6.98 -10.99
N ILE C 214 -43.10 -6.03 -11.23
CA ILE C 214 -43.21 -5.34 -12.51
C ILE C 214 -43.26 -3.84 -12.26
N GLY C 215 -42.48 -3.09 -13.02
CA GLY C 215 -42.50 -1.63 -12.95
C GLY C 215 -42.80 -1.04 -14.31
N SER C 216 -43.55 0.06 -14.31
CA SER C 216 -43.92 0.75 -15.54
C SER C 216 -44.00 2.25 -15.26
N VAL C 217 -43.26 3.05 -16.03
CA VAL C 217 -43.18 4.50 -15.83
C VAL C 217 -43.22 5.21 -17.17
N ILE C 218 -43.60 6.48 -17.13
CA ILE C 218 -43.44 7.38 -18.27
C ILE C 218 -42.42 8.44 -17.89
N THR C 219 -41.39 8.58 -18.73
CA THR C 219 -40.27 9.48 -18.48
C THR C 219 -39.94 10.18 -19.80
N PRO C 220 -38.98 11.12 -19.82
CA PRO C 220 -38.49 11.58 -21.12
C PRO C 220 -37.85 10.44 -21.88
N ARG C 221 -37.91 10.52 -23.21
CA ARG C 221 -37.32 9.50 -24.07
C ARG C 221 -35.81 9.67 -24.24
N TYR C 222 -35.23 10.78 -23.78
CA TYR C 222 -33.89 11.17 -24.22
C TYR C 222 -32.81 10.21 -23.73
N PHE C 223 -33.02 9.54 -22.59
CA PHE C 223 -32.00 8.63 -22.08
C PHE C 223 -31.78 7.44 -23.00
N LEU C 224 -32.71 7.17 -23.92
CA LEU C 224 -32.54 6.05 -24.83
C LEU C 224 -31.37 6.26 -25.79
N GLU C 225 -31.03 7.51 -26.08
CA GLU C 225 -29.97 7.82 -27.04
C GLU C 225 -28.87 8.72 -26.49
N SER C 226 -29.11 9.45 -25.40
CA SER C 226 -28.22 10.53 -25.02
C SER C 226 -26.92 9.99 -24.45
N LEU C 227 -25.88 10.82 -24.57
CA LEU C 227 -24.60 10.50 -23.93
C LEU C 227 -24.74 10.41 -22.42
N SER C 228 -25.55 11.30 -21.83
CA SER C 228 -25.69 11.30 -20.38
C SER C 228 -26.40 10.05 -19.87
N GLY C 229 -27.19 9.39 -20.70
CA GLY C 229 -27.94 8.22 -20.29
C GLY C 229 -27.19 6.91 -20.42
N LYS C 230 -25.89 6.95 -20.74
CA LYS C 230 -25.14 5.72 -20.96
C LYS C 230 -25.16 4.83 -19.71
N ASP C 231 -24.86 5.42 -18.55
CA ASP C 231 -24.82 4.62 -17.32
C ASP C 231 -26.20 4.14 -16.93
N LEU C 232 -27.23 4.96 -17.15
CA LEU C 232 -28.60 4.54 -16.84
C LEU C 232 -29.02 3.35 -17.69
N ARG C 233 -28.71 3.39 -18.99
CA ARG C 233 -29.08 2.28 -19.87
C ARG C 233 -28.42 0.98 -19.41
N GLU C 234 -27.15 1.05 -19.01
CA GLU C 234 -26.46 -0.14 -18.49
C GLU C 234 -27.10 -0.63 -17.20
N TYR C 235 -27.45 0.28 -16.29
CA TYR C 235 -28.05 -0.11 -15.03
C TYR C 235 -29.40 -0.80 -15.27
N ILE C 236 -30.21 -0.23 -16.18
CA ILE C 236 -31.47 -0.87 -16.54
C ILE C 236 -31.22 -2.23 -17.18
N LYS C 237 -30.28 -2.28 -18.13
CA LYS C 237 -30.05 -3.49 -18.91
C LYS C 237 -29.61 -4.65 -18.04
N SER C 238 -28.81 -4.39 -17.02
CA SER C 238 -28.21 -5.47 -16.24
C SER C 238 -28.99 -5.83 -14.98
N ASN C 239 -30.06 -5.11 -14.65
CA ASN C 239 -30.78 -5.37 -13.40
C ASN C 239 -32.24 -5.74 -13.57
N VAL C 240 -32.86 -5.45 -14.72
CA VAL C 240 -34.24 -5.84 -14.97
C VAL C 240 -34.36 -6.39 -16.37
N ASN C 241 -35.46 -7.10 -16.63
CA ASN C 241 -35.84 -7.47 -17.97
C ASN C 241 -36.79 -6.40 -18.50
N VAL C 242 -36.41 -5.76 -19.61
CA VAL C 242 -37.26 -4.76 -20.23
C VAL C 242 -38.30 -5.48 -21.07
N GLN C 243 -39.57 -5.34 -20.71
CA GLN C 243 -40.64 -5.99 -21.45
C GLN C 243 -40.99 -5.19 -22.71
N GLU C 244 -41.13 -3.89 -22.57
CA GLU C 244 -41.72 -3.09 -23.65
C GLU C 244 -41.24 -1.65 -23.55
N ILE C 245 -41.02 -1.04 -24.72
CA ILE C 245 -40.70 0.37 -24.84
C ILE C 245 -41.73 0.98 -25.79
N VAL C 246 -42.45 1.99 -25.32
CA VAL C 246 -43.35 2.76 -26.15
C VAL C 246 -42.70 4.12 -26.36
N ASP C 247 -42.17 4.34 -27.57
CA ASP C 247 -41.45 5.56 -27.90
C ASP C 247 -42.38 6.46 -28.72
N PHE C 248 -42.76 7.60 -28.15
CA PHE C 248 -43.60 8.58 -28.82
C PHE C 248 -42.80 9.56 -29.67
N LEU C 249 -41.48 9.44 -29.69
CA LEU C 249 -40.60 10.29 -30.50
C LEU C 249 -40.92 11.75 -30.17
N GLY C 250 -41.13 12.62 -31.15
CA GLY C 250 -41.36 14.01 -30.87
C GLY C 250 -42.79 14.42 -30.60
N ALA C 251 -43.70 13.45 -30.46
CA ALA C 251 -45.11 13.76 -30.24
C ALA C 251 -45.28 14.53 -28.93
N ASN C 252 -46.43 15.20 -28.80
CA ASN C 252 -46.71 16.06 -27.64
C ASN C 252 -47.70 15.36 -26.74
N ILE C 253 -47.17 14.57 -25.80
CA ILE C 253 -48.03 13.85 -24.86
C ILE C 253 -48.59 14.79 -23.81
N PHE C 254 -47.78 15.70 -23.29
CA PHE C 254 -48.20 16.61 -22.23
C PHE C 254 -48.51 17.98 -22.83
N LYS C 255 -49.75 18.43 -22.65
CA LYS C 255 -50.19 19.69 -23.23
C LYS C 255 -49.39 20.85 -22.66
N ASN C 256 -48.92 21.73 -23.55
CA ASN C 256 -48.18 22.94 -23.19
C ASN C 256 -46.86 22.63 -22.48
N ILE C 257 -46.31 21.43 -22.67
CA ILE C 257 -45.03 21.05 -22.09
C ILE C 257 -44.10 20.65 -23.23
N GLY C 258 -42.91 21.24 -23.25
CA GLY C 258 -41.93 20.93 -24.27
C GLY C 258 -41.05 19.76 -23.92
N VAL C 259 -41.63 18.55 -23.85
CA VAL C 259 -40.86 17.34 -23.57
C VAL C 259 -41.36 16.23 -24.50
N SER C 260 -40.48 15.25 -24.73
CA SER C 260 -40.82 14.07 -25.52
C SER C 260 -40.71 12.83 -24.63
N SER C 261 -41.67 11.93 -24.77
CA SER C 261 -41.97 10.95 -23.74
C SER C 261 -41.78 9.53 -24.23
N CYS C 262 -41.56 8.63 -23.28
CA CYS C 262 -41.59 7.20 -23.56
C CYS C 262 -42.14 6.48 -22.33
N ILE C 263 -42.64 5.27 -22.56
CA ILE C 263 -43.16 4.41 -21.51
C ILE C 263 -42.30 3.15 -21.45
N LEU C 264 -41.77 2.86 -20.27
CA LEU C 264 -40.88 1.71 -20.07
C LEU C 264 -41.53 0.75 -19.08
N THR C 265 -41.68 -0.50 -19.50
CA THR C 265 -42.21 -1.56 -18.64
C THR C 265 -41.14 -2.64 -18.47
N PHE C 266 -40.87 -3.00 -17.23
CA PHE C 266 -39.77 -3.91 -16.92
C PHE C 266 -40.14 -4.76 -15.71
N ASP C 267 -39.44 -5.87 -15.55
CA ASP C 267 -39.73 -6.83 -14.49
C ASP C 267 -38.44 -7.42 -13.96
N LYS C 268 -38.54 -8.06 -12.80
CA LYS C 268 -37.46 -8.82 -12.19
C LYS C 268 -37.80 -10.31 -12.12
N LYS C 269 -38.42 -10.83 -13.18
CA LYS C 269 -38.81 -12.23 -13.23
C LYS C 269 -37.66 -13.09 -13.74
N LYS C 270 -37.88 -14.41 -13.73
CA LYS C 270 -36.90 -15.34 -14.28
C LYS C 270 -36.74 -15.08 -15.77
N THR C 271 -35.52 -14.77 -16.19
CA THR C 271 -35.27 -14.35 -17.56
C THR C 271 -35.59 -15.49 -18.54
N LYS C 272 -36.43 -15.19 -19.52
CA LYS C 272 -36.80 -16.13 -20.56
C LYS C 272 -36.20 -15.69 -21.90
N GLU C 273 -36.55 -16.43 -22.95
CA GLU C 273 -36.10 -16.12 -24.30
C GLU C 273 -36.90 -14.98 -24.94
N THR C 274 -37.75 -14.31 -24.17
CA THR C 274 -38.57 -13.23 -24.71
C THR C 274 -37.72 -12.04 -25.13
N TYR C 275 -38.16 -11.39 -26.21
CA TYR C 275 -37.52 -10.18 -26.70
C TYR C 275 -38.17 -8.96 -26.05
N ILE C 276 -37.65 -7.78 -26.38
CA ILE C 276 -38.25 -6.52 -25.97
C ILE C 276 -39.19 -6.06 -27.06
N ASP C 277 -40.44 -5.76 -26.68
CA ASP C 277 -41.42 -5.22 -27.61
C ASP C 277 -41.22 -3.70 -27.71
N VAL C 278 -40.90 -3.22 -28.90
CA VAL C 278 -40.65 -1.80 -29.11
C VAL C 278 -41.75 -1.25 -30.00
N PHE C 279 -42.43 -0.21 -29.53
CA PHE C 279 -43.44 0.51 -30.31
C PHE C 279 -42.93 1.93 -30.56
N LYS C 280 -42.64 2.23 -31.82
CA LYS C 280 -42.22 3.57 -32.24
C LYS C 280 -43.32 4.22 -33.07
N ILE C 281 -43.73 5.42 -32.67
CA ILE C 281 -44.79 6.11 -33.38
C ILE C 281 -44.32 6.47 -34.78
N LYS C 282 -45.24 6.42 -35.75
CA LYS C 282 -44.90 6.72 -37.13
C LYS C 282 -45.28 8.13 -37.54
N ASN C 283 -46.30 8.72 -36.90
CA ASN C 283 -46.72 10.08 -37.15
C ASN C 283 -46.63 10.87 -35.85
N GLU C 284 -45.70 11.82 -35.79
CA GLU C 284 -45.53 12.62 -34.59
C GLU C 284 -46.65 13.63 -34.37
N ASP C 285 -47.58 13.78 -35.32
CA ASP C 285 -48.61 14.81 -35.24
C ASP C 285 -49.87 14.36 -34.53
N ILE C 286 -49.92 13.13 -34.02
CA ILE C 286 -51.15 12.63 -33.43
C ILE C 286 -51.45 13.40 -32.14
N CYS C 287 -52.74 13.58 -31.86
CA CYS C 287 -53.19 14.17 -30.61
C CYS C 287 -53.63 13.04 -29.68
N ILE C 288 -53.00 12.99 -28.49
CA ILE C 288 -53.18 11.84 -27.61
C ILE C 288 -54.60 11.76 -27.08
N ASN C 289 -55.27 12.90 -26.90
CA ASN C 289 -56.60 12.93 -26.30
C ASN C 289 -57.71 12.50 -27.25
N LYS C 290 -57.39 12.20 -28.50
CA LYS C 290 -58.40 11.85 -29.50
C LYS C 290 -58.65 10.34 -29.57
N PHE C 291 -58.09 9.56 -28.64
CA PHE C 291 -58.21 8.10 -28.69
C PHE C 291 -58.70 7.57 -27.35
N GLU C 292 -59.57 6.56 -27.42
CA GLU C 292 -60.20 6.02 -26.21
C GLU C 292 -59.21 5.22 -25.37
N THR C 293 -58.28 4.52 -26.01
CA THR C 293 -57.27 3.73 -25.32
C THR C 293 -55.95 3.85 -26.05
N LEU C 294 -54.85 3.59 -25.32
CA LEU C 294 -53.55 3.56 -25.96
C LEU C 294 -53.37 2.33 -26.82
N GLU C 295 -54.01 1.21 -26.44
CA GLU C 295 -53.93 -0.01 -27.24
C GLU C 295 -54.47 0.21 -28.65
N GLU C 296 -55.48 1.07 -28.80
CA GLU C 296 -55.98 1.39 -30.12
C GLU C 296 -54.87 1.97 -30.99
N LEU C 297 -54.06 2.86 -30.42
CA LEU C 297 -52.92 3.42 -31.16
C LEU C 297 -51.88 2.34 -31.44
N LEU C 298 -51.47 1.59 -30.41
CA LEU C 298 -50.35 0.67 -30.55
C LEU C 298 -50.66 -0.44 -31.55
N LYS C 299 -51.91 -0.90 -31.57
CA LYS C 299 -52.33 -1.99 -32.44
C LYS C 299 -52.83 -1.51 -33.79
N SER C 300 -52.31 -0.38 -34.28
CA SER C 300 -52.78 0.25 -35.50
C SER C 300 -51.60 0.60 -36.40
N SER C 301 -51.91 1.18 -37.56
CA SER C 301 -50.91 1.63 -38.50
C SER C 301 -50.10 2.81 -38.01
N LYS C 302 -50.54 3.46 -36.92
CA LYS C 302 -49.85 4.65 -36.42
C LYS C 302 -48.62 4.33 -35.61
N PHE C 303 -48.35 3.05 -35.32
CA PHE C 303 -47.18 2.64 -34.58
C PHE C 303 -46.50 1.48 -35.28
N GLU C 304 -45.18 1.51 -35.35
CA GLU C 304 -44.40 0.38 -35.82
C GLU C 304 -43.97 -0.46 -34.64
N HIS C 305 -43.97 -1.78 -34.83
CA HIS C 305 -43.53 -2.71 -33.80
C HIS C 305 -42.39 -3.58 -34.31
N PHE C 306 -41.43 -3.85 -33.44
CA PHE C 306 -40.37 -4.80 -33.75
C PHE C 306 -39.78 -5.31 -32.44
N ASN C 307 -39.10 -6.44 -32.52
CA ASN C 307 -38.52 -7.10 -31.35
C ASN C 307 -37.03 -6.77 -31.25
N ILE C 308 -36.56 -6.63 -30.02
CA ILE C 308 -35.15 -6.37 -29.73
C ILE C 308 -34.69 -7.38 -28.69
N ASN C 309 -33.56 -8.03 -28.97
CA ASN C 309 -32.96 -8.95 -28.00
C ASN C 309 -32.17 -8.14 -26.98
N GLN C 310 -32.59 -8.22 -25.71
CA GLN C 310 -31.93 -7.45 -24.66
C GLN C 310 -30.48 -7.87 -24.47
N ARG C 311 -30.18 -9.16 -24.65
CA ARG C 311 -28.82 -9.64 -24.48
C ARG C 311 -27.86 -9.04 -25.51
N LEU C 312 -28.38 -8.68 -26.68
CA LEU C 312 -27.56 -8.13 -27.76
C LEU C 312 -27.35 -6.62 -27.65
N LEU C 313 -27.97 -5.97 -26.66
CA LEU C 313 -27.77 -4.53 -26.51
C LEU C 313 -26.35 -4.22 -26.04
N SER C 314 -25.74 -3.23 -26.68
CA SER C 314 -24.46 -2.70 -26.24
C SER C 314 -24.71 -1.54 -25.28
N ASP C 315 -23.67 -0.73 -25.04
CA ASP C 315 -23.86 0.50 -24.27
C ASP C 315 -24.82 1.46 -24.97
N GLU C 316 -24.91 1.36 -26.30
CA GLU C 316 -25.87 2.14 -27.07
C GLU C 316 -27.02 1.23 -27.49
N TRP C 317 -28.25 1.71 -27.30
CA TRP C 317 -29.44 0.94 -27.64
C TRP C 317 -29.89 1.33 -29.03
N ILE C 318 -29.60 0.48 -30.01
CA ILE C 318 -30.01 0.72 -31.39
C ILE C 318 -31.36 0.03 -31.57
N LEU C 319 -32.44 0.80 -31.34
CA LEU C 319 -33.80 0.28 -31.40
C LEU C 319 -34.38 0.56 -32.78
N VAL C 320 -34.03 -0.29 -33.73
CA VAL C 320 -34.49 -0.18 -35.11
C VAL C 320 -34.88 -1.57 -35.61
N ASN C 321 -35.60 -1.60 -36.73
CA ASN C 321 -36.00 -2.86 -37.32
C ASN C 321 -34.82 -3.52 -38.06
N LYS C 322 -35.06 -4.72 -38.58
CA LYS C 322 -33.98 -5.50 -39.19
C LYS C 322 -33.39 -4.79 -40.41
N ASP C 323 -34.24 -4.12 -41.20
CA ASP C 323 -33.75 -3.44 -42.40
C ASP C 323 -32.80 -2.31 -42.04
N ASP C 324 -33.17 -1.49 -41.05
CA ASP C 324 -32.30 -0.41 -40.63
C ASP C 324 -31.02 -0.94 -40.00
N GLU C 325 -31.11 -2.02 -39.23
CA GLU C 325 -29.93 -2.61 -38.62
C GLU C 325 -28.94 -3.07 -39.69
N THR C 326 -29.44 -3.75 -40.72
CA THR C 326 -28.58 -4.17 -41.82
C THR C 326 -28.00 -2.97 -42.55
N PHE C 327 -28.82 -1.97 -42.83
CA PHE C 327 -28.36 -0.75 -43.48
C PHE C 327 -27.28 -0.06 -42.64
N TYR C 328 -27.53 0.08 -41.33
CA TYR C 328 -26.58 0.72 -40.46
C TYR C 328 -25.26 -0.04 -40.39
N ASN C 329 -25.33 -1.37 -40.27
CA ASN C 329 -24.12 -2.17 -40.14
C ASN C 329 -23.31 -2.20 -41.43
N LYS C 330 -23.97 -2.15 -42.58
CA LYS C 330 -23.24 -2.10 -43.85
C LYS C 330 -22.36 -0.86 -43.92
N ILE C 331 -22.92 0.30 -43.56
CA ILE C 331 -22.16 1.54 -43.63
C ILE C 331 -21.01 1.54 -42.63
N GLN C 332 -21.26 1.02 -41.43
CA GLN C 332 -20.22 1.02 -40.40
C GLN C 332 -19.02 0.18 -40.81
N GLU C 333 -19.27 -0.96 -41.46
CA GLU C 333 -18.17 -1.84 -41.85
C GLU C 333 -17.40 -1.28 -43.04
N LYS C 334 -18.10 -0.68 -44.00
CA LYS C 334 -17.45 -0.25 -45.23
C LYS C 334 -16.53 0.95 -45.01
N CYS C 335 -16.84 1.81 -44.05
CA CYS C 335 -16.13 3.08 -43.87
C CYS C 335 -14.93 2.90 -42.96
N LYS C 336 -13.75 3.25 -43.46
CA LYS C 336 -12.52 3.12 -42.71
C LYS C 336 -12.26 4.32 -41.78
N TYR C 337 -12.97 5.42 -41.97
CA TYR C 337 -12.71 6.65 -41.22
C TYR C 337 -13.98 7.11 -40.50
N SER C 338 -13.77 7.98 -39.52
CA SER C 338 -14.85 8.74 -38.90
C SER C 338 -14.50 10.22 -39.00
N LEU C 339 -15.52 11.07 -38.86
CA LEU C 339 -15.27 12.52 -38.86
C LEU C 339 -14.32 12.93 -37.74
N GLU C 340 -14.40 12.24 -36.60
CA GLU C 340 -13.49 12.54 -35.50
C GLU C 340 -12.04 12.29 -35.89
N ASP C 341 -11.79 11.27 -36.73
CA ASP C 341 -10.43 10.96 -37.14
C ASP C 341 -9.83 12.08 -37.97
N ILE C 342 -10.62 12.69 -38.85
CA ILE C 342 -10.08 13.57 -39.88
C ILE C 342 -10.33 15.05 -39.62
N ALA C 343 -11.09 15.40 -38.58
CA ALA C 343 -11.55 16.77 -38.43
C ALA C 343 -11.42 17.22 -36.98
N ILE C 344 -11.27 18.54 -36.81
CA ILE C 344 -11.27 19.18 -35.49
C ILE C 344 -12.64 19.82 -35.29
N SER C 345 -13.34 19.40 -34.25
CA SER C 345 -14.67 19.89 -33.95
C SER C 345 -14.63 20.91 -32.82
N PHE C 346 -15.55 21.88 -32.86
CA PHE C 346 -15.64 22.82 -31.75
C PHE C 346 -17.02 23.47 -31.72
N GLN C 347 -17.45 23.79 -30.50
CA GLN C 347 -18.69 24.51 -30.25
C GLN C 347 -18.47 26.01 -30.47
N GLY C 348 -19.57 26.71 -30.76
CA GLY C 348 -19.49 28.12 -31.06
C GLY C 348 -19.23 28.99 -29.84
N ILE C 349 -19.18 30.30 -30.09
CA ILE C 349 -19.01 31.27 -29.01
C ILE C 349 -20.17 31.17 -28.03
N ILE C 350 -19.86 31.28 -26.75
CA ILE C 350 -20.88 31.44 -25.72
C ILE C 350 -20.58 32.76 -25.02
N THR C 351 -21.31 33.81 -25.38
CA THR C 351 -21.04 35.13 -24.80
C THR C 351 -21.40 35.16 -23.32
N GLY C 352 -22.44 34.44 -22.92
CA GLY C 352 -23.02 34.56 -21.60
C GLY C 352 -24.17 35.53 -21.51
N CYS C 353 -24.25 36.49 -22.45
CA CYS C 353 -25.39 37.40 -22.53
C CYS C 353 -25.39 38.00 -23.94
N ASP C 354 -26.20 37.42 -24.83
CA ASP C 354 -26.12 37.82 -26.24
C ASP C 354 -26.51 39.28 -26.44
N LYS C 355 -27.48 39.78 -25.67
CA LYS C 355 -27.95 41.14 -25.84
C LYS C 355 -26.86 42.18 -25.60
N ALA C 356 -25.80 41.83 -24.86
CA ALA C 356 -24.70 42.76 -24.63
C ALA C 356 -23.69 42.79 -25.77
N PHE C 357 -23.62 41.74 -26.60
CA PHE C 357 -22.56 41.60 -27.58
C PHE C 357 -23.04 41.48 -29.02
N ILE C 358 -24.31 41.14 -29.25
CA ILE C 358 -24.83 40.85 -30.58
C ILE C 358 -25.72 42.02 -31.00
N LEU C 359 -25.43 42.59 -32.17
CA LEU C 359 -26.23 43.68 -32.71
C LEU C 359 -26.57 43.38 -34.17
N SER C 360 -27.73 43.86 -34.59
CA SER C 360 -28.11 43.79 -35.99
C SER C 360 -27.13 44.63 -36.81
N LYS C 361 -26.79 44.16 -38.01
CA LYS C 361 -25.73 44.79 -38.77
C LYS C 361 -26.09 46.20 -39.25
N ASP C 362 -27.36 46.59 -39.15
CA ASP C 362 -27.77 47.95 -39.46
C ASP C 362 -28.07 48.79 -38.22
N ASP C 363 -27.83 48.26 -37.03
CA ASP C 363 -28.01 49.04 -35.80
C ASP C 363 -27.04 50.22 -35.79
N VAL C 364 -27.56 51.40 -35.47
CA VAL C 364 -26.74 52.61 -35.54
C VAL C 364 -25.61 52.59 -34.52
N LYS C 365 -25.78 51.86 -33.42
CA LYS C 365 -24.75 51.80 -32.39
C LYS C 365 -23.47 51.12 -32.86
N LEU C 366 -23.51 50.42 -34.01
CA LEU C 366 -22.28 49.88 -34.59
C LEU C 366 -21.31 50.98 -34.97
N ASN C 367 -21.77 52.24 -35.07
CA ASN C 367 -20.87 53.35 -35.33
C ASN C 367 -19.90 53.57 -34.17
N LEU C 368 -20.25 53.12 -32.97
CA LEU C 368 -19.36 53.24 -31.82
C LEU C 368 -18.29 52.16 -31.76
N VAL C 369 -18.34 51.17 -32.64
CA VAL C 369 -17.46 50.01 -32.57
C VAL C 369 -16.51 50.01 -33.77
N ASP C 370 -15.22 50.00 -33.48
CA ASP C 370 -14.23 49.85 -34.55
C ASP C 370 -14.44 48.52 -35.26
N ASP C 371 -14.29 48.53 -36.59
CA ASP C 371 -14.57 47.34 -37.38
C ASP C 371 -13.68 46.15 -37.02
N LYS C 372 -12.49 46.41 -36.46
CA LYS C 372 -11.61 45.30 -36.11
C LYS C 372 -12.19 44.43 -35.01
N PHE C 373 -13.12 44.96 -34.21
CA PHE C 373 -13.78 44.18 -33.17
C PHE C 373 -14.99 43.40 -33.66
N LEU C 374 -15.47 43.67 -34.88
CA LEU C 374 -16.75 43.12 -35.33
C LEU C 374 -16.56 41.84 -36.14
N LYS C 375 -17.40 40.85 -35.84
CA LYS C 375 -17.40 39.58 -36.55
C LYS C 375 -18.79 39.32 -37.11
N CYS C 376 -18.85 38.65 -38.26
CA CYS C 376 -20.13 38.17 -38.78
C CYS C 376 -20.68 37.08 -37.86
N TRP C 377 -21.99 37.13 -37.62
CA TRP C 377 -22.66 36.28 -36.64
C TRP C 377 -23.89 35.65 -37.28
N ILE C 378 -23.92 34.31 -37.32
CA ILE C 378 -25.04 33.60 -37.92
C ILE C 378 -25.74 32.78 -36.84
N LYS C 379 -27.00 32.43 -37.12
CA LYS C 379 -27.82 31.59 -36.27
C LYS C 379 -28.11 30.27 -36.97
N SER C 380 -28.75 29.35 -36.24
CA SER C 380 -29.01 28.02 -36.79
C SER C 380 -29.85 28.08 -38.06
N LYS C 381 -30.76 29.06 -38.16
CA LYS C 381 -31.61 29.13 -39.35
C LYS C 381 -30.85 29.58 -40.59
N ASN C 382 -29.64 30.12 -40.44
CA ASN C 382 -28.87 30.54 -41.60
C ASN C 382 -28.23 29.37 -42.35
N ILE C 383 -28.18 28.18 -41.76
CA ILE C 383 -27.48 27.05 -42.35
C ILE C 383 -28.42 26.30 -43.29
N ASN C 384 -28.03 26.19 -44.55
CA ASN C 384 -28.70 25.31 -45.50
C ASN C 384 -27.74 24.16 -45.84
N LYS C 385 -28.22 23.24 -46.68
CA LYS C 385 -27.31 22.28 -47.30
C LYS C 385 -26.32 23.02 -48.19
N TYR C 386 -25.04 22.77 -47.97
CA TYR C 386 -23.88 23.21 -48.75
C TYR C 386 -23.48 24.68 -48.60
N ILE C 387 -24.37 25.56 -48.12
CA ILE C 387 -24.07 26.99 -48.10
C ILE C 387 -24.81 27.66 -46.95
N VAL C 388 -24.27 28.80 -46.52
CA VAL C 388 -24.77 29.57 -45.39
C VAL C 388 -25.40 30.85 -45.92
N ASP C 389 -26.55 31.22 -45.37
CA ASP C 389 -27.13 32.52 -45.69
C ASP C 389 -26.20 33.64 -45.23
N LYS C 390 -26.29 34.79 -45.91
CA LYS C 390 -25.56 35.97 -45.49
C LYS C 390 -25.95 36.35 -44.06
N SER C 391 -24.96 36.78 -43.28
CA SER C 391 -25.21 37.09 -41.88
C SER C 391 -25.98 38.39 -41.73
N GLU C 392 -26.86 38.43 -40.73
CA GLU C 392 -27.66 39.61 -40.41
C GLU C 392 -27.20 40.32 -39.15
N TYR C 393 -26.37 39.69 -38.34
CA TYR C 393 -25.92 40.23 -37.07
C TYR C 393 -24.40 40.37 -37.05
N ARG C 394 -23.93 41.12 -36.06
CA ARG C 394 -22.50 41.30 -35.81
C ARG C 394 -22.19 41.00 -34.35
N LEU C 395 -21.05 40.37 -34.13
CA LEU C 395 -20.57 40.06 -32.79
C LEU C 395 -19.47 41.03 -32.41
N ILE C 396 -19.57 41.62 -31.22
CA ILE C 396 -18.51 42.45 -30.66
C ILE C 396 -17.57 41.51 -29.91
N TYR C 397 -16.43 41.19 -30.52
CA TYR C 397 -15.46 40.29 -29.90
C TYR C 397 -14.71 41.08 -28.84
N SER C 398 -15.36 41.24 -27.68
CA SER C 398 -14.88 42.16 -26.64
C SER C 398 -13.56 41.70 -26.01
N ASN C 399 -13.17 40.44 -26.20
CA ASN C 399 -11.90 39.98 -25.64
C ASN C 399 -10.71 40.72 -26.26
N ASP C 400 -10.89 41.38 -27.39
CA ASP C 400 -9.80 42.12 -28.03
C ASP C 400 -9.71 43.56 -27.53
N ILE C 401 -10.52 43.94 -26.55
CA ILE C 401 -10.38 45.23 -25.87
C ILE C 401 -9.46 45.02 -24.67
N ASP C 402 -8.33 45.72 -24.65
CA ASP C 402 -7.26 45.40 -23.71
C ASP C 402 -7.65 45.69 -22.26
N ASN C 403 -8.27 46.84 -22.02
CA ASN C 403 -8.71 47.19 -20.67
C ASN C 403 -9.92 48.12 -20.78
N GLU C 404 -10.44 48.51 -19.61
CA GLU C 404 -11.65 49.33 -19.59
C GLU C 404 -11.43 50.73 -20.16
N ASN C 405 -10.21 51.27 -20.01
CA ASN C 405 -9.96 52.68 -20.29
C ASN C 405 -9.61 52.97 -21.75
N THR C 406 -9.39 51.95 -22.58
CA THR C 406 -8.96 52.20 -23.96
C THR C 406 -10.13 52.42 -24.92
N ASN C 407 -11.25 51.70 -24.74
CA ASN C 407 -12.41 51.77 -25.63
C ASN C 407 -13.68 51.98 -24.81
N LYS C 408 -13.64 52.95 -23.90
CA LYS C 408 -14.68 53.10 -22.88
C LYS C 408 -16.07 53.20 -23.48
N ARG C 409 -16.21 53.88 -24.62
CA ARG C 409 -17.54 54.16 -25.16
C ARG C 409 -18.28 52.87 -25.51
N ILE C 410 -17.58 51.87 -26.03
CA ILE C 410 -18.22 50.59 -26.32
C ILE C 410 -18.74 49.97 -25.03
N LEU C 411 -17.91 49.96 -23.99
CA LEU C 411 -18.32 49.37 -22.72
C LEU C 411 -19.44 50.17 -22.07
N ASP C 412 -19.42 51.50 -22.20
CA ASP C 412 -20.42 52.31 -21.52
C ASP C 412 -21.77 52.24 -22.22
N GLU C 413 -21.78 52.23 -23.55
CA GLU C 413 -23.02 52.43 -24.29
C GLU C 413 -23.62 51.14 -24.85
N ILE C 414 -22.86 50.05 -24.92
CA ILE C 414 -23.39 48.83 -25.49
C ILE C 414 -23.32 47.69 -24.49
N ILE C 415 -22.09 47.30 -24.13
CA ILE C 415 -21.91 46.11 -23.30
C ILE C 415 -22.39 46.37 -21.88
N GLY C 416 -22.09 47.55 -21.33
CA GLY C 416 -22.41 47.86 -19.95
C GLY C 416 -23.90 47.96 -19.66
N LEU C 417 -24.74 47.99 -20.68
CA LEU C 417 -26.18 47.99 -20.44
C LEU C 417 -26.64 46.72 -19.75
N TYR C 418 -25.81 45.67 -19.74
CA TYR C 418 -26.13 44.41 -19.07
C TYR C 418 -25.04 44.04 -18.07
N LYS C 419 -24.38 45.05 -17.49
CA LYS C 419 -23.21 44.79 -16.66
C LYS C 419 -23.56 43.93 -15.45
N THR C 420 -24.72 44.18 -14.82
CA THR C 420 -25.12 43.39 -13.67
C THR C 420 -25.25 41.92 -14.04
N LYS C 421 -25.92 41.64 -15.16
CA LYS C 421 -26.06 40.24 -15.58
C LYS C 421 -24.70 39.66 -15.99
N LEU C 422 -23.85 40.47 -16.62
CA LEU C 422 -22.50 40.01 -16.97
C LEU C 422 -21.68 39.69 -15.73
N GLU C 423 -21.78 40.52 -14.70
CA GLU C 423 -21.01 40.27 -13.48
C GLU C 423 -21.47 39.02 -12.74
N ASN C 424 -22.68 38.54 -13.02
CA ASN C 424 -23.16 37.34 -12.34
C ASN C 424 -22.69 36.05 -13.00
N ARG C 425 -22.02 36.13 -14.15
CA ARG C 425 -21.48 34.92 -14.78
C ARG C 425 -20.39 34.32 -13.89
N ARG C 426 -20.27 32.99 -13.95
CA ARG C 426 -19.44 32.28 -12.98
C ARG C 426 -17.98 32.73 -13.04
N GLU C 427 -17.44 32.85 -14.26
CA GLU C 427 -16.02 33.21 -14.38
C GLU C 427 -15.76 34.66 -14.03
N CYS C 428 -16.80 35.51 -14.03
CA CYS C 428 -16.63 36.86 -13.51
C CYS C 428 -16.61 36.87 -11.99
N LYS C 429 -17.46 36.06 -11.36
CA LYS C 429 -17.47 36.02 -9.89
C LYS C 429 -16.17 35.43 -9.34
N SER C 430 -15.59 34.46 -10.05
CA SER C 430 -14.31 33.91 -9.63
C SER C 430 -13.13 34.82 -9.95
N GLY C 431 -13.36 35.89 -10.72
CA GLY C 431 -12.35 36.87 -10.99
C GLY C 431 -11.43 36.58 -12.15
N ILE C 432 -11.61 35.47 -12.86
CA ILE C 432 -10.73 35.15 -13.99
C ILE C 432 -11.22 35.74 -15.30
N ARG C 433 -12.43 36.29 -15.33
CA ARG C 433 -12.99 36.88 -16.54
C ARG C 433 -13.46 38.28 -16.22
N LYS C 434 -13.04 39.26 -17.03
CA LYS C 434 -13.53 40.62 -16.87
C LYS C 434 -15.02 40.69 -17.20
N TRP C 435 -15.70 41.68 -16.62
CA TRP C 435 -17.15 41.75 -16.76
C TRP C 435 -17.56 41.97 -18.21
N TYR C 436 -16.75 42.67 -18.99
CA TYR C 436 -17.11 42.99 -20.37
C TYR C 436 -16.61 41.95 -21.37
N GLU C 437 -15.89 40.93 -20.92
CA GLU C 437 -15.37 39.93 -21.85
C GLU C 437 -16.41 38.87 -22.15
N LEU C 438 -16.22 38.17 -23.26
CA LEU C 438 -17.05 37.02 -23.60
C LEU C 438 -16.77 35.88 -22.63
N GLN C 439 -17.82 35.19 -22.21
CA GLN C 439 -17.65 34.13 -21.21
C GLN C 439 -16.80 33.00 -21.77
N TRP C 440 -17.13 32.50 -22.95
CA TRP C 440 -16.33 31.48 -23.63
C TRP C 440 -16.03 31.98 -25.04
N GLY C 441 -14.94 32.74 -25.19
CA GLY C 441 -14.59 33.35 -26.46
C GLY C 441 -13.93 32.43 -27.47
N ARG C 442 -13.57 31.21 -27.08
CA ARG C 442 -13.00 30.19 -27.97
C ARG C 442 -11.73 30.77 -28.60
N GLU C 443 -11.40 30.35 -29.82
CA GLU C 443 -10.22 30.80 -30.53
C GLU C 443 -10.63 31.37 -31.88
N LYS C 444 -10.26 32.63 -32.13
CA LYS C 444 -10.65 33.28 -33.38
C LYS C 444 -10.09 32.54 -34.59
N LEU C 445 -8.86 32.02 -34.48
CA LEU C 445 -8.26 31.30 -35.58
C LEU C 445 -9.06 30.08 -36.01
N PHE C 446 -9.89 29.53 -35.12
CA PHE C 446 -10.74 28.41 -35.52
C PHE C 446 -11.89 28.87 -36.42
N PHE C 447 -12.50 30.02 -36.08
CA PHE C 447 -13.64 30.50 -36.88
C PHE C 447 -13.19 31.15 -38.18
N GLU C 448 -12.04 31.83 -38.17
CA GLU C 448 -11.63 32.67 -39.30
C GLU C 448 -10.84 31.86 -40.31
N ARG C 449 -11.52 30.87 -40.89
CA ARG C 449 -10.92 29.97 -41.87
C ARG C 449 -12.04 29.29 -42.62
N LYS C 450 -11.68 28.59 -43.70
CA LYS C 450 -12.63 27.74 -44.37
C LYS C 450 -13.01 26.59 -43.45
N LYS C 451 -14.32 26.34 -43.32
CA LYS C 451 -14.78 25.31 -42.41
C LYS C 451 -16.20 24.88 -42.79
N ILE C 452 -16.67 23.84 -42.15
CA ILE C 452 -18.03 23.34 -42.31
C ILE C 452 -18.81 23.67 -41.05
N MET C 453 -20.05 24.13 -41.23
CA MET C 453 -20.95 24.47 -40.13
C MET C 453 -22.28 23.77 -40.32
N TYR C 454 -22.94 23.45 -39.20
CA TYR C 454 -24.23 22.78 -39.23
C TYR C 454 -25.03 23.19 -37.99
N PRO C 455 -26.35 23.26 -38.09
CA PRO C 455 -27.15 23.67 -36.94
C PRO C 455 -27.16 22.59 -35.87
N TYR C 456 -27.29 23.04 -34.61
CA TYR C 456 -27.25 22.09 -33.49
C TYR C 456 -28.54 21.32 -33.34
N LYS C 457 -29.63 21.80 -33.92
CA LYS C 457 -30.93 21.13 -33.90
C LYS C 457 -31.57 21.36 -35.25
N SER C 458 -32.04 20.29 -35.90
CA SER C 458 -32.56 20.40 -37.25
C SER C 458 -33.42 19.19 -37.56
N ASN C 459 -34.20 19.31 -38.63
CA ASN C 459 -34.99 18.20 -39.15
C ASN C 459 -34.19 17.29 -40.08
N GLU C 460 -33.01 17.71 -40.52
CA GLU C 460 -32.30 16.96 -41.55
C GLU C 460 -30.83 17.36 -41.53
N ASN C 461 -30.02 16.59 -42.25
CA ASN C 461 -28.62 16.93 -42.39
C ASN C 461 -28.49 18.23 -43.18
N ARG C 462 -27.86 19.23 -42.55
CA ARG C 462 -27.59 20.52 -43.18
C ARG C 462 -26.15 20.87 -42.86
N PHE C 463 -25.23 20.46 -43.74
CA PHE C 463 -23.81 20.74 -43.57
C PHE C 463 -23.38 21.71 -44.66
N ALA C 464 -22.90 22.88 -44.26
CA ALA C 464 -22.55 23.92 -45.21
C ALA C 464 -21.09 24.28 -45.08
N ILE C 465 -20.48 24.61 -46.21
CA ILE C 465 -19.15 25.21 -46.21
C ILE C 465 -19.29 26.70 -45.93
N ASP C 466 -18.51 27.20 -44.99
CA ASP C 466 -18.48 28.62 -44.67
C ASP C 466 -17.27 29.25 -45.35
N TYR C 467 -17.51 30.23 -46.21
CA TYR C 467 -16.46 30.96 -46.90
C TYR C 467 -16.20 32.34 -46.31
N ASP C 468 -16.99 32.78 -45.33
CA ASP C 468 -17.02 34.19 -44.93
C ASP C 468 -16.57 34.40 -43.48
N ASN C 469 -15.87 33.44 -42.89
CA ASN C 469 -15.36 33.58 -41.53
C ASN C 469 -16.50 33.86 -40.55
N ASN C 470 -17.58 33.10 -40.68
CA ASN C 470 -18.75 33.30 -39.82
C ASN C 470 -18.47 32.83 -38.40
N PHE C 471 -18.86 33.65 -37.43
CA PHE C 471 -18.94 33.25 -36.03
C PHE C 471 -20.38 32.89 -35.69
N SER C 472 -20.55 32.13 -34.61
CA SER C 472 -21.87 31.70 -34.21
C SER C 472 -21.88 31.38 -32.72
N SER C 473 -23.08 31.29 -32.17
CA SER C 473 -23.26 30.83 -30.80
C SER C 473 -23.25 29.30 -30.78
N ALA C 474 -23.65 28.71 -29.64
CA ALA C 474 -23.67 27.27 -29.50
C ALA C 474 -24.80 26.61 -30.28
N ASP C 475 -25.63 27.37 -31.00
CA ASP C 475 -26.66 26.77 -31.83
C ASP C 475 -26.14 26.36 -33.20
N VAL C 476 -24.86 26.61 -33.48
CA VAL C 476 -24.21 26.17 -34.71
C VAL C 476 -22.87 25.58 -34.33
N TYR C 477 -22.60 24.36 -34.80
CA TYR C 477 -21.31 23.72 -34.60
C TYR C 477 -20.48 23.82 -35.86
N SER C 478 -19.16 23.75 -35.68
CA SER C 478 -18.21 23.87 -36.78
C SER C 478 -17.18 22.76 -36.68
N PHE C 479 -16.61 22.40 -37.83
CA PHE C 479 -15.37 21.64 -37.83
C PHE C 479 -14.56 22.00 -39.07
N PHE C 480 -13.25 21.78 -38.98
CA PHE C 480 -12.36 21.90 -40.13
C PHE C 480 -11.54 20.63 -40.25
N ILE C 481 -11.02 20.39 -41.45
CA ILE C 481 -10.29 19.17 -41.74
C ILE C 481 -8.87 19.27 -41.21
N LYS C 482 -8.37 18.20 -40.61
CA LYS C 482 -7.00 18.18 -40.11
C LYS C 482 -6.02 18.36 -41.27
N GLU C 483 -4.87 18.98 -40.96
CA GLU C 483 -3.89 19.28 -41.99
C GLU C 483 -3.40 18.00 -42.67
N GLU C 484 -3.18 16.93 -41.90
CA GLU C 484 -2.68 15.69 -42.48
C GLU C 484 -3.70 15.01 -43.40
N TYR C 485 -4.99 15.30 -43.23
CA TYR C 485 -6.03 14.68 -44.04
C TYR C 485 -6.49 15.55 -45.20
N LEU C 486 -5.86 16.71 -45.41
CA LEU C 486 -6.31 17.60 -46.49
C LEU C 486 -6.07 16.98 -47.87
N ASP C 487 -5.07 16.11 -48.00
CA ASP C 487 -4.80 15.47 -49.28
C ASP C 487 -5.76 14.31 -49.56
N LYS C 488 -6.47 13.81 -48.55
CA LYS C 488 -7.42 12.72 -48.74
C LYS C 488 -8.87 13.17 -48.83
N PHE C 489 -9.23 14.24 -48.13
CA PHE C 489 -10.60 14.71 -48.07
C PHE C 489 -10.66 16.21 -48.33
N SER C 490 -11.72 16.64 -49.00
CA SER C 490 -11.98 18.04 -49.25
C SER C 490 -13.31 18.42 -48.61
N TYR C 491 -13.48 19.73 -48.36
CA TYR C 491 -14.74 20.21 -47.84
C TYR C 491 -15.88 19.96 -48.82
N GLU C 492 -15.61 20.09 -50.12
CA GLU C 492 -16.65 19.87 -51.12
C GLU C 492 -17.11 18.42 -51.13
N TYR C 493 -16.17 17.48 -51.03
CA TYR C 493 -16.55 16.07 -50.95
C TYR C 493 -17.35 15.79 -49.69
N LEU C 494 -16.91 16.35 -48.54
CA LEU C 494 -17.55 16.02 -47.28
C LEU C 494 -19.00 16.51 -47.24
N VAL C 495 -19.25 17.76 -47.67
CA VAL C 495 -20.63 18.22 -47.67
C VAL C 495 -21.46 17.48 -48.70
N GLY C 496 -20.83 16.93 -49.74
CA GLY C 496 -21.56 16.11 -50.67
C GLY C 496 -22.14 14.88 -50.03
N ILE C 497 -21.31 14.14 -49.29
CA ILE C 497 -21.80 12.88 -48.72
C ILE C 497 -22.63 13.14 -47.47
N LEU C 498 -22.25 14.15 -46.67
CA LEU C 498 -22.99 14.40 -45.44
C LEU C 498 -24.40 14.90 -45.71
N ASN C 499 -24.63 15.57 -46.84
CA ASN C 499 -25.96 16.07 -47.16
C ASN C 499 -26.78 15.09 -47.98
N SER C 500 -26.25 13.91 -48.26
CA SER C 500 -26.95 12.97 -49.13
C SER C 500 -28.11 12.30 -48.39
N SER C 501 -29.02 11.74 -49.19
CA SER C 501 -30.12 10.98 -48.61
C SER C 501 -29.63 9.78 -47.81
N VAL C 502 -28.54 9.15 -48.25
CA VAL C 502 -27.99 8.01 -47.53
C VAL C 502 -27.56 8.41 -46.13
N TYR C 503 -26.81 9.50 -46.02
CA TYR C 503 -26.29 9.92 -44.72
C TYR C 503 -27.33 10.59 -43.85
N ASP C 504 -28.38 11.17 -44.42
CA ASP C 504 -29.49 11.66 -43.61
C ASP C 504 -30.15 10.49 -42.87
N LYS C 505 -30.45 9.41 -43.59
CA LYS C 505 -31.01 8.22 -42.97
C LYS C 505 -30.02 7.57 -42.01
N TYR C 506 -28.75 7.50 -42.40
CA TYR C 506 -27.73 6.87 -41.57
C TYR C 506 -27.58 7.58 -40.23
N PHE C 507 -27.53 8.91 -40.24
CA PHE C 507 -27.38 9.64 -38.98
C PHE C 507 -28.60 9.45 -38.08
N LYS C 508 -29.80 9.50 -38.65
CA LYS C 508 -31.02 9.46 -37.86
C LYS C 508 -31.29 8.09 -37.24
N ILE C 509 -30.52 7.06 -37.62
CA ILE C 509 -30.69 5.75 -36.99
C ILE C 509 -30.34 5.82 -35.51
N THR C 510 -29.30 6.58 -35.16
CA THR C 510 -28.87 6.71 -33.78
C THR C 510 -29.02 8.11 -33.22
N ALA C 511 -29.51 9.07 -34.00
CA ALA C 511 -29.57 10.45 -33.53
C ALA C 511 -30.58 10.60 -32.39
N LYS C 512 -30.40 11.67 -31.62
CA LYS C 512 -31.21 11.95 -30.44
C LYS C 512 -32.42 12.78 -30.86
N LYS C 513 -33.60 12.18 -30.80
CA LYS C 513 -34.85 12.86 -31.16
C LYS C 513 -35.27 13.78 -30.01
N MET C 514 -35.38 15.08 -30.29
CA MET C 514 -35.62 16.07 -29.25
C MET C 514 -37.10 16.47 -29.16
N SER C 515 -37.65 16.96 -30.27
CA SER C 515 -39.05 17.36 -30.33
C SER C 515 -39.53 17.07 -31.74
N LYS C 516 -40.76 17.47 -32.04
CA LYS C 516 -41.31 17.21 -33.36
C LYS C 516 -40.41 17.80 -34.44
N ASN C 517 -39.98 16.95 -35.38
CA ASN C 517 -39.14 17.33 -36.52
C ASN C 517 -37.79 17.89 -36.11
N ILE C 518 -37.29 17.59 -34.91
CA ILE C 518 -36.01 18.13 -34.46
C ILE C 518 -35.15 17.01 -33.91
N TYR C 519 -33.98 16.81 -34.51
CA TYR C 519 -32.93 15.94 -33.99
C TYR C 519 -31.79 16.80 -33.46
N ASP C 520 -31.09 16.29 -32.44
CA ASP C 520 -29.84 16.91 -32.01
C ASP C 520 -28.75 16.62 -33.03
N TYR C 521 -28.09 17.68 -33.49
CA TYR C 521 -26.87 17.55 -34.28
C TYR C 521 -25.73 18.11 -33.42
N TYR C 522 -25.21 17.27 -32.53
CA TYR C 522 -24.12 17.61 -31.63
C TYR C 522 -22.91 16.77 -31.96
N PRO C 523 -21.71 17.28 -31.70
CA PRO C 523 -20.50 16.50 -32.01
C PRO C 523 -20.48 15.12 -31.39
N ASN C 524 -21.08 14.94 -30.20
CA ASN C 524 -21.01 13.63 -29.54
C ASN C 524 -21.65 12.53 -30.38
N LYS C 525 -22.49 12.89 -31.34
CA LYS C 525 -22.89 11.92 -32.36
C LYS C 525 -22.43 12.28 -33.77
N VAL C 526 -22.36 13.56 -34.12
CA VAL C 526 -21.95 13.93 -35.47
C VAL C 526 -20.52 13.49 -35.75
N MET C 527 -19.62 13.68 -34.77
CA MET C 527 -18.24 13.28 -34.99
C MET C 527 -18.06 11.77 -35.07
N LYS C 528 -19.07 10.98 -34.69
CA LYS C 528 -18.99 9.53 -34.85
C LYS C 528 -19.44 9.06 -36.23
N ILE C 529 -19.95 9.95 -37.07
CA ILE C 529 -20.34 9.58 -38.43
C ILE C 529 -19.13 9.02 -39.17
N ARG C 530 -19.31 7.87 -39.79
CA ARG C 530 -18.21 7.24 -40.52
C ARG C 530 -18.29 7.62 -42.00
N ILE C 531 -17.11 7.76 -42.62
CA ILE C 531 -17.00 8.22 -43.99
C ILE C 531 -16.03 7.31 -44.74
N PHE C 532 -16.12 7.36 -46.07
CA PHE C 532 -15.39 6.46 -46.94
C PHE C 532 -14.66 7.26 -48.01
N ARG C 533 -13.85 6.55 -48.79
CA ARG C 533 -13.05 7.17 -49.85
C ARG C 533 -12.68 6.08 -50.82
N ASP C 534 -13.19 6.16 -52.05
CA ASP C 534 -13.00 5.11 -53.04
C ASP C 534 -12.98 5.74 -54.43
N ASN C 535 -13.19 4.91 -55.46
CA ASN C 535 -13.05 5.36 -56.84
C ASN C 535 -14.13 6.36 -57.26
N ASN C 536 -15.21 6.47 -56.51
CA ASN C 536 -16.27 7.43 -56.82
C ASN C 536 -15.98 8.81 -56.23
N TYR C 537 -14.82 9.01 -55.61
CA TYR C 537 -14.53 10.26 -54.92
C TYR C 537 -14.61 11.45 -55.86
N GLU C 538 -13.99 11.35 -57.03
CA GLU C 538 -13.87 12.51 -57.92
C GLU C 538 -15.23 12.99 -58.42
N GLU C 539 -16.09 12.07 -58.82
CA GLU C 539 -17.39 12.48 -59.35
C GLU C 539 -18.31 12.96 -58.25
N ILE C 540 -18.27 12.33 -57.07
CA ILE C 540 -19.04 12.83 -55.94
C ILE C 540 -18.62 14.25 -55.60
N GLU C 541 -17.30 14.49 -55.53
CA GLU C 541 -16.80 15.83 -55.30
C GLU C 541 -17.20 16.77 -56.43
N ASN C 542 -17.10 16.30 -57.67
CA ASN C 542 -17.46 17.12 -58.82
C ASN C 542 -18.92 17.51 -58.76
N LEU C 543 -19.80 16.55 -58.45
CA LEU C 543 -21.23 16.86 -58.34
C LEU C 543 -21.50 17.85 -57.21
N SER C 544 -20.77 17.73 -56.11
CA SER C 544 -20.93 18.68 -55.01
C SER C 544 -20.55 20.09 -55.46
N LYS C 545 -19.45 20.22 -56.22
CA LYS C 545 -19.05 21.53 -56.71
C LYS C 545 -20.09 22.14 -57.64
N GLN C 546 -20.69 21.31 -58.50
CA GLN C 546 -21.74 21.81 -59.38
C GLN C 546 -22.93 22.32 -58.58
N ILE C 547 -23.33 21.57 -57.55
CA ILE C 547 -24.47 21.98 -56.73
C ILE C 547 -24.17 23.31 -56.05
N ILE C 548 -22.98 23.43 -55.46
CA ILE C 548 -22.59 24.67 -54.79
C ILE C 548 -22.64 25.83 -55.77
N SER C 549 -22.13 25.62 -56.99
CA SER C 549 -22.12 26.68 -57.98
C SER C 549 -23.54 27.15 -58.30
N ILE C 550 -24.48 26.21 -58.47
CA ILE C 550 -25.86 26.57 -58.76
C ILE C 550 -26.50 27.29 -57.58
N LEU C 551 -26.24 26.81 -56.36
CA LEU C 551 -26.86 27.41 -55.19
C LEU C 551 -26.37 28.84 -54.95
N LEU C 552 -25.15 29.15 -55.37
CA LEU C 552 -24.59 30.50 -55.23
C LEU C 552 -24.92 31.40 -56.41
N ASN C 553 -25.66 30.92 -57.40
CA ASN C 553 -25.96 31.68 -58.60
C ASN C 553 -27.16 32.59 -58.38
N LYS C 554 -27.33 33.56 -59.30
CA LYS C 554 -28.43 34.49 -59.21
C LYS C 554 -29.77 33.80 -59.48
N SER C 555 -29.84 32.99 -60.53
CA SER C 555 -31.06 32.29 -60.93
C SER C 555 -30.87 30.79 -60.66
N ILE C 556 -31.35 30.34 -59.50
CA ILE C 556 -31.14 28.96 -59.06
C ILE C 556 -32.18 28.07 -59.73
N ASP C 557 -31.71 26.99 -60.38
CA ASP C 557 -32.59 25.97 -60.94
C ASP C 557 -32.71 24.85 -59.91
N LYS C 558 -33.85 24.80 -59.23
CA LYS C 558 -34.05 23.77 -58.21
C LYS C 558 -34.04 22.38 -58.84
N GLY C 559 -34.65 22.23 -60.01
CA GLY C 559 -34.67 20.93 -60.68
C GLY C 559 -33.28 20.47 -61.10
N LYS C 560 -32.41 21.41 -61.47
CA LYS C 560 -31.04 21.04 -61.83
C LYS C 560 -30.30 20.48 -60.63
N VAL C 561 -30.45 21.11 -59.46
CA VAL C 561 -29.77 20.62 -58.27
C VAL C 561 -30.25 19.21 -57.92
N GLU C 562 -31.55 18.98 -58.00
CA GLU C 562 -32.13 17.71 -57.54
C GLU C 562 -31.54 16.52 -58.28
N LYS C 563 -31.48 16.60 -59.62
CA LYS C 563 -30.93 15.49 -60.39
C LYS C 563 -29.43 15.32 -60.15
N LEU C 564 -28.71 16.42 -59.88
CA LEU C 564 -27.32 16.29 -59.47
C LEU C 564 -27.21 15.56 -58.14
N GLN C 565 -28.10 15.89 -57.20
CA GLN C 565 -28.11 15.23 -55.90
C GLN C 565 -28.41 13.74 -56.05
N ILE C 566 -29.35 13.38 -56.93
CA ILE C 566 -29.72 11.99 -57.12
C ILE C 566 -28.55 11.19 -57.67
N LYS C 567 -27.86 11.74 -58.68
CA LYS C 567 -26.70 11.05 -59.23
C LYS C 567 -25.63 10.84 -58.16
N MET C 568 -25.45 11.82 -57.29
CA MET C 568 -24.49 11.65 -56.19
C MET C 568 -24.94 10.57 -55.22
N ASP C 569 -26.24 10.55 -54.88
CA ASP C 569 -26.76 9.52 -53.98
C ASP C 569 -26.53 8.13 -54.55
N ASN C 570 -26.74 7.96 -55.85
CA ASN C 570 -26.53 6.67 -56.49
C ASN C 570 -25.07 6.23 -56.38
N LEU C 571 -24.14 7.17 -56.54
CA LEU C 571 -22.74 6.82 -56.39
C LEU C 571 -22.42 6.41 -54.96
N ILE C 572 -23.00 7.11 -53.99
CA ILE C 572 -22.76 6.80 -52.58
C ILE C 572 -23.31 5.41 -52.24
N MET C 573 -24.51 5.10 -52.74
CA MET C 573 -25.07 3.77 -52.53
C MET C 573 -24.20 2.70 -53.19
N ASP C 574 -23.71 2.98 -54.40
CA ASP C 574 -22.81 2.04 -55.07
C ASP C 574 -21.54 1.84 -54.25
N SER C 575 -20.99 2.91 -53.69
CA SER C 575 -19.78 2.81 -52.89
C SER C 575 -19.99 1.97 -51.65
N LEU C 576 -21.12 2.14 -50.98
CA LEU C 576 -21.39 1.46 -49.72
C LEU C 576 -22.07 0.11 -49.91
N GLY C 577 -22.36 -0.28 -51.14
CA GLY C 577 -23.00 -1.56 -51.39
C GLY C 577 -24.42 -1.66 -50.89
N ILE C 578 -25.14 -0.55 -50.82
CA ILE C 578 -26.51 -0.58 -50.34
C ILE C 578 -27.47 -0.29 -51.47
#